data_1O95
#
_entry.id   1O95
#
_cell.length_a   102.500
_cell.length_b   116.513
_cell.length_c   138.706
_cell.angle_alpha   90.00
_cell.angle_beta   95.35
_cell.angle_gamma   90.00
#
_symmetry.space_group_name_H-M   'P 1 21 1'
#
loop_
_entity.id
_entity.type
_entity.pdbx_description
1 polymer 'TRIMETHYLAMINE DEHYDROGENASE'
2 polymer 'ELECTRON TRANSFER FLAVOPROTEIN BETA-SUBUNIT'
3 polymer 'ELECTRON TRANSFER FLAVOPROTEIN ALPHA-SUBUNIT'
4 non-polymer 'FLAVIN MONONUCLEOTIDE'
5 non-polymer "ADENOSINE-5'-DIPHOSPHATE"
6 non-polymer 'IRON/SULFUR CLUSTER'
7 non-polymer 'ADENOSINE MONOPHOSPHATE'
#
loop_
_entity_poly.entity_id
_entity_poly.type
_entity_poly.pdbx_seq_one_letter_code
_entity_poly.pdbx_strand_id
1 'polypeptide(L)'
;ARDPKHDILFEPIQIGPKTLRNRFYQVPHCIGAGSDKPGFQSAHRSVKAEGGWAALNTEYCSINPESDDTHRLSARIWDE
GDVRNLKAMTDEVHKYGALAGVELWYGGAHAPNMESRATPRGPSQYASEFETLSYCKEMDLSDIAQVQQFYVDAAKRSRD
AGFDIVYVYGAHSYLPLQFLNPYYNKRTDKYGGSLENRARFWLETLEKVKHAVGSDCAIATRFGVDTVYGPGQIEAEVDG
QKFVEMADSLVDMWDITIGDIAEWGEDAGPSRFYQQGHTIPWVKLVKQVSKKPVLGVGRYTDPEKMIEIVTKGYADIIGC
ARPSIADPFLPQKVEQGRYDDIRVCIGCNVCISRWEIGGPPMICTQNATAGEEYRRGWHPEKFRQTKNKDSVLIVGAGPS
GSEAARVLMESGYTVHLTDTAEKIGGHLNQVAALPGLGEWSYHRDYRETQITKLLKKNKESQLALGQKPMTADDVLQYGA
DKVIIATGARWNTDGTNCLTHDPIPGADASLPDQLTPEQVMDGKKKIGKRVVILNADTYFMAPSLAEKLATAGHEVTIVS
GVHLANYMHFTLEYPNMMRRLHELHVEELGDHFCSRIEPGRMEIYNIWGDGSKRTYRGPGVSPRDANTSHRWIEFDSLVL
VTGRHSECTLWNELKARESEWAENDIKGIYLIGDAEAPRLIADATFTGHRVAREIEEANPQIAIPYKRETIAWGTPHMPG
GNFKIEYKV
;
A,B
2 'polypeptide(L)'
;MKILVAVKQTAALEEDFEIREDGMDVDEDFMMYDLNEWDDFSLEEAMKIKESSDTDVEVVVVSVGPDRVDESLRKCLAKG
ADRAVRVWDDAAEGSDAIVVGRILTEVIKKEAPDMVFAGVQSSDQAYASTGISVASYLNWPHAAVVADLQYKPGDNKAVI
RRELEGGMLQEVEINCPAVLTIQLGINKPRYASLRGIKQAATKPIEEVSLADIGLSANDVGAAQSMSRVRRMYIPEKGRA
TMIEGTISEQAAKIIQIINEFKGA
;
C,E
3 'polypeptide(L)'
;SKILVIAEHRRNDLRPVSLELIGAANGLKKSGEDKVVVAVIGSQADAFVPALSVNGVDELVVVKGSSIDFDPDVFEASVS
ALIAAHNPSVVLLPHSVDSLGYASSLASKTGYGFATDVYIVEYQGDELVATRGGYNQKVNVEVDFPGKSTVVLTIRPSVF
KPLEGAGSPVVSNVDAPSVQSRSQNKDYVEVGGGNDIDITTVDFIMSIGRGIGEETNVEQFRELADEAGATLCCSRPIAD
AGWLPKSRQVGQSGKVVGSCKLYVAMGISGSIQHMAGMKHVPTIIAVNTDPGASIFTIAKYGIVADIFDIEEELKAQLAA
;
D,F
#
loop_
_chem_comp.id
_chem_comp.type
_chem_comp.name
_chem_comp.formula
ADP non-polymer ADENOSINE-5'-DIPHOSPHATE 'C10 H15 N5 O10 P2'
AMP non-polymer 'ADENOSINE MONOPHOSPHATE' 'C10 H14 N5 O7 P'
FMN non-polymer 'FLAVIN MONONUCLEOTIDE' 'C17 H21 N4 O9 P'
SF4 non-polymer 'IRON/SULFUR CLUSTER' 'Fe4 S4'
#
# COMPACT_ATOMS: atom_id res chain seq x y z
N ALA A 1 -21.45 -3.72 -42.05
CA ALA A 1 -19.96 -3.88 -42.36
C ALA A 1 -19.12 -2.59 -42.05
N ARG A 2 -17.76 -2.67 -42.16
CA ARG A 2 -16.82 -1.53 -41.89
C ARG A 2 -17.04 -0.35 -42.81
N ASP A 3 -17.46 0.79 -42.23
CA ASP A 3 -17.35 2.08 -42.86
C ASP A 3 -15.87 2.08 -43.34
N PRO A 4 -15.72 2.07 -44.71
CA PRO A 4 -14.44 2.32 -45.37
C PRO A 4 -13.68 3.62 -45.01
N LYS A 5 -14.20 4.81 -44.61
CA LYS A 5 -13.28 5.81 -43.90
C LYS A 5 -12.13 5.17 -42.97
N HIS A 6 -12.44 4.00 -42.40
CA HIS A 6 -11.68 3.35 -41.37
C HIS A 6 -10.60 2.37 -41.85
N ASP A 7 -10.54 2.06 -43.19
CA ASP A 7 -9.49 1.12 -43.74
C ASP A 7 -8.10 1.65 -43.46
N ILE A 8 -8.06 3.00 -43.43
CA ILE A 8 -6.89 3.78 -43.11
C ILE A 8 -6.32 3.03 -41.94
N LEU A 9 -7.19 2.67 -41.03
CA LEU A 9 -6.74 2.06 -39.85
C LEU A 9 -6.13 0.68 -40.07
N PHE A 10 -6.35 0.01 -41.19
CA PHE A 10 -5.70 -1.31 -41.24
C PHE A 10 -4.52 -1.48 -42.18
N GLU A 11 -4.09 -0.32 -42.68
CA GLU A 11 -2.91 -0.12 -43.49
C GLU A 11 -1.57 -0.37 -42.75
N PRO A 12 -0.74 -1.40 -43.07
CA PRO A 12 0.43 -1.76 -42.21
C PRO A 12 1.43 -0.55 -42.02
N ILE A 13 2.34 -0.59 -41.04
CA ILE A 13 3.46 0.41 -41.00
C ILE A 13 4.82 -0.21 -40.60
N GLN A 14 5.82 0.24 -41.33
CA GLN A 14 7.22 -0.06 -41.10
C GLN A 14 7.67 0.67 -39.81
N ILE A 15 8.42 -0.07 -38.96
CA ILE A 15 9.21 0.49 -37.82
C ILE A 15 10.57 -0.18 -37.68
N GLY A 16 11.55 0.59 -38.16
CA GLY A 16 12.86 0.02 -38.40
C GLY A 16 12.72 -1.34 -39.10
N PRO A 17 13.33 -2.40 -38.52
CA PRO A 17 13.33 -3.74 -39.16
C PRO A 17 12.05 -4.50 -38.98
N LYS A 18 11.07 -3.89 -38.30
CA LYS A 18 9.82 -4.57 -37.92
C LYS A 18 8.47 -4.03 -38.61
N THR A 19 7.54 -4.96 -39.07
CA THR A 19 6.22 -4.48 -39.66
C THR A 19 4.92 -4.67 -38.84
N LEU A 20 4.31 -3.51 -38.50
CA LEU A 20 3.01 -3.40 -37.79
C LEU A 20 1.88 -3.61 -38.79
N ARG A 21 1.07 -4.67 -38.56
CA ARG A 21 -0.08 -5.04 -39.43
C ARG A 21 -1.05 -3.93 -39.62
N ASN A 22 -1.29 -3.25 -38.52
CA ASN A 22 -2.18 -2.18 -38.58
C ASN A 22 -1.81 -1.22 -37.53
N ARG A 23 -2.60 -0.18 -37.41
CA ARG A 23 -2.23 0.96 -36.61
C ARG A 23 -2.80 1.03 -35.16
N PHE A 24 -3.26 -0.14 -34.68
CA PHE A 24 -3.79 -0.40 -33.34
C PHE A 24 -2.73 -1.10 -32.51
N TYR A 25 -2.08 -0.39 -31.59
CA TYR A 25 -1.01 -0.96 -30.78
C TYR A 25 -1.08 -0.50 -29.32
N GLN A 26 -0.78 -1.49 -28.49
CA GLN A 26 -0.96 -1.38 -27.06
C GLN A 26 0.39 -1.01 -26.57
N VAL A 27 0.52 0.26 -26.16
CA VAL A 27 1.70 0.79 -25.44
C VAL A 27 2.03 -0.03 -24.12
N PRO A 28 3.16 0.25 -23.45
CA PRO A 28 3.49 -0.42 -22.20
C PRO A 28 2.46 -0.03 -21.21
N HIS A 29 1.92 -0.98 -20.42
CA HIS A 29 1.15 -0.73 -19.20
C HIS A 29 1.10 -1.92 -18.31
N CYS A 30 0.99 -1.62 -17.04
CA CYS A 30 0.95 -2.61 -16.02
C CYS A 30 -0.35 -3.36 -16.03
N ILE A 31 -0.30 -4.63 -15.61
CA ILE A 31 -1.50 -5.44 -15.23
C ILE A 31 -1.48 -6.15 -13.85
N GLY A 32 -0.37 -6.10 -13.17
CA GLY A 32 -0.29 -6.81 -11.95
C GLY A 32 0.25 -8.16 -12.32
N ALA A 33 1.18 -8.19 -13.26
CA ALA A 33 1.72 -9.49 -13.62
C ALA A 33 3.24 -9.60 -13.86
N GLY A 34 3.76 -8.67 -14.65
CA GLY A 34 5.18 -8.44 -14.72
C GLY A 34 5.79 -9.75 -14.94
N SER A 35 6.86 -10.05 -14.24
CA SER A 35 7.56 -11.24 -14.64
C SER A 35 6.99 -12.42 -13.88
N ASP A 36 6.21 -12.05 -12.84
CA ASP A 36 5.84 -12.91 -11.70
C ASP A 36 4.59 -13.67 -11.99
N LYS A 37 3.83 -13.29 -13.02
CA LYS A 37 2.60 -14.03 -13.35
C LYS A 37 2.41 -14.32 -14.88
N PRO A 38 3.25 -15.29 -15.33
CA PRO A 38 3.50 -15.51 -16.75
C PRO A 38 2.36 -16.17 -17.47
N GLY A 39 1.60 -17.06 -16.84
CA GLY A 39 0.28 -17.35 -17.36
C GLY A 39 -0.44 -16.03 -17.62
N PHE A 40 -0.44 -15.14 -16.62
CA PHE A 40 -1.37 -14.03 -16.66
C PHE A 40 -0.95 -13.13 -17.78
N GLN A 41 0.35 -12.88 -17.77
CA GLN A 41 0.96 -11.99 -18.74
C GLN A 41 0.66 -12.44 -20.14
N SER A 42 1.07 -13.67 -20.45
CA SER A 42 0.80 -14.26 -21.74
C SER A 42 -0.67 -14.13 -22.14
N ALA A 43 -1.51 -14.82 -21.43
CA ALA A 43 -2.89 -14.74 -21.80
C ALA A 43 -3.42 -13.30 -22.08
N HIS A 44 -3.28 -12.39 -21.12
CA HIS A 44 -3.95 -11.10 -21.23
C HIS A 44 -3.43 -10.37 -22.43
N ARG A 45 -2.23 -10.69 -22.87
CA ARG A 45 -1.74 -10.01 -24.02
C ARG A 45 -2.16 -10.81 -25.25
N SER A 46 -2.06 -12.13 -25.14
CA SER A 46 -2.46 -12.98 -26.32
C SER A 46 -3.89 -12.67 -26.89
N VAL A 47 -4.86 -12.62 -25.99
CA VAL A 47 -6.19 -12.34 -26.43
C VAL A 47 -6.20 -10.98 -27.02
N LYS A 48 -5.33 -10.05 -26.67
CA LYS A 48 -5.35 -8.79 -27.43
C LYS A 48 -4.67 -8.92 -28.81
N ALA A 49 -3.78 -9.92 -28.86
CA ALA A 49 -3.16 -10.42 -30.07
C ALA A 49 -4.20 -11.06 -31.06
N GLU A 50 -4.97 -12.02 -30.52
CA GLU A 50 -6.14 -12.67 -31.14
C GLU A 50 -7.15 -11.71 -31.63
N GLY A 51 -7.36 -10.62 -30.87
CA GLY A 51 -8.28 -9.49 -31.12
C GLY A 51 -7.86 -8.38 -32.07
N GLY A 52 -6.59 -8.39 -32.45
CA GLY A 52 -6.13 -7.77 -33.68
C GLY A 52 -5.11 -6.70 -33.42
N TRP A 53 -4.76 -6.57 -32.15
CA TRP A 53 -3.89 -5.48 -31.83
C TRP A 53 -2.69 -5.94 -32.52
N ALA A 54 -1.87 -5.03 -32.97
CA ALA A 54 -0.66 -5.40 -33.70
C ALA A 54 0.68 -5.64 -32.91
N ALA A 55 1.05 -4.72 -32.04
CA ALA A 55 2.13 -4.97 -31.16
C ALA A 55 1.63 -4.85 -29.70
N LEU A 56 2.06 -5.80 -28.89
CA LEU A 56 1.71 -5.85 -27.50
C LEU A 56 2.96 -5.66 -26.74
N ASN A 57 2.84 -4.84 -25.71
CA ASN A 57 3.91 -4.62 -24.74
C ASN A 57 3.71 -5.21 -23.30
N THR A 58 4.83 -5.66 -22.68
CA THR A 58 4.96 -5.86 -21.22
C THR A 58 4.86 -4.52 -20.52
N GLU A 59 4.51 -4.51 -19.25
CA GLU A 59 4.59 -3.31 -18.46
C GLU A 59 6.01 -2.93 -18.18
N TYR A 60 6.21 -1.75 -17.58
CA TYR A 60 7.55 -1.24 -17.27
C TYR A 60 8.44 -2.42 -16.78
N CYS A 61 9.57 -2.66 -17.44
CA CYS A 61 10.35 -3.86 -17.20
C CYS A 61 11.75 -3.55 -16.75
N SER A 62 12.03 -3.95 -15.50
CA SER A 62 13.28 -3.75 -14.70
C SER A 62 14.63 -4.29 -15.26
N ILE A 63 15.64 -3.48 -15.31
CA ILE A 63 16.82 -3.96 -15.96
C ILE A 63 17.75 -4.57 -14.94
N ASN A 64 17.42 -4.38 -13.68
CA ASN A 64 18.39 -4.62 -12.63
C ASN A 64 17.79 -4.35 -11.29
N PRO A 65 18.03 -5.30 -10.44
CA PRO A 65 17.68 -5.16 -9.02
C PRO A 65 17.84 -3.78 -8.40
N GLU A 66 18.75 -2.90 -8.84
CA GLU A 66 18.68 -1.58 -8.22
C GLU A 66 17.73 -0.66 -8.90
N SER A 67 16.99 -1.22 -9.83
CA SER A 67 15.63 -0.74 -10.00
C SER A 67 14.61 -1.82 -9.81
N ASP A 68 14.25 -2.00 -8.54
CA ASP A 68 13.07 -2.73 -8.05
C ASP A 68 11.81 -1.82 -7.59
N ASP A 69 10.58 -2.12 -7.99
CA ASP A 69 9.55 -1.15 -7.60
C ASP A 69 8.70 -1.67 -6.46
N THR A 70 8.95 -2.88 -5.94
CA THR A 70 8.28 -3.44 -4.72
C THR A 70 8.06 -2.33 -3.64
N HIS A 71 6.87 -2.07 -3.20
CA HIS A 71 5.85 -3.00 -3.24
C HIS A 71 5.02 -2.94 -4.42
N ARG A 72 5.44 -2.19 -5.42
CA ARG A 72 4.73 -2.22 -6.72
C ARG A 72 5.19 -3.38 -7.57
N LEU A 73 4.36 -3.85 -8.49
CA LEU A 73 4.89 -4.86 -9.34
C LEU A 73 5.17 -4.29 -10.75
N SER A 74 6.38 -4.56 -11.22
CA SER A 74 6.73 -4.26 -12.59
C SER A 74 7.20 -5.53 -13.12
N ALA A 75 7.55 -5.52 -14.38
CA ALA A 75 8.19 -6.71 -14.90
C ALA A 75 9.68 -6.69 -14.67
N ARG A 76 10.27 -7.86 -14.94
CA ARG A 76 11.73 -8.11 -14.82
C ARG A 76 12.36 -8.86 -16.00
N ILE A 77 13.55 -8.42 -16.34
CA ILE A 77 14.31 -9.08 -17.32
C ILE A 77 15.76 -9.17 -16.84
N TRP A 78 15.92 -9.71 -15.64
CA TRP A 78 17.16 -9.68 -14.84
C TRP A 78 18.10 -10.88 -15.12
N ASP A 79 17.55 -12.05 -15.38
CA ASP A 79 18.37 -13.21 -15.70
C ASP A 79 17.62 -14.21 -16.59
N GLU A 80 18.07 -15.46 -16.62
CA GLU A 80 17.37 -16.45 -17.46
C GLU A 80 15.95 -16.77 -16.98
N GLY A 81 15.77 -16.81 -15.66
CA GLY A 81 14.45 -17.09 -15.14
C GLY A 81 13.45 -16.14 -15.74
N ASP A 82 13.83 -14.88 -15.80
CA ASP A 82 13.01 -13.87 -16.46
C ASP A 82 12.74 -14.05 -17.97
N VAL A 83 13.82 -14.35 -18.74
CA VAL A 83 13.72 -14.64 -20.16
C VAL A 83 12.74 -15.81 -20.46
N ARG A 84 12.93 -16.97 -19.80
CA ARG A 84 11.92 -18.02 -19.80
C ARG A 84 10.62 -17.26 -19.63
N ASN A 85 10.30 -16.90 -18.38
CA ASN A 85 8.99 -16.33 -17.99
C ASN A 85 8.38 -15.28 -18.91
N LEU A 86 9.19 -14.45 -19.58
CA LEU A 86 8.64 -13.50 -20.48
C LEU A 86 8.49 -14.16 -21.80
N LYS A 87 9.31 -15.14 -22.04
CA LYS A 87 9.08 -15.81 -23.29
C LYS A 87 7.55 -16.24 -23.44
N ALA A 88 6.97 -16.93 -22.46
CA ALA A 88 5.65 -17.49 -22.64
C ALA A 88 4.80 -16.44 -23.39
N MET A 89 4.80 -15.21 -22.93
CA MET A 89 3.97 -14.20 -23.56
C MET A 89 4.38 -13.83 -25.01
N THR A 90 5.68 -13.90 -25.32
CA THR A 90 6.08 -13.57 -26.69
C THR A 90 5.65 -14.71 -27.60
N ASP A 91 5.83 -15.94 -27.10
CA ASP A 91 5.38 -17.06 -27.86
C ASP A 91 3.88 -16.81 -28.03
N GLU A 92 3.20 -16.50 -26.93
CA GLU A 92 1.77 -16.38 -27.08
C GLU A 92 1.27 -15.15 -27.83
N VAL A 93 1.99 -14.05 -27.86
CA VAL A 93 1.55 -12.98 -28.72
C VAL A 93 1.72 -13.39 -30.16
N HIS A 94 2.75 -14.20 -30.39
CA HIS A 94 3.23 -14.60 -31.71
C HIS A 94 2.23 -15.45 -32.48
N LYS A 95 1.77 -16.56 -31.89
CA LYS A 95 0.75 -17.46 -32.45
C LYS A 95 -0.47 -16.76 -33.13
N TYR A 96 -0.73 -15.47 -32.81
CA TYR A 96 -1.78 -14.67 -33.46
C TYR A 96 -1.22 -13.62 -34.41
N GLY A 97 0.12 -13.50 -34.53
CA GLY A 97 0.73 -12.85 -35.67
C GLY A 97 0.73 -11.40 -35.38
N ALA A 98 1.07 -11.16 -34.13
CA ALA A 98 1.32 -9.82 -33.67
C ALA A 98 2.77 -9.81 -33.08
N LEU A 99 3.26 -8.57 -32.92
CA LEU A 99 4.55 -8.28 -32.27
C LEU A 99 4.43 -8.32 -30.73
N ALA A 100 5.60 -8.54 -30.07
CA ALA A 100 5.81 -8.50 -28.61
C ALA A 100 6.82 -7.50 -28.29
N GLY A 101 6.43 -6.43 -27.61
CA GLY A 101 7.40 -5.42 -27.14
C GLY A 101 7.78 -5.56 -25.66
N VAL A 102 8.95 -5.08 -25.26
CA VAL A 102 9.21 -5.03 -23.84
C VAL A 102 9.81 -3.63 -23.49
N GLU A 103 9.23 -2.87 -22.56
CA GLU A 103 9.73 -1.52 -22.22
C GLU A 103 10.89 -1.54 -21.19
N LEU A 104 12.15 -1.36 -21.61
CA LEU A 104 13.31 -1.40 -20.66
C LEU A 104 13.32 -0.24 -19.63
N TRP A 105 13.37 -0.61 -18.32
CA TRP A 105 13.21 0.33 -17.22
C TRP A 105 14.26 0.34 -16.23
N TYR A 106 14.71 1.57 -15.99
CA TYR A 106 15.40 1.98 -14.78
C TYR A 106 14.64 3.15 -14.23
N GLY A 107 14.54 3.24 -12.90
CA GLY A 107 13.80 4.30 -12.23
C GLY A 107 14.55 5.35 -11.41
N GLY A 108 15.79 5.01 -11.05
CA GLY A 108 16.58 5.85 -10.18
C GLY A 108 15.93 5.77 -8.81
N ALA A 109 15.71 6.90 -8.17
CA ALA A 109 15.19 6.83 -6.82
C ALA A 109 13.74 6.82 -6.83
N HIS A 110 13.08 6.64 -7.96
CA HIS A 110 11.65 6.50 -7.76
C HIS A 110 11.45 5.00 -7.52
N ALA A 111 12.53 4.26 -7.32
CA ALA A 111 12.37 2.85 -7.15
C ALA A 111 12.66 2.75 -5.71
N PRO A 112 11.69 2.47 -4.91
CA PRO A 112 12.02 2.36 -3.50
C PRO A 112 12.92 1.16 -3.22
N ASN A 113 12.82 0.14 -4.04
CA ASN A 113 13.66 -0.98 -3.86
C ASN A 113 13.52 -1.73 -2.57
N MET A 114 12.31 -1.96 -2.17
CA MET A 114 12.16 -2.62 -0.90
C MET A 114 12.34 -4.14 -0.93
N GLU A 115 12.29 -4.75 -2.12
CA GLU A 115 12.63 -6.15 -2.22
C GLU A 115 14.17 -6.30 -2.17
N SER A 116 14.88 -5.56 -3.02
CA SER A 116 16.29 -5.81 -3.36
C SER A 116 17.30 -5.24 -2.38
N ARG A 117 16.81 -4.15 -1.74
CA ARG A 117 17.41 -3.25 -0.70
C ARG A 117 18.62 -2.45 -1.23
N ALA A 118 18.84 -2.61 -2.54
CA ALA A 118 19.99 -2.02 -3.14
C ALA A 118 19.83 -0.50 -3.24
N THR A 119 20.94 0.15 -3.53
CA THR A 119 20.94 1.59 -3.78
C THR A 119 20.90 2.04 -5.21
N PRO A 120 19.94 2.88 -5.48
CA PRO A 120 19.70 3.29 -6.85
C PRO A 120 20.49 4.55 -7.09
N ARG A 121 20.81 4.73 -8.37
CA ARG A 121 21.64 5.76 -8.87
C ARG A 121 20.82 6.67 -9.73
N GLY A 122 21.25 7.91 -9.65
CA GLY A 122 20.88 8.98 -10.55
C GLY A 122 21.95 9.96 -11.10
N PRO A 123 21.53 10.91 -11.91
CA PRO A 123 22.41 12.01 -12.29
C PRO A 123 22.75 12.80 -11.05
N SER A 124 21.76 13.22 -10.26
CA SER A 124 22.04 13.98 -9.05
C SER A 124 21.54 13.24 -7.79
N GLN A 125 22.18 13.43 -6.62
CA GLN A 125 21.50 12.98 -5.38
C GLN A 125 20.13 13.69 -5.16
N TYR A 126 19.03 12.88 -5.24
CA TYR A 126 17.75 13.29 -4.68
C TYR A 126 16.98 12.34 -3.88
N ALA A 127 15.90 12.90 -3.30
CA ALA A 127 14.78 12.19 -2.70
C ALA A 127 13.54 12.38 -3.56
N SER A 128 13.04 11.26 -4.08
CA SER A 128 11.85 11.16 -4.90
C SER A 128 10.63 11.94 -4.31
N GLU A 129 9.91 12.61 -5.21
CA GLU A 129 8.83 13.53 -4.87
C GLU A 129 7.61 12.75 -4.70
N PHE A 130 7.81 11.42 -4.87
CA PHE A 130 6.83 10.31 -4.86
C PHE A 130 7.03 9.37 -3.66
N GLU A 131 8.21 8.69 -3.64
CA GLU A 131 8.61 7.68 -2.66
C GLU A 131 9.52 8.41 -1.81
N THR A 132 8.97 9.24 -0.97
CA THR A 132 9.77 10.26 -0.33
C THR A 132 10.81 9.75 0.65
N LEU A 133 11.15 8.51 0.73
CA LEU A 133 12.21 8.28 1.66
C LEU A 133 13.25 7.54 0.91
N SER A 134 13.19 7.64 -0.37
CA SER A 134 14.04 6.74 -1.04
C SER A 134 14.99 7.47 -1.89
N TYR A 135 16.29 7.52 -1.53
CA TYR A 135 17.19 8.48 -2.24
C TYR A 135 18.19 7.84 -3.21
N CYS A 136 18.73 8.54 -4.21
CA CYS A 136 19.70 7.84 -5.00
C CYS A 136 21.02 8.37 -4.66
N LYS A 137 22.08 7.66 -5.05
CA LYS A 137 23.51 8.14 -5.01
C LYS A 137 23.87 8.67 -6.43
N GLU A 138 24.77 9.67 -6.46
CA GLU A 138 24.95 10.37 -7.70
C GLU A 138 26.04 9.67 -8.46
N MET A 139 25.71 9.34 -9.70
CA MET A 139 26.66 8.66 -10.59
C MET A 139 27.94 9.52 -10.82
N ASP A 140 29.04 8.90 -10.50
CA ASP A 140 30.22 9.25 -11.23
C ASP A 140 30.06 8.66 -12.65
N LEU A 141 31.05 8.89 -13.50
CA LEU A 141 30.96 8.58 -14.91
C LEU A 141 31.12 7.09 -15.25
N SER A 142 31.67 6.32 -14.29
CA SER A 142 31.68 4.82 -14.33
C SER A 142 30.33 4.25 -14.01
N ASP A 143 29.72 4.85 -12.99
CA ASP A 143 28.31 4.73 -12.79
C ASP A 143 27.55 4.96 -14.16
N ILE A 144 27.86 6.06 -14.86
CA ILE A 144 27.19 6.27 -16.12
C ILE A 144 27.43 5.11 -17.01
N ALA A 145 28.59 4.44 -16.97
CA ALA A 145 28.78 3.30 -17.91
C ALA A 145 28.17 1.99 -17.50
N GLN A 146 28.05 1.84 -16.20
CA GLN A 146 27.58 0.60 -15.66
C GLN A 146 26.12 0.41 -15.92
N VAL A 147 25.38 1.49 -15.73
CA VAL A 147 23.93 1.53 -15.85
C VAL A 147 23.43 1.32 -17.29
N GLN A 148 24.17 1.94 -18.22
CA GLN A 148 23.92 1.76 -19.62
C GLN A 148 24.21 0.34 -20.05
N GLN A 149 25.37 -0.16 -19.68
CA GLN A 149 25.56 -1.61 -19.79
C GLN A 149 24.27 -2.36 -19.54
N PHE A 150 23.78 -2.22 -18.31
CA PHE A 150 22.55 -2.88 -17.84
C PHE A 150 21.51 -2.89 -18.95
N TYR A 151 21.21 -1.68 -19.47
CA TYR A 151 20.24 -1.55 -20.52
C TYR A 151 20.55 -2.47 -21.68
N VAL A 152 21.82 -2.59 -21.93
CA VAL A 152 22.28 -3.40 -23.03
C VAL A 152 22.16 -4.94 -22.81
N ASP A 153 22.84 -5.37 -21.75
CA ASP A 153 22.62 -6.72 -21.22
C ASP A 153 21.07 -7.04 -21.34
N ALA A 154 20.16 -6.17 -20.78
CA ALA A 154 18.67 -6.37 -20.72
C ALA A 154 17.97 -6.48 -22.11
N ALA A 155 18.43 -5.60 -23.02
CA ALA A 155 18.03 -5.56 -24.41
C ALA A 155 18.54 -6.80 -25.19
N LYS A 156 19.70 -7.38 -24.85
CA LYS A 156 20.00 -8.76 -25.42
C LYS A 156 19.02 -9.87 -24.98
N ARG A 157 18.69 -9.86 -23.69
CA ARG A 157 17.88 -10.87 -23.06
C ARG A 157 16.48 -10.63 -23.49
N SER A 158 16.19 -9.37 -23.73
CA SER A 158 15.00 -9.08 -24.47
C SER A 158 14.93 -9.96 -25.72
N ARG A 159 16.01 -9.91 -26.51
CA ARG A 159 16.06 -10.63 -27.79
C ARG A 159 15.95 -12.19 -27.62
N ASP A 160 16.70 -12.76 -26.68
CA ASP A 160 16.65 -14.18 -26.38
C ASP A 160 15.22 -14.61 -26.01
N ALA A 161 14.50 -13.63 -25.42
CA ALA A 161 13.13 -13.80 -24.88
C ALA A 161 12.02 -13.64 -25.94
N GLY A 162 12.40 -13.07 -27.10
CA GLY A 162 11.59 -13.15 -28.30
C GLY A 162 10.83 -11.89 -28.58
N PHE A 163 11.34 -10.76 -28.13
CA PHE A 163 10.68 -9.47 -28.39
C PHE A 163 11.09 -8.80 -29.71
N ASP A 164 10.16 -8.02 -30.24
CA ASP A 164 10.27 -7.43 -31.58
C ASP A 164 10.60 -5.94 -31.46
N ILE A 165 10.30 -5.48 -30.29
CA ILE A 165 10.36 -4.11 -30.03
C ILE A 165 11.03 -4.10 -28.68
N VAL A 166 11.89 -3.08 -28.51
CA VAL A 166 12.60 -2.79 -27.29
C VAL A 166 12.55 -1.27 -27.19
N TYR A 167 12.01 -0.79 -26.09
CA TYR A 167 12.06 0.65 -25.72
C TYR A 167 13.26 1.06 -24.81
N VAL A 168 13.46 2.36 -24.79
CA VAL A 168 14.30 2.96 -23.81
C VAL A 168 13.23 3.82 -23.25
N TYR A 169 12.84 3.48 -22.01
CA TYR A 169 11.67 4.05 -21.36
C TYR A 169 12.08 5.41 -20.81
N GLY A 170 11.48 6.51 -21.29
CA GLY A 170 11.87 7.82 -20.81
C GLY A 170 10.70 8.64 -20.38
N ALA A 171 9.65 8.00 -19.97
CA ALA A 171 8.47 8.81 -19.66
C ALA A 171 8.22 8.83 -18.19
N HIS A 172 7.24 9.61 -17.75
CA HIS A 172 6.89 9.58 -16.37
C HIS A 172 8.15 9.70 -15.61
N SER A 173 9.02 10.59 -16.01
CA SER A 173 10.05 10.93 -15.07
C SER A 173 10.99 9.82 -14.53
N TYR A 174 11.21 8.72 -15.22
CA TYR A 174 12.27 7.74 -14.79
C TYR A 174 13.72 8.09 -15.19
N LEU A 175 14.69 7.24 -14.99
CA LEU A 175 16.01 7.69 -15.24
C LEU A 175 16.21 8.59 -16.50
N PRO A 176 16.20 8.06 -17.74
CA PRO A 176 16.47 8.93 -18.91
C PRO A 176 15.91 10.37 -18.79
N LEU A 177 14.65 10.45 -18.53
CA LEU A 177 14.13 11.73 -18.27
C LEU A 177 14.81 12.37 -17.12
N GLN A 178 15.54 11.66 -16.28
CA GLN A 178 16.02 12.32 -15.05
C GLN A 178 17.30 13.07 -15.25
N PHE A 179 18.11 12.55 -16.16
CA PHE A 179 19.17 13.34 -16.82
C PHE A 179 18.61 14.62 -17.58
N LEU A 180 17.86 14.40 -18.69
CA LEU A 180 17.27 15.45 -19.53
C LEU A 180 16.62 16.55 -18.67
N ASN A 181 16.21 16.27 -17.46
CA ASN A 181 15.29 17.17 -16.88
C ASN A 181 15.96 17.82 -15.75
N PRO A 182 16.13 19.11 -15.90
CA PRO A 182 16.90 19.84 -14.88
C PRO A 182 16.25 19.74 -13.44
N TYR A 183 14.98 19.32 -13.25
CA TYR A 183 14.29 19.34 -11.91
C TYR A 183 15.12 18.38 -11.03
N TYR A 184 15.71 17.37 -11.73
CA TYR A 184 16.54 16.21 -11.23
C TYR A 184 18.07 16.39 -11.43
N ASN A 185 18.42 16.84 -12.63
CA ASN A 185 19.84 16.98 -13.01
C ASN A 185 20.45 18.35 -12.60
N LYS A 186 21.40 18.25 -11.66
CA LYS A 186 22.15 19.38 -11.13
C LYS A 186 23.62 19.15 -11.46
N ARG A 187 23.89 18.28 -12.43
CA ARG A 187 25.31 18.03 -12.71
C ARG A 187 25.90 19.21 -13.43
N THR A 188 27.11 19.62 -13.04
CA THR A 188 27.87 20.58 -13.87
C THR A 188 28.80 19.97 -14.95
N ASP A 189 28.80 18.66 -15.11
CA ASP A 189 29.74 18.13 -16.10
C ASP A 189 29.14 18.06 -17.52
N LYS A 190 29.65 17.07 -18.32
CA LYS A 190 29.34 16.88 -19.76
C LYS A 190 28.05 16.10 -20.03
N TYR A 191 27.47 15.64 -18.92
CA TYR A 191 26.14 15.10 -18.79
C TYR A 191 25.08 16.12 -18.48
N GLY A 192 25.51 17.30 -17.99
CA GLY A 192 24.59 18.31 -17.43
C GLY A 192 24.58 19.63 -18.12
N GLY A 193 23.57 20.46 -17.79
CA GLY A 193 23.53 21.83 -18.30
C GLY A 193 22.97 22.09 -19.73
N SER A 194 23.79 22.02 -20.78
CA SER A 194 23.21 22.35 -22.09
C SER A 194 22.12 21.41 -22.38
N LEU A 195 21.29 21.75 -23.31
CA LEU A 195 20.50 20.68 -23.80
C LEU A 195 21.29 19.39 -24.29
N GLU A 196 22.36 19.59 -25.04
CA GLU A 196 23.19 18.51 -25.62
C GLU A 196 23.73 17.57 -24.49
N ASN A 197 24.16 18.16 -23.39
CA ASN A 197 24.49 17.32 -22.22
C ASN A 197 23.34 16.56 -21.57
N ARG A 198 22.24 17.28 -21.41
CA ARG A 198 21.18 16.72 -20.69
C ARG A 198 20.72 15.53 -21.49
N ALA A 199 20.56 15.60 -22.84
CA ALA A 199 20.18 14.34 -23.63
C ALA A 199 21.24 13.31 -23.82
N ARG A 200 22.43 13.58 -23.31
CA ARG A 200 23.54 12.70 -23.58
C ARG A 200 23.14 11.34 -23.11
N PHE A 201 22.45 11.37 -21.96
CA PHE A 201 22.42 10.12 -21.25
C PHE A 201 21.57 9.15 -22.00
N TRP A 202 20.45 9.69 -22.44
CA TRP A 202 19.49 8.87 -23.17
C TRP A 202 20.12 8.40 -24.53
N LEU A 203 20.85 9.39 -25.08
CA LEU A 203 21.35 9.45 -26.42
C LEU A 203 22.29 8.30 -26.64
N GLU A 204 23.34 8.26 -25.77
CA GLU A 204 24.26 7.07 -25.71
C GLU A 204 23.44 5.83 -25.51
N THR A 205 22.43 5.91 -24.64
CA THR A 205 21.83 4.71 -24.21
C THR A 205 21.21 4.19 -25.49
N LEU A 206 20.59 5.07 -26.26
CA LEU A 206 19.81 4.56 -27.34
C LEU A 206 20.63 3.99 -28.34
N GLU A 207 21.72 4.69 -28.57
CA GLU A 207 22.75 4.17 -29.44
C GLU A 207 23.14 2.67 -29.15
N LYS A 208 23.60 2.46 -27.91
CA LYS A 208 24.23 1.22 -27.56
C LYS A 208 23.14 0.19 -27.69
N VAL A 209 21.91 0.55 -27.35
CA VAL A 209 20.84 -0.45 -27.45
C VAL A 209 20.55 -0.81 -28.92
N LYS A 210 20.67 0.19 -29.78
CA LYS A 210 20.51 -0.07 -31.19
C LYS A 210 21.70 -0.96 -31.64
N HIS A 211 22.95 -0.49 -31.43
CA HIS A 211 24.12 -1.34 -31.67
C HIS A 211 23.91 -2.80 -31.12
N ALA A 212 23.29 -2.90 -29.94
CA ALA A 212 23.06 -4.21 -29.30
C ALA A 212 21.99 -5.17 -29.99
N VAL A 213 20.77 -4.71 -30.26
CA VAL A 213 19.88 -5.63 -30.97
C VAL A 213 19.23 -5.05 -32.24
N GLY A 214 19.78 -3.88 -32.72
CA GLY A 214 19.30 -2.97 -33.84
C GLY A 214 18.82 -3.63 -35.14
N SER A 215 19.68 -4.56 -35.56
CA SER A 215 19.44 -5.68 -36.49
C SER A 215 18.26 -6.64 -36.34
N ASP A 216 17.77 -6.84 -35.13
CA ASP A 216 16.71 -7.83 -34.97
C ASP A 216 15.48 -7.16 -34.34
N CYS A 217 15.68 -5.91 -33.91
CA CYS A 217 14.74 -5.29 -33.01
C CYS A 217 14.60 -3.81 -33.23
N ALA A 218 13.35 -3.42 -33.16
CA ALA A 218 12.88 -2.06 -33.42
C ALA A 218 13.27 -1.35 -32.23
N ILE A 219 13.94 -0.24 -32.36
CA ILE A 219 14.21 0.48 -31.14
C ILE A 219 13.30 1.69 -30.88
N ALA A 220 12.55 1.58 -29.81
CA ALA A 220 11.45 2.48 -29.58
C ALA A 220 11.88 3.45 -28.54
N THR A 221 11.56 4.70 -28.63
CA THR A 221 11.58 5.35 -27.34
C THR A 221 10.20 5.70 -26.72
N ARG A 222 10.07 5.76 -25.43
CA ARG A 222 8.85 6.39 -25.03
C ARG A 222 9.40 7.66 -24.38
N PHE A 223 8.80 8.79 -24.68
CA PHE A 223 9.39 10.03 -24.27
C PHE A 223 8.31 11.02 -23.79
N GLY A 224 8.60 11.74 -22.70
CA GLY A 224 7.62 12.59 -22.07
C GLY A 224 7.89 13.99 -22.51
N VAL A 225 7.13 14.48 -23.47
CA VAL A 225 7.55 15.74 -24.13
C VAL A 225 7.28 17.00 -23.39
N ASP A 226 6.32 16.92 -22.50
CA ASP A 226 6.15 18.04 -21.66
C ASP A 226 5.87 17.31 -20.45
N THR A 227 6.29 17.87 -19.35
CA THR A 227 5.93 17.36 -18.04
C THR A 227 4.61 17.97 -17.53
N VAL A 228 4.12 18.99 -18.22
CA VAL A 228 2.86 19.62 -17.83
C VAL A 228 3.05 20.19 -16.38
N TYR A 229 4.28 20.71 -16.22
CA TYR A 229 4.73 21.41 -15.01
C TYR A 229 4.89 22.95 -15.20
N GLY A 230 5.22 23.27 -16.46
CA GLY A 230 5.66 24.60 -16.92
C GLY A 230 7.18 24.63 -17.13
N PRO A 231 7.75 25.86 -17.23
CA PRO A 231 9.25 25.96 -17.25
C PRO A 231 9.73 25.38 -15.95
N GLY A 232 11.06 25.28 -15.97
CA GLY A 232 11.79 24.45 -15.02
C GLY A 232 11.87 22.91 -15.23
N GLN A 233 10.85 22.31 -15.88
CA GLN A 233 10.84 20.89 -16.21
C GLN A 233 10.65 20.84 -17.70
N ILE A 234 10.21 19.77 -18.32
CA ILE A 234 10.37 19.74 -19.77
C ILE A 234 9.15 20.30 -20.44
N GLU A 235 9.40 21.16 -21.44
CA GLU A 235 8.33 21.83 -22.23
C GLU A 235 8.45 21.31 -23.58
N ALA A 236 7.35 21.29 -24.26
CA ALA A 236 7.43 20.64 -25.51
C ALA A 236 8.18 21.59 -26.47
N GLU A 237 7.67 22.81 -26.56
CA GLU A 237 8.26 23.79 -27.47
C GLU A 237 9.67 24.25 -26.98
N VAL A 238 10.07 23.94 -25.74
CA VAL A 238 11.44 24.27 -25.30
C VAL A 238 12.35 23.09 -25.71
N ASP A 239 12.57 22.10 -24.83
CA ASP A 239 13.43 20.93 -25.15
C ASP A 239 12.78 19.75 -25.84
N GLY A 240 11.46 19.66 -25.73
CA GLY A 240 10.72 18.56 -26.28
C GLY A 240 11.03 18.26 -27.74
N GLN A 241 10.66 19.17 -28.61
CA GLN A 241 10.91 18.95 -30.03
C GLN A 241 12.38 18.75 -30.25
N LYS A 242 13.13 19.54 -29.50
CA LYS A 242 14.55 19.69 -29.69
C LYS A 242 15.24 18.35 -29.35
N PHE A 243 14.72 17.70 -28.30
CA PHE A 243 15.13 16.36 -27.94
C PHE A 243 14.80 15.30 -29.04
N VAL A 244 13.55 15.37 -29.48
CA VAL A 244 13.11 14.52 -30.55
C VAL A 244 14.09 14.74 -31.69
N GLU A 245 14.36 16.01 -32.01
CA GLU A 245 15.33 16.29 -33.07
C GLU A 245 16.62 15.43 -32.86
N MET A 246 17.35 15.68 -31.74
CA MET A 246 18.63 15.01 -31.44
C MET A 246 18.53 13.50 -31.63
N ALA A 247 17.39 12.96 -31.21
CA ALA A 247 17.35 11.53 -31.10
C ALA A 247 16.96 10.84 -32.40
N ASP A 248 16.38 11.62 -33.31
CA ASP A 248 15.42 11.08 -34.28
C ASP A 248 16.06 9.84 -35.07
N SER A 249 17.41 9.83 -35.23
CA SER A 249 18.11 8.83 -36.11
C SER A 249 18.14 7.43 -35.55
N LEU A 250 18.14 7.37 -34.24
CA LEU A 250 18.20 6.09 -33.56
C LEU A 250 16.83 5.47 -33.39
N VAL A 251 15.81 6.28 -33.13
CA VAL A 251 14.50 5.84 -32.64
C VAL A 251 13.63 5.21 -33.75
N ASP A 252 13.20 3.97 -33.66
CA ASP A 252 12.53 3.44 -34.86
C ASP A 252 11.08 3.99 -34.86
N MET A 253 10.66 4.41 -33.64
CA MET A 253 9.29 4.93 -33.32
C MET A 253 9.10 5.76 -32.00
N TRP A 254 8.57 6.97 -32.13
CA TRP A 254 8.12 7.72 -30.97
C TRP A 254 6.85 7.17 -30.35
N ASP A 255 6.86 7.29 -29.02
CA ASP A 255 5.80 6.93 -28.12
C ASP A 255 5.59 8.04 -27.06
N ILE A 256 4.58 8.86 -27.25
CA ILE A 256 4.61 10.15 -26.64
C ILE A 256 3.53 10.16 -25.56
N THR A 257 3.86 10.68 -24.37
CA THR A 257 2.92 10.92 -23.22
C THR A 257 3.17 12.28 -22.64
N ILE A 258 2.26 12.75 -21.83
CA ILE A 258 2.65 13.92 -21.10
C ILE A 258 2.56 13.54 -19.68
N GLY A 259 3.19 14.31 -18.79
CA GLY A 259 3.15 14.12 -17.32
C GLY A 259 4.42 13.61 -16.63
N ASP A 260 4.40 13.73 -15.29
CA ASP A 260 5.58 13.28 -14.52
C ASP A 260 5.33 11.94 -13.89
N ILE A 261 5.97 11.68 -12.74
CA ILE A 261 5.55 10.52 -12.00
C ILE A 261 4.52 10.84 -10.99
N ALA A 262 4.65 11.91 -10.23
CA ALA A 262 3.87 11.87 -9.05
C ALA A 262 2.49 12.23 -9.35
N GLU A 263 2.30 12.75 -10.54
CA GLU A 263 0.92 12.84 -10.91
C GLU A 263 0.54 12.31 -12.26
N TRP A 264 1.17 11.23 -12.70
CA TRP A 264 0.90 10.75 -14.05
C TRP A 264 -0.58 10.65 -14.46
N GLY A 265 -1.53 10.95 -13.57
CA GLY A 265 -2.93 11.03 -13.97
C GLY A 265 -3.10 11.72 -15.31
N GLU A 266 -2.17 12.63 -15.57
CA GLU A 266 -2.26 13.62 -16.64
C GLU A 266 -1.98 12.92 -17.87
N ASP A 267 -1.39 11.75 -17.77
CA ASP A 267 -1.20 10.92 -18.93
C ASP A 267 -2.37 9.97 -18.99
N ALA A 268 -2.50 9.18 -17.96
CA ALA A 268 -3.71 8.45 -17.85
C ALA A 268 -4.90 9.33 -17.28
N GLY A 269 -5.42 10.14 -18.17
CA GLY A 269 -6.49 11.00 -17.80
C GLY A 269 -7.76 10.31 -17.39
N PRO A 270 -8.12 10.51 -16.12
CA PRO A 270 -9.49 10.35 -15.61
C PRO A 270 -10.55 11.00 -16.46
N SER A 271 -11.60 10.27 -16.70
CA SER A 271 -12.55 10.80 -17.61
C SER A 271 -13.28 11.86 -16.84
N ARG A 272 -13.05 11.94 -15.51
CA ARG A 272 -13.59 13.04 -14.64
C ARG A 272 -12.90 14.45 -14.71
N PHE A 273 -11.85 14.54 -15.57
CA PHE A 273 -11.17 15.80 -15.93
C PHE A 273 -10.53 15.78 -17.24
N TYR A 274 -10.43 14.61 -17.92
CA TYR A 274 -9.98 14.48 -19.37
C TYR A 274 -11.00 13.80 -20.29
N GLN A 275 -11.22 14.40 -21.46
CA GLN A 275 -12.04 13.82 -22.51
C GLN A 275 -10.99 13.19 -23.49
N GLN A 276 -11.47 12.37 -24.45
CA GLN A 276 -10.65 11.65 -25.44
C GLN A 276 -9.80 12.62 -26.29
N GLY A 277 -8.58 12.20 -26.66
CA GLY A 277 -7.68 13.12 -27.36
C GLY A 277 -7.04 14.29 -26.59
N HIS A 278 -7.46 14.49 -25.31
CA HIS A 278 -6.90 15.51 -24.33
C HIS A 278 -5.36 15.83 -24.41
N THR A 279 -4.60 14.80 -24.78
CA THR A 279 -3.19 14.91 -24.96
C THR A 279 -2.78 15.59 -26.31
N ILE A 280 -3.69 15.59 -27.28
CA ILE A 280 -3.27 15.94 -28.65
C ILE A 280 -2.34 17.17 -28.77
N PRO A 281 -2.83 18.32 -28.25
CA PRO A 281 -2.11 19.56 -28.47
C PRO A 281 -0.62 19.18 -28.32
N TRP A 282 -0.28 18.60 -27.19
CA TRP A 282 1.09 18.40 -26.96
C TRP A 282 1.50 17.18 -27.68
N VAL A 283 0.57 16.30 -28.11
CA VAL A 283 1.03 15.06 -28.81
C VAL A 283 1.58 15.39 -30.25
N LYS A 284 0.77 16.22 -30.96
CA LYS A 284 0.98 16.61 -32.38
C LYS A 284 2.35 17.29 -32.76
N LEU A 285 2.82 18.17 -31.84
CA LEU A 285 4.06 18.90 -31.94
C LEU A 285 5.16 17.98 -32.28
N VAL A 286 4.98 16.65 -32.07
CA VAL A 286 6.09 15.67 -32.26
C VAL A 286 6.36 15.31 -33.70
N LYS A 287 5.31 14.83 -34.35
CA LYS A 287 5.29 14.84 -35.81
C LYS A 287 6.07 16.11 -36.41
N GLN A 288 5.59 17.33 -36.06
CA GLN A 288 6.15 18.54 -36.65
C GLN A 288 7.61 18.30 -36.89
N VAL A 289 8.24 17.54 -36.01
CA VAL A 289 9.66 17.62 -35.98
C VAL A 289 10.29 16.26 -36.32
N SER A 290 9.47 15.22 -36.20
CA SER A 290 9.98 13.89 -36.46
C SER A 290 9.67 13.40 -37.82
N LYS A 291 10.65 12.60 -38.31
CA LYS A 291 10.65 11.93 -39.62
C LYS A 291 10.20 10.52 -39.37
N LYS A 292 10.11 10.10 -38.09
CA LYS A 292 9.68 8.67 -37.71
C LYS A 292 8.13 8.29 -37.43
N PRO A 293 7.74 7.00 -37.42
CA PRO A 293 6.36 6.73 -37.01
C PRO A 293 6.20 7.42 -35.63
N VAL A 294 5.13 8.18 -35.40
CA VAL A 294 4.69 8.69 -34.03
C VAL A 294 3.26 8.16 -33.57
N LEU A 295 3.20 7.59 -32.33
CA LEU A 295 1.92 7.38 -31.59
C LEU A 295 1.79 8.13 -30.22
N GLY A 296 0.58 8.41 -29.77
CA GLY A 296 0.51 9.16 -28.54
C GLY A 296 -0.85 8.97 -27.94
N VAL A 297 -0.92 8.13 -26.90
CA VAL A 297 -2.15 7.87 -26.11
C VAL A 297 -2.97 9.12 -25.66
N GLY A 298 -4.25 8.88 -25.30
CA GLY A 298 -5.29 9.88 -25.13
C GLY A 298 -6.66 9.24 -25.18
N ARG A 299 -6.59 8.00 -24.68
CA ARG A 299 -7.71 7.12 -24.44
C ARG A 299 -8.57 7.04 -25.74
N TYR A 300 -8.00 6.45 -26.75
CA TYR A 300 -8.82 6.51 -27.94
C TYR A 300 -9.65 5.29 -28.05
N THR A 301 -10.92 5.52 -28.20
CA THR A 301 -11.76 4.40 -28.35
C THR A 301 -12.47 4.52 -29.63
N ASP A 302 -12.57 5.73 -30.16
CA ASP A 302 -13.54 6.03 -31.24
C ASP A 302 -12.79 6.00 -32.59
N PRO A 303 -13.21 5.12 -33.55
CA PRO A 303 -12.40 4.90 -34.74
C PRO A 303 -12.42 6.26 -35.50
N GLU A 304 -13.56 6.95 -35.46
CA GLU A 304 -13.65 8.31 -35.97
C GLU A 304 -12.58 9.24 -35.45
N LYS A 305 -12.34 9.16 -34.14
CA LYS A 305 -11.43 10.10 -33.55
C LYS A 305 -10.06 9.64 -33.87
N MET A 306 -9.97 8.30 -33.95
CA MET A 306 -8.82 7.53 -34.46
C MET A 306 -8.33 8.05 -35.81
N ILE A 307 -9.23 7.92 -36.84
CA ILE A 307 -8.95 8.44 -38.19
C ILE A 307 -8.92 9.95 -38.28
N GLU A 308 -9.49 10.69 -37.35
CA GLU A 308 -9.14 12.11 -37.34
C GLU A 308 -7.57 12.33 -37.19
N ILE A 309 -6.97 11.59 -36.25
CA ILE A 309 -5.63 11.93 -35.77
C ILE A 309 -4.41 11.42 -36.65
N VAL A 310 -4.77 10.53 -37.58
CA VAL A 310 -3.88 10.04 -38.63
C VAL A 310 -3.99 10.93 -39.88
N THR A 311 -5.22 11.14 -40.37
CA THR A 311 -5.48 11.99 -41.55
C THR A 311 -4.99 13.40 -41.31
N LYS A 312 -5.12 13.88 -40.09
CA LYS A 312 -4.57 15.17 -39.75
C LYS A 312 -3.05 15.17 -39.52
N GLY A 313 -2.41 14.09 -39.97
CA GLY A 313 -1.04 13.77 -39.60
C GLY A 313 -0.61 14.22 -38.18
N TYR A 314 -1.43 13.95 -37.11
CA TYR A 314 -1.05 14.10 -35.66
C TYR A 314 -0.43 12.84 -35.11
N ALA A 315 -0.80 11.76 -35.72
CA ALA A 315 -0.17 10.58 -35.29
C ALA A 315 0.04 9.78 -36.55
N ASP A 316 0.84 8.69 -36.45
CA ASP A 316 0.96 7.69 -37.51
C ASP A 316 0.27 6.49 -37.11
N ILE A 317 0.36 6.21 -35.80
CA ILE A 317 -0.22 4.98 -35.22
C ILE A 317 -1.27 5.39 -34.16
N ILE A 318 -2.19 4.45 -33.83
CA ILE A 318 -2.97 4.46 -32.51
C ILE A 318 -2.51 3.61 -31.21
N GLY A 319 -1.79 4.29 -30.33
CA GLY A 319 -1.59 3.78 -28.97
C GLY A 319 -2.73 3.89 -27.92
N CYS A 320 -3.15 2.74 -27.42
CA CYS A 320 -4.01 2.79 -26.28
C CYS A 320 -3.29 2.13 -25.18
N ALA A 321 -3.81 2.27 -23.96
CA ALA A 321 -3.76 1.12 -23.03
C ALA A 321 -5.14 0.83 -22.54
N ARG A 322 -5.71 1.77 -21.79
CA ARG A 322 -6.95 1.52 -21.08
C ARG A 322 -7.98 0.96 -22.00
N PRO A 323 -8.28 1.60 -23.06
CA PRO A 323 -9.21 1.02 -23.97
C PRO A 323 -8.84 -0.38 -24.31
N SER A 324 -7.56 -0.74 -24.36
CA SER A 324 -7.22 -2.16 -24.66
C SER A 324 -7.59 -3.23 -23.60
N ILE A 325 -7.63 -2.81 -22.33
CA ILE A 325 -8.09 -3.57 -21.17
C ILE A 325 -9.62 -3.71 -21.27
N ALA A 326 -10.28 -2.57 -21.38
CA ALA A 326 -11.69 -2.44 -21.71
C ALA A 326 -12.12 -3.41 -22.79
N ASP A 327 -11.47 -3.37 -23.95
CA ASP A 327 -11.89 -4.24 -25.02
C ASP A 327 -10.67 -4.67 -25.77
N PRO A 328 -10.18 -5.81 -25.29
CA PRO A 328 -9.06 -6.55 -25.92
C PRO A 328 -9.28 -6.72 -27.42
N PHE A 329 -10.56 -6.87 -27.83
CA PHE A 329 -10.98 -7.04 -29.21
C PHE A 329 -11.34 -5.75 -29.98
N LEU A 330 -11.23 -4.59 -29.34
CA LEU A 330 -11.71 -3.39 -29.99
C LEU A 330 -11.38 -3.43 -31.47
N PRO A 331 -10.16 -3.69 -31.89
CA PRO A 331 -9.92 -3.48 -33.31
C PRO A 331 -10.73 -4.48 -34.36
N GLN A 332 -10.75 -5.79 -34.08
CA GLN A 332 -11.48 -6.77 -34.90
C GLN A 332 -12.94 -6.44 -34.82
N LYS A 333 -13.29 -5.65 -33.82
CA LYS A 333 -14.58 -4.95 -33.87
C LYS A 333 -14.62 -3.67 -34.71
N VAL A 334 -13.49 -2.95 -34.93
CA VAL A 334 -13.60 -1.84 -35.88
C VAL A 334 -13.62 -2.46 -37.24
N GLU A 335 -12.52 -3.20 -37.45
CA GLU A 335 -12.20 -4.03 -38.60
C GLU A 335 -13.46 -4.75 -39.17
N GLN A 336 -14.21 -5.40 -38.29
CA GLN A 336 -15.49 -5.96 -38.64
C GLN A 336 -16.64 -4.96 -38.59
N GLY A 337 -16.35 -3.62 -38.63
CA GLY A 337 -17.34 -2.59 -38.36
C GLY A 337 -18.46 -3.02 -37.39
N ARG A 338 -18.16 -3.76 -36.30
CA ARG A 338 -19.19 -4.19 -35.36
C ARG A 338 -19.17 -3.19 -34.23
N TYR A 339 -19.53 -1.91 -34.51
CA TYR A 339 -19.23 -0.71 -33.65
C TYR A 339 -20.05 -0.80 -32.41
N ASP A 340 -21.29 -1.24 -32.58
CA ASP A 340 -22.10 -1.45 -31.43
C ASP A 340 -21.54 -2.55 -30.47
N ASP A 341 -20.53 -3.30 -30.86
CA ASP A 341 -20.08 -4.32 -29.94
C ASP A 341 -18.87 -3.96 -29.08
N ILE A 342 -18.29 -2.80 -29.37
CA ILE A 342 -17.15 -2.29 -28.62
C ILE A 342 -17.47 -1.63 -27.27
N ARG A 343 -16.78 -2.16 -26.27
CA ARG A 343 -16.96 -1.94 -24.87
C ARG A 343 -16.03 -0.83 -24.66
N VAL A 344 -16.61 0.34 -24.33
CA VAL A 344 -15.84 1.60 -24.11
C VAL A 344 -15.42 1.80 -22.68
N CYS A 345 -14.11 1.89 -22.49
CA CYS A 345 -13.50 2.11 -21.23
C CYS A 345 -13.99 3.44 -20.78
N ILE A 346 -14.39 3.52 -19.50
CA ILE A 346 -15.03 4.73 -18.95
C ILE A 346 -14.02 5.63 -18.20
N GLY A 347 -12.82 5.17 -17.94
CA GLY A 347 -11.85 6.09 -17.41
C GLY A 347 -12.17 6.30 -15.96
N CYS A 348 -12.33 5.19 -15.30
CA CYS A 348 -12.59 5.19 -13.89
C CYS A 348 -11.27 5.02 -13.12
N ASN A 349 -10.32 4.42 -13.84
CA ASN A 349 -8.93 4.22 -13.44
C ASN A 349 -8.87 3.19 -12.31
N VAL A 350 -9.89 2.35 -12.24
CA VAL A 350 -9.85 1.36 -11.17
C VAL A 350 -8.63 0.42 -11.39
N CYS A 351 -8.26 0.23 -12.68
CA CYS A 351 -7.20 -0.67 -13.14
C CYS A 351 -5.98 -0.17 -12.58
N ILE A 352 -5.79 1.13 -12.66
CA ILE A 352 -4.59 1.68 -12.12
C ILE A 352 -4.72 1.84 -10.63
N SER A 353 -5.91 1.76 -10.11
CA SER A 353 -5.99 1.63 -8.67
C SER A 353 -5.37 0.33 -8.04
N ARG A 354 -5.58 -0.84 -8.58
CA ARG A 354 -4.84 -1.94 -8.02
C ARG A 354 -3.36 -1.83 -8.19
N TRP A 355 -2.80 -1.71 -9.39
CA TRP A 355 -1.33 -1.65 -9.48
C TRP A 355 -0.71 -0.74 -8.39
N GLU A 356 -1.38 0.43 -8.17
CA GLU A 356 -0.94 1.61 -7.36
C GLU A 356 -1.05 1.41 -5.86
N ILE A 357 -1.76 0.38 -5.40
CA ILE A 357 -1.85 0.02 -4.00
C ILE A 357 -0.69 -0.86 -3.69
N GLY A 358 -0.33 -1.64 -4.72
CA GLY A 358 0.98 -2.19 -4.80
C GLY A 358 0.88 -3.62 -4.50
N GLY A 359 0.95 -4.49 -5.52
CA GLY A 359 0.77 -5.94 -5.42
C GLY A 359 -0.43 -6.67 -6.09
N PRO A 360 -1.70 -6.27 -5.78
CA PRO A 360 -2.92 -6.94 -6.28
C PRO A 360 -2.92 -7.04 -7.78
N PRO A 361 -3.60 -7.98 -8.46
CA PRO A 361 -3.98 -7.80 -9.88
C PRO A 361 -4.92 -6.64 -10.16
N MET A 362 -4.72 -6.10 -11.37
CA MET A 362 -5.65 -5.22 -12.10
C MET A 362 -7.01 -5.93 -12.19
N ILE A 363 -8.08 -5.19 -12.47
CA ILE A 363 -9.44 -5.73 -12.70
C ILE A 363 -9.93 -4.55 -13.38
N CYS A 364 -11.16 -4.53 -13.89
CA CYS A 364 -11.62 -3.37 -14.67
C CYS A 364 -13.05 -3.27 -14.64
N THR A 365 -13.50 -2.07 -14.73
CA THR A 365 -14.88 -1.93 -14.51
C THR A 365 -15.72 -2.31 -15.72
N GLN A 366 -15.19 -2.39 -16.90
CA GLN A 366 -16.05 -2.77 -18.00
C GLN A 366 -15.67 -4.17 -18.38
N ASN A 367 -14.41 -4.50 -18.25
CA ASN A 367 -14.13 -5.82 -18.66
C ASN A 367 -13.88 -6.80 -17.52
N ALA A 368 -14.84 -7.69 -17.33
CA ALA A 368 -14.76 -8.54 -16.14
C ALA A 368 -13.74 -9.67 -16.18
N THR A 369 -13.11 -9.93 -17.31
CA THR A 369 -12.33 -11.11 -17.43
C THR A 369 -10.90 -10.66 -17.36
N ALA A 370 -10.67 -9.36 -17.52
CA ALA A 370 -9.32 -8.82 -17.44
C ALA A 370 -8.82 -9.19 -16.11
N GLY A 371 -7.74 -9.95 -16.21
CA GLY A 371 -7.07 -10.62 -15.10
C GLY A 371 -7.54 -12.08 -15.04
N GLU A 372 -8.62 -12.33 -15.76
CA GLU A 372 -9.34 -13.53 -15.43
C GLU A 372 -9.19 -14.50 -16.58
N GLU A 373 -8.37 -14.08 -17.55
CA GLU A 373 -8.11 -14.88 -18.72
C GLU A 373 -7.15 -16.09 -18.48
N TYR A 374 -6.12 -15.94 -17.71
CA TYR A 374 -5.52 -17.18 -17.30
C TYR A 374 -6.26 -17.82 -16.17
N ARG A 375 -6.17 -17.31 -14.96
CA ARG A 375 -6.52 -18.15 -13.80
C ARG A 375 -7.97 -18.56 -13.64
N ARG A 376 -8.80 -18.24 -14.60
CA ARG A 376 -10.21 -18.65 -14.57
C ARG A 376 -10.64 -18.86 -16.04
N GLY A 377 -9.66 -18.70 -16.92
CA GLY A 377 -9.87 -18.97 -18.30
C GLY A 377 -11.19 -18.43 -18.76
N TRP A 378 -11.54 -17.24 -18.33
CA TRP A 378 -12.59 -16.59 -19.06
C TRP A 378 -12.10 -15.75 -20.19
N HIS A 379 -12.75 -15.87 -21.33
CA HIS A 379 -12.25 -15.23 -22.54
C HIS A 379 -13.21 -14.12 -22.63
N PRO A 380 -12.79 -12.93 -23.01
CA PRO A 380 -13.69 -11.84 -23.28
C PRO A 380 -14.70 -12.05 -24.40
N GLU A 381 -14.43 -12.84 -25.44
CA GLU A 381 -15.44 -13.06 -26.54
C GLU A 381 -15.90 -14.53 -26.84
N LYS A 382 -15.89 -15.38 -25.84
CA LYS A 382 -16.23 -16.73 -26.17
C LYS A 382 -16.77 -17.34 -24.90
N PHE A 383 -17.94 -17.94 -25.06
CA PHE A 383 -18.65 -18.45 -23.91
C PHE A 383 -18.94 -19.96 -24.01
N ARG A 384 -18.78 -20.72 -22.93
CA ARG A 384 -19.27 -22.08 -22.96
C ARG A 384 -20.78 -22.12 -23.08
N GLN A 385 -21.36 -22.48 -24.24
CA GLN A 385 -22.83 -22.51 -24.35
C GLN A 385 -23.56 -23.51 -23.43
N THR A 386 -24.81 -23.23 -23.08
CA THR A 386 -25.50 -24.15 -22.19
C THR A 386 -25.91 -25.52 -22.85
N LYS A 387 -25.94 -26.61 -22.09
CA LYS A 387 -26.44 -27.84 -22.73
C LYS A 387 -27.84 -28.26 -22.20
N ASN A 388 -28.57 -27.25 -21.79
CA ASN A 388 -29.92 -27.47 -21.34
C ASN A 388 -30.88 -26.32 -21.65
N LYS A 389 -32.11 -26.47 -21.15
CA LYS A 389 -33.16 -25.56 -21.48
C LYS A 389 -33.48 -24.64 -20.26
N ASP A 390 -32.70 -24.78 -19.17
CA ASP A 390 -32.86 -23.85 -18.03
C ASP A 390 -33.03 -22.41 -18.33
N SER A 391 -33.67 -21.81 -17.33
CA SER A 391 -34.09 -20.42 -17.33
C SER A 391 -33.75 -19.78 -15.95
N VAL A 392 -33.44 -18.47 -16.06
CA VAL A 392 -33.00 -17.64 -14.97
C VAL A 392 -33.80 -16.40 -14.91
N LEU A 393 -34.27 -16.17 -13.73
CA LEU A 393 -34.79 -14.91 -13.33
C LEU A 393 -33.64 -14.24 -12.68
N ILE A 394 -33.39 -13.00 -13.13
CA ILE A 394 -32.57 -11.99 -12.46
C ILE A 394 -33.38 -10.74 -12.01
N VAL A 395 -33.39 -10.49 -10.71
CA VAL A 395 -34.09 -9.34 -10.13
C VAL A 395 -33.13 -8.14 -9.95
N GLY A 396 -33.24 -7.16 -10.83
CA GLY A 396 -32.47 -5.94 -10.73
C GLY A 396 -31.45 -5.72 -11.80
N ALA A 397 -31.55 -4.68 -12.63
CA ALA A 397 -30.76 -4.58 -13.87
C ALA A 397 -29.58 -3.66 -13.74
N GLY A 398 -28.73 -3.91 -12.75
CA GLY A 398 -27.71 -2.94 -12.42
C GLY A 398 -26.43 -3.52 -12.92
N PRO A 399 -25.27 -2.96 -12.55
CA PRO A 399 -24.05 -3.51 -13.06
C PRO A 399 -24.24 -4.96 -12.84
N SER A 400 -24.60 -5.42 -11.66
CA SER A 400 -24.42 -6.85 -11.42
C SER A 400 -25.41 -7.78 -12.12
N GLY A 401 -26.68 -7.55 -12.02
CA GLY A 401 -27.54 -8.44 -12.82
C GLY A 401 -27.50 -8.28 -14.34
N SER A 402 -26.96 -7.15 -14.78
CA SER A 402 -27.00 -6.78 -16.17
C SER A 402 -25.85 -7.47 -16.73
N GLU A 403 -24.74 -7.48 -16.04
CA GLU A 403 -23.66 -8.33 -16.44
C GLU A 403 -24.14 -9.76 -16.35
N ALA A 404 -24.78 -10.14 -15.27
CA ALA A 404 -25.30 -11.52 -15.25
C ALA A 404 -26.16 -11.82 -16.48
N ALA A 405 -27.09 -10.94 -16.79
CA ALA A 405 -27.82 -11.20 -17.99
C ALA A 405 -26.89 -11.33 -19.18
N ARG A 406 -25.95 -10.42 -19.33
CA ARG A 406 -25.33 -10.38 -20.62
C ARG A 406 -24.59 -11.64 -20.79
N VAL A 407 -24.00 -12.17 -19.75
CA VAL A 407 -23.19 -13.34 -20.02
C VAL A 407 -24.03 -14.57 -20.23
N LEU A 408 -25.07 -14.75 -19.39
CA LEU A 408 -25.94 -15.93 -19.45
C LEU A 408 -26.53 -16.06 -20.85
N MET A 409 -27.04 -14.94 -21.36
CA MET A 409 -27.70 -14.97 -22.62
C MET A 409 -26.62 -15.20 -23.59
N GLU A 410 -25.41 -14.74 -23.37
CA GLU A 410 -24.47 -15.02 -24.41
C GLU A 410 -24.12 -16.50 -24.41
N SER A 411 -24.33 -17.15 -23.27
CA SER A 411 -24.07 -18.56 -23.13
C SER A 411 -25.32 -19.35 -23.46
N GLY A 412 -26.19 -18.83 -24.31
CA GLY A 412 -27.38 -19.53 -24.73
C GLY A 412 -28.58 -19.72 -23.83
N TYR A 413 -28.49 -19.34 -22.52
CA TYR A 413 -29.62 -19.42 -21.51
C TYR A 413 -30.90 -18.57 -21.76
N THR A 414 -31.97 -18.92 -21.11
CA THR A 414 -33.08 -18.11 -21.37
C THR A 414 -33.19 -17.36 -20.13
N VAL A 415 -33.11 -16.05 -20.30
CA VAL A 415 -33.21 -15.17 -19.16
C VAL A 415 -34.28 -14.11 -19.27
N HIS A 416 -34.84 -13.76 -18.12
CA HIS A 416 -35.83 -12.71 -17.99
C HIS A 416 -35.32 -11.76 -16.92
N LEU A 417 -35.05 -10.52 -17.30
CA LEU A 417 -34.39 -9.55 -16.44
C LEU A 417 -35.40 -8.55 -15.95
N THR A 418 -35.71 -8.47 -14.65
CA THR A 418 -36.79 -7.59 -14.17
C THR A 418 -36.16 -6.58 -13.34
N ASP A 419 -36.55 -5.30 -13.47
CA ASP A 419 -36.13 -4.17 -12.61
C ASP A 419 -37.21 -3.12 -12.57
N THR A 420 -37.64 -2.73 -11.34
CA THR A 420 -38.55 -1.56 -11.14
C THR A 420 -38.00 -0.14 -11.51
N ALA A 421 -36.70 0.00 -11.78
CA ALA A 421 -36.23 1.19 -12.48
C ALA A 421 -36.67 1.17 -13.96
N GLU A 422 -36.75 2.40 -14.54
CA GLU A 422 -37.10 2.73 -15.93
C GLU A 422 -35.94 2.30 -16.85
N LYS A 423 -34.72 2.51 -16.39
CA LYS A 423 -33.52 2.24 -17.20
C LYS A 423 -32.51 1.20 -16.67
N ILE A 424 -31.85 0.44 -17.58
CA ILE A 424 -30.83 -0.54 -17.17
C ILE A 424 -29.75 0.25 -16.47
N GLY A 425 -29.36 -0.21 -15.28
CA GLY A 425 -28.12 0.33 -14.75
C GLY A 425 -28.01 0.53 -13.24
N GLY A 426 -29.14 0.37 -12.54
CA GLY A 426 -29.20 0.51 -11.12
C GLY A 426 -28.60 1.79 -10.67
N HIS A 427 -27.65 1.68 -9.80
CA HIS A 427 -27.18 2.86 -9.21
C HIS A 427 -26.22 3.65 -10.07
N LEU A 428 -25.77 3.13 -11.18
CA LEU A 428 -24.74 3.85 -11.85
C LEU A 428 -25.45 4.96 -12.54
N ASN A 429 -26.77 4.77 -12.63
CA ASN A 429 -27.62 5.79 -13.20
C ASN A 429 -27.47 7.12 -12.53
N GLN A 430 -27.80 7.24 -11.25
CA GLN A 430 -27.35 8.44 -10.52
C GLN A 430 -25.85 8.83 -10.61
N VAL A 431 -25.01 7.81 -10.58
CA VAL A 431 -23.63 8.06 -10.30
C VAL A 431 -22.96 8.68 -11.50
N ALA A 432 -23.45 8.35 -12.65
CA ALA A 432 -23.03 9.02 -13.87
C ALA A 432 -23.51 10.56 -13.94
N ALA A 433 -24.53 10.81 -13.12
CA ALA A 433 -25.15 12.09 -13.01
C ALA A 433 -24.40 13.07 -12.10
N LEU A 434 -23.43 12.59 -11.30
CA LEU A 434 -22.33 13.47 -10.74
C LEU A 434 -21.32 14.22 -11.67
N PRO A 435 -21.02 15.42 -11.21
CA PRO A 435 -20.20 16.30 -12.02
C PRO A 435 -19.00 15.52 -12.51
N GLY A 436 -18.74 15.54 -13.81
CA GLY A 436 -17.62 14.78 -14.42
C GLY A 436 -17.77 13.27 -14.87
N LEU A 437 -18.72 12.62 -14.18
CA LEU A 437 -18.82 11.17 -14.24
C LEU A 437 -19.74 10.87 -15.35
N GLY A 438 -19.78 11.75 -16.33
CA GLY A 438 -20.71 11.53 -17.39
C GLY A 438 -20.30 10.38 -18.30
N GLU A 439 -19.00 10.08 -18.23
CA GLU A 439 -18.51 9.07 -19.09
C GLU A 439 -18.69 7.67 -18.51
N TRP A 440 -19.01 7.55 -17.23
CA TRP A 440 -19.38 6.24 -16.55
C TRP A 440 -20.73 5.54 -16.94
N SER A 441 -21.52 6.28 -17.66
CA SER A 441 -22.78 5.77 -18.09
C SER A 441 -22.52 4.69 -19.07
N TYR A 442 -21.49 4.92 -19.89
CA TYR A 442 -21.05 4.01 -20.93
C TYR A 442 -21.17 2.58 -20.49
N HIS A 443 -20.93 2.35 -19.19
CA HIS A 443 -21.00 1.03 -18.59
C HIS A 443 -22.39 0.39 -18.43
N ARG A 444 -23.41 1.18 -18.39
CA ARG A 444 -24.71 0.62 -18.61
C ARG A 444 -24.88 0.69 -20.12
N ASP A 445 -24.36 1.73 -20.80
CA ASP A 445 -24.81 2.04 -22.15
C ASP A 445 -24.53 0.78 -22.87
N TYR A 446 -23.31 0.27 -22.72
CA TYR A 446 -22.92 -1.00 -23.30
C TYR A 446 -23.72 -2.19 -22.89
N ARG A 447 -24.18 -2.30 -21.68
CA ARG A 447 -25.00 -3.44 -21.56
C ARG A 447 -26.41 -3.34 -22.03
N GLU A 448 -26.91 -2.15 -22.24
CA GLU A 448 -28.30 -2.06 -22.62
C GLU A 448 -28.22 -2.43 -24.01
N THR A 449 -27.14 -2.03 -24.64
CA THR A 449 -27.04 -2.28 -26.03
C THR A 449 -26.92 -3.76 -26.50
N GLN A 450 -26.04 -4.53 -25.81
CA GLN A 450 -26.01 -6.00 -25.86
C GLN A 450 -27.19 -6.75 -25.30
N ILE A 451 -27.86 -6.36 -24.24
CA ILE A 451 -29.06 -7.12 -23.94
C ILE A 451 -30.16 -6.94 -24.99
N THR A 452 -30.33 -5.73 -25.52
CA THR A 452 -31.30 -5.48 -26.58
C THR A 452 -30.94 -6.37 -27.76
N LYS A 453 -29.67 -6.44 -28.15
CA LYS A 453 -29.35 -7.40 -29.23
C LYS A 453 -29.38 -8.88 -28.90
N LEU A 454 -29.04 -9.26 -27.69
CA LEU A 454 -29.22 -10.63 -27.32
C LEU A 454 -30.68 -11.09 -27.38
N LEU A 455 -31.63 -10.18 -27.09
CA LEU A 455 -33.08 -10.58 -27.04
C LEU A 455 -33.50 -11.10 -28.35
N LYS A 456 -33.00 -10.39 -29.32
CA LYS A 456 -33.39 -10.60 -30.66
C LYS A 456 -32.96 -12.06 -30.92
N LYS A 457 -31.79 -12.52 -30.44
CA LYS A 457 -31.23 -13.86 -30.78
C LYS A 457 -31.77 -14.98 -29.87
N ASN A 458 -32.21 -14.60 -28.69
CA ASN A 458 -32.64 -15.63 -27.79
C ASN A 458 -34.10 -15.37 -27.64
N LYS A 459 -34.93 -16.06 -28.38
CA LYS A 459 -36.31 -15.47 -28.44
C LYS A 459 -37.26 -15.57 -27.17
N GLU A 460 -37.00 -16.44 -26.22
CA GLU A 460 -37.89 -16.49 -25.10
C GLU A 460 -37.25 -15.66 -24.02
N SER A 461 -36.05 -15.16 -24.23
CA SER A 461 -35.55 -14.26 -23.23
C SER A 461 -36.35 -12.97 -23.32
N GLN A 462 -36.26 -12.13 -22.28
CA GLN A 462 -37.14 -10.99 -22.03
C GLN A 462 -36.54 -9.88 -21.16
N LEU A 463 -36.77 -8.63 -21.48
CA LEU A 463 -36.39 -7.62 -20.51
C LEU A 463 -37.55 -6.77 -20.09
N ALA A 464 -37.65 -6.44 -18.83
CA ALA A 464 -38.85 -5.73 -18.43
C ALA A 464 -38.48 -4.78 -17.37
N LEU A 465 -38.76 -3.54 -17.66
CA LEU A 465 -38.24 -2.45 -16.88
C LEU A 465 -39.51 -1.80 -16.51
N GLY A 466 -39.49 -0.94 -15.49
CA GLY A 466 -40.68 -0.14 -15.18
C GLY A 466 -41.75 -1.02 -14.59
N GLN A 467 -41.30 -2.11 -14.01
CA GLN A 467 -42.16 -3.04 -13.34
C GLN A 467 -42.35 -2.81 -11.82
N LYS A 468 -43.34 -3.53 -11.27
CA LYS A 468 -43.54 -3.53 -9.81
C LYS A 468 -42.44 -4.39 -9.29
N PRO A 469 -41.84 -3.85 -8.28
CA PRO A 469 -40.78 -4.49 -7.56
C PRO A 469 -41.30 -5.87 -7.35
N MET A 470 -40.48 -6.93 -7.52
CA MET A 470 -40.84 -8.38 -7.28
C MET A 470 -41.02 -8.80 -5.84
N THR A 471 -41.97 -9.67 -5.59
CA THR A 471 -42.06 -10.07 -4.21
C THR A 471 -41.69 -11.46 -4.22
N ALA A 472 -41.65 -11.93 -2.98
CA ALA A 472 -41.10 -13.21 -2.72
C ALA A 472 -41.94 -14.21 -3.48
N ASP A 473 -43.23 -13.93 -3.47
CA ASP A 473 -44.19 -14.84 -4.03
C ASP A 473 -44.21 -14.70 -5.53
N ASP A 474 -43.89 -13.53 -6.06
CA ASP A 474 -43.83 -13.39 -7.53
C ASP A 474 -42.78 -14.34 -8.06
N VAL A 475 -41.68 -14.34 -7.32
CA VAL A 475 -40.44 -14.99 -7.66
C VAL A 475 -40.55 -16.52 -7.61
N LEU A 476 -41.14 -16.99 -6.53
CA LEU A 476 -41.47 -18.38 -6.35
C LEU A 476 -42.31 -18.88 -7.57
N GLN A 477 -43.35 -18.10 -7.83
CA GLN A 477 -44.35 -18.50 -8.80
C GLN A 477 -43.94 -18.01 -10.19
N TYR A 478 -42.67 -17.57 -10.34
CA TYR A 478 -42.16 -16.93 -11.61
C TYR A 478 -41.70 -17.94 -12.68
N GLY A 479 -41.11 -19.03 -12.19
CA GLY A 479 -41.06 -20.25 -12.94
C GLY A 479 -39.72 -20.35 -13.54
N ALA A 480 -38.91 -19.41 -13.16
CA ALA A 480 -37.59 -19.54 -13.66
C ALA A 480 -36.99 -20.84 -13.13
N ASP A 481 -35.92 -21.25 -13.74
CA ASP A 481 -35.31 -22.37 -13.17
C ASP A 481 -34.53 -21.90 -12.04
N LYS A 482 -33.64 -20.96 -12.27
CA LYS A 482 -32.90 -20.48 -11.10
C LYS A 482 -33.15 -18.98 -11.00
N VAL A 483 -32.89 -18.44 -9.82
CA VAL A 483 -33.09 -17.04 -9.67
C VAL A 483 -31.85 -16.20 -9.19
N ILE A 484 -31.55 -15.12 -9.89
CA ILE A 484 -30.57 -14.18 -9.36
C ILE A 484 -31.16 -12.85 -8.78
N ILE A 485 -30.97 -12.64 -7.49
CA ILE A 485 -31.34 -11.42 -6.80
C ILE A 485 -30.17 -10.45 -6.85
N ALA A 486 -30.38 -9.26 -7.43
CA ALA A 486 -29.29 -8.30 -7.61
C ALA A 486 -29.87 -6.96 -7.31
N THR A 487 -30.30 -6.87 -6.07
CA THR A 487 -31.22 -5.83 -5.67
C THR A 487 -30.55 -4.60 -5.15
N GLY A 488 -29.27 -4.66 -4.83
CA GLY A 488 -28.53 -3.45 -4.57
C GLY A 488 -28.17 -3.17 -3.15
N ALA A 489 -27.63 -2.00 -2.92
CA ALA A 489 -27.49 -1.48 -1.60
C ALA A 489 -27.86 0.01 -1.65
N ARG A 490 -27.94 0.65 -0.49
CA ARG A 490 -28.33 2.08 -0.41
C ARG A 490 -27.44 2.75 0.59
N TRP A 491 -27.29 4.07 0.48
CA TRP A 491 -26.52 4.75 1.48
C TRP A 491 -27.21 4.48 2.82
N ASN A 492 -26.50 4.48 3.94
CA ASN A 492 -27.12 4.15 5.23
C ASN A 492 -27.75 5.41 5.73
N THR A 493 -28.86 5.23 6.45
CA THR A 493 -29.76 6.35 6.79
C THR A 493 -29.59 6.89 8.18
N ASP A 494 -28.96 6.11 9.05
CA ASP A 494 -29.03 6.45 10.44
C ASP A 494 -27.66 6.73 10.99
N GLY A 495 -26.72 7.15 10.14
CA GLY A 495 -25.36 7.39 10.61
C GLY A 495 -24.43 6.18 10.97
N THR A 496 -24.93 4.94 10.74
CA THR A 496 -24.12 3.71 10.65
C THR A 496 -22.86 3.97 9.73
N ASN A 497 -21.71 3.72 10.37
CA ASN A 497 -20.37 3.82 9.79
C ASN A 497 -19.40 2.65 10.11
N CYS A 498 -18.25 2.70 9.42
CA CYS A 498 -17.09 1.86 9.66
C CYS A 498 -16.27 2.21 10.91
N LEU A 499 -16.46 3.37 11.59
CA LEU A 499 -15.77 3.65 12.88
C LEU A 499 -16.42 3.22 14.21
N THR A 500 -17.77 3.20 14.28
CA THR A 500 -18.46 2.56 15.42
C THR A 500 -19.26 1.31 15.03
N HIS A 501 -19.58 1.21 13.76
CA HIS A 501 -20.49 0.19 13.31
C HIS A 501 -21.81 0.31 14.01
N ASP A 502 -22.04 1.47 14.61
CA ASP A 502 -23.35 1.85 15.13
C ASP A 502 -23.92 3.17 14.56
N PRO A 503 -25.22 3.34 14.64
CA PRO A 503 -25.82 4.57 14.13
C PRO A 503 -25.56 5.77 15.09
N ILE A 504 -25.35 6.95 14.54
CA ILE A 504 -25.20 8.15 15.33
C ILE A 504 -26.56 8.58 15.91
N PRO A 505 -26.65 8.88 17.25
CA PRO A 505 -27.79 9.60 17.90
C PRO A 505 -28.31 10.82 17.18
N GLY A 506 -29.54 10.76 16.76
CA GLY A 506 -30.04 11.95 16.08
C GLY A 506 -29.82 12.13 14.56
N ALA A 507 -29.13 11.18 13.93
CA ALA A 507 -29.22 11.04 12.44
C ALA A 507 -30.45 10.22 11.97
N ASP A 508 -31.11 10.83 11.01
CA ASP A 508 -32.24 10.20 10.41
C ASP A 508 -32.62 11.03 9.15
N ALA A 509 -32.59 10.45 7.95
CA ALA A 509 -32.72 11.37 6.81
C ALA A 509 -34.14 11.34 6.25
N SER A 510 -35.07 10.98 7.18
CA SER A 510 -36.49 11.44 7.10
C SER A 510 -36.76 12.93 7.62
N LEU A 511 -36.01 13.34 8.63
CA LEU A 511 -35.86 14.78 8.91
C LEU A 511 -35.42 15.70 7.76
N PRO A 512 -36.07 16.86 7.65
CA PRO A 512 -35.93 17.78 6.51
C PRO A 512 -34.60 18.56 6.36
N ASP A 513 -33.80 18.70 7.44
CA ASP A 513 -32.36 19.13 7.27
C ASP A 513 -31.18 18.05 7.08
N GLN A 514 -31.52 16.72 7.01
CA GLN A 514 -30.62 15.57 6.77
C GLN A 514 -30.85 14.77 5.50
N LEU A 515 -29.91 14.89 4.54
CA LEU A 515 -29.99 14.11 3.26
C LEU A 515 -28.91 13.04 2.97
N THR A 516 -29.37 11.94 2.29
CA THR A 516 -28.53 10.82 1.81
C THR A 516 -28.17 11.15 0.43
N PRO A 517 -27.16 10.41 -0.02
CA PRO A 517 -26.61 10.53 -1.36
C PRO A 517 -27.61 10.19 -2.48
N GLU A 518 -28.61 9.40 -2.21
CA GLU A 518 -29.64 9.32 -3.19
C GLU A 518 -30.50 10.62 -3.26
N GLN A 519 -30.95 11.13 -2.10
CA GLN A 519 -31.83 12.30 -2.00
C GLN A 519 -31.22 13.47 -2.68
N VAL A 520 -29.97 13.73 -2.33
CA VAL A 520 -29.19 14.69 -3.05
C VAL A 520 -29.29 14.52 -4.53
N MET A 521 -28.95 13.33 -5.02
CA MET A 521 -28.81 13.13 -6.48
C MET A 521 -30.14 13.22 -7.16
N ASP A 522 -31.19 12.79 -6.48
CA ASP A 522 -32.51 12.96 -7.05
C ASP A 522 -32.91 14.40 -7.37
N GLY A 523 -32.37 15.34 -6.61
CA GLY A 523 -32.66 16.75 -6.83
C GLY A 523 -34.04 17.23 -6.31
N LYS A 524 -34.76 16.39 -5.50
CA LYS A 524 -36.11 16.70 -4.96
C LYS A 524 -35.99 17.51 -3.64
N LYS A 525 -35.49 16.80 -2.60
CA LYS A 525 -35.30 17.40 -1.24
C LYS A 525 -34.67 18.75 -1.43
N LYS A 526 -35.19 19.71 -0.68
CA LYS A 526 -34.63 21.07 -0.62
C LYS A 526 -33.37 21.17 0.37
N ILE A 527 -32.32 21.84 -0.11
CA ILE A 527 -31.10 21.90 0.65
C ILE A 527 -30.75 23.34 0.90
N GLY A 528 -30.65 23.65 2.20
CA GLY A 528 -30.31 24.96 2.80
C GLY A 528 -28.87 25.42 2.53
N LYS A 529 -28.60 26.71 2.80
CA LYS A 529 -27.36 27.41 2.31
C LYS A 529 -25.95 26.81 2.72
N ARG A 530 -25.76 26.71 4.03
CA ARG A 530 -24.61 26.09 4.65
C ARG A 530 -24.87 24.57 4.66
N VAL A 531 -23.89 23.84 4.10
CA VAL A 531 -23.87 22.38 4.14
C VAL A 531 -22.59 21.74 4.75
N VAL A 532 -22.85 20.85 5.67
CA VAL A 532 -21.86 19.85 6.11
C VAL A 532 -22.22 18.41 5.63
N ILE A 533 -21.17 17.85 4.95
CA ILE A 533 -21.05 16.43 4.58
C ILE A 533 -20.14 15.69 5.52
N LEU A 534 -20.75 14.67 6.14
CA LEU A 534 -20.24 13.91 7.26
C LEU A 534 -19.85 12.62 6.65
N ASN A 535 -18.54 12.44 6.47
CA ASN A 535 -18.00 11.39 5.63
C ASN A 535 -17.27 10.28 6.27
N ALA A 536 -17.68 9.09 5.90
CA ALA A 536 -17.00 7.90 6.33
C ALA A 536 -16.30 7.13 5.21
N ASP A 537 -16.29 7.66 4.02
CA ASP A 537 -16.02 6.77 2.92
C ASP A 537 -14.88 7.32 2.24
N THR A 538 -14.07 6.44 1.79
CA THR A 538 -12.82 6.89 1.32
C THR A 538 -12.73 7.02 -0.20
N TYR A 539 -13.85 6.72 -0.89
CA TYR A 539 -14.00 6.88 -2.36
C TYR A 539 -14.85 8.14 -2.78
N PHE A 540 -15.45 8.13 -3.96
CA PHE A 540 -15.62 9.43 -4.59
C PHE A 540 -16.91 10.08 -4.12
N MET A 541 -17.74 9.39 -3.31
CA MET A 541 -19.08 9.96 -3.06
C MET A 541 -19.06 11.34 -2.40
N ALA A 542 -18.59 11.40 -1.14
CA ALA A 542 -18.36 12.66 -0.50
C ALA A 542 -17.85 13.77 -1.47
N PRO A 543 -16.60 13.72 -1.88
CA PRO A 543 -16.03 14.79 -2.69
C PRO A 543 -16.88 15.09 -3.84
N SER A 544 -17.57 14.10 -4.34
CA SER A 544 -18.27 14.41 -5.55
C SER A 544 -19.39 15.39 -5.18
N LEU A 545 -20.06 15.07 -4.05
CA LEU A 545 -21.24 15.75 -3.59
C LEU A 545 -20.84 17.15 -3.23
N ALA A 546 -19.76 17.20 -2.46
CA ALA A 546 -19.17 18.48 -2.20
C ALA A 546 -19.14 19.25 -3.53
N GLU A 547 -18.57 18.68 -4.60
CA GLU A 547 -18.33 19.40 -5.86
C GLU A 547 -19.60 20.00 -6.37
N LYS A 548 -20.66 19.20 -6.32
CA LYS A 548 -21.97 19.51 -6.89
C LYS A 548 -22.62 20.60 -6.07
N LEU A 549 -22.67 20.42 -4.74
CA LEU A 549 -23.36 21.39 -3.89
C LEU A 549 -22.77 22.79 -3.96
N ALA A 550 -21.45 22.79 -4.00
CA ALA A 550 -20.68 23.97 -3.99
C ALA A 550 -21.02 24.66 -5.23
N THR A 551 -20.97 23.91 -6.33
CA THR A 551 -21.21 24.50 -7.67
C THR A 551 -22.72 24.82 -7.84
N ALA A 552 -23.50 24.35 -6.84
CA ALA A 552 -24.89 24.79 -6.60
C ALA A 552 -24.88 25.95 -5.66
N GLY A 553 -23.67 26.36 -5.25
CA GLY A 553 -23.50 27.56 -4.46
C GLY A 553 -23.94 27.50 -2.99
N HIS A 554 -24.22 26.32 -2.41
CA HIS A 554 -24.21 26.24 -0.94
C HIS A 554 -22.81 26.48 -0.36
N GLU A 555 -22.75 26.52 0.97
CA GLU A 555 -21.49 26.81 1.64
C GLU A 555 -21.02 25.53 2.29
N VAL A 556 -19.85 25.05 1.83
CA VAL A 556 -19.45 23.66 2.06
C VAL A 556 -18.22 23.22 2.95
N THR A 557 -18.58 22.52 4.04
CA THR A 557 -17.69 21.83 5.01
C THR A 557 -17.88 20.28 5.01
N ILE A 558 -16.75 19.65 4.61
CA ILE A 558 -16.51 18.23 4.79
C ILE A 558 -15.86 17.96 6.11
N VAL A 559 -16.58 17.11 6.84
CA VAL A 559 -16.16 16.50 8.09
C VAL A 559 -15.91 15.10 7.72
N SER A 560 -14.71 14.70 8.03
CA SER A 560 -14.36 13.40 7.68
C SER A 560 -13.55 12.75 8.77
N GLY A 561 -14.00 11.53 9.06
CA GLY A 561 -13.54 10.67 10.13
C GLY A 561 -12.67 9.56 9.56
N VAL A 562 -12.21 9.81 8.33
CA VAL A 562 -11.35 8.94 7.58
C VAL A 562 -10.73 9.92 6.68
N HIS A 563 -9.98 9.41 5.74
CA HIS A 563 -9.03 10.21 5.03
C HIS A 563 -9.80 10.39 3.79
N LEU A 564 -9.90 11.60 3.31
CA LEU A 564 -10.93 11.81 2.30
C LEU A 564 -10.32 11.54 0.96
N ALA A 565 -11.11 10.80 0.18
CA ALA A 565 -10.75 10.49 -1.17
C ALA A 565 -9.55 9.64 -1.24
N ASN A 566 -9.32 8.79 -0.24
CA ASN A 566 -8.07 8.03 -0.18
C ASN A 566 -7.97 7.22 -1.44
N TYR A 567 -9.06 6.53 -1.75
CA TYR A 567 -9.01 5.79 -2.98
C TYR A 567 -8.50 6.62 -4.13
N MET A 568 -8.84 7.89 -4.15
CA MET A 568 -8.68 8.63 -5.38
C MET A 568 -7.27 8.88 -5.57
N HIS A 569 -6.58 8.96 -4.46
CA HIS A 569 -5.17 8.91 -4.55
C HIS A 569 -4.87 7.92 -5.69
N PHE A 570 -5.42 6.66 -5.61
CA PHE A 570 -4.97 5.48 -6.39
C PHE A 570 -5.61 5.31 -7.74
N THR A 571 -6.50 6.21 -8.06
CA THR A 571 -7.05 6.30 -9.39
C THR A 571 -6.32 7.41 -10.16
N LEU A 572 -5.47 8.16 -9.43
CA LEU A 572 -4.76 9.36 -9.94
C LEU A 572 -5.68 10.66 -10.13
N GLU A 573 -7.00 10.44 -9.90
CA GLU A 573 -7.94 11.48 -9.47
C GLU A 573 -7.53 12.47 -8.34
N TYR A 574 -6.66 12.18 -7.41
CA TYR A 574 -6.67 12.99 -6.17
C TYR A 574 -6.27 14.44 -6.31
N PRO A 575 -5.24 14.69 -7.08
CA PRO A 575 -4.73 16.08 -7.09
C PRO A 575 -5.81 17.02 -7.74
N ASN A 576 -6.09 16.85 -9.00
CA ASN A 576 -7.16 17.62 -9.50
C ASN A 576 -8.45 17.52 -8.77
N MET A 577 -8.72 16.55 -7.95
CA MET A 577 -10.00 16.59 -7.21
C MET A 577 -9.83 17.47 -5.99
N MET A 578 -8.61 17.52 -5.51
CA MET A 578 -8.35 18.49 -4.47
C MET A 578 -8.45 20.02 -5.00
N ARG A 579 -7.66 20.35 -6.05
CA ARG A 579 -7.58 21.71 -6.57
C ARG A 579 -8.96 22.10 -6.90
N ARG A 580 -9.77 21.19 -7.41
CA ARG A 580 -11.19 21.46 -7.55
C ARG A 580 -11.83 21.69 -6.22
N LEU A 581 -11.70 20.85 -5.25
CA LEU A 581 -12.40 21.27 -4.06
C LEU A 581 -11.99 22.62 -3.50
N HIS A 582 -10.68 22.90 -3.68
CA HIS A 582 -10.01 24.22 -3.44
C HIS A 582 -10.76 25.29 -4.28
N GLU A 583 -10.47 25.43 -5.56
CA GLU A 583 -11.25 26.40 -6.33
C GLU A 583 -12.70 26.59 -5.96
N LEU A 584 -13.39 25.56 -5.61
CA LEU A 584 -14.74 25.83 -5.18
C LEU A 584 -14.92 26.23 -3.71
N HIS A 585 -13.84 26.66 -3.07
CA HIS A 585 -13.91 27.05 -1.68
C HIS A 585 -14.72 26.05 -0.84
N VAL A 586 -14.26 24.79 -0.88
CA VAL A 586 -14.86 23.75 -0.06
C VAL A 586 -14.06 23.46 1.16
N GLU A 587 -14.72 23.57 2.34
CA GLU A 587 -14.08 23.51 3.67
C GLU A 587 -13.85 22.07 4.14
N GLU A 588 -12.59 21.79 4.55
CA GLU A 588 -12.20 20.43 5.01
C GLU A 588 -11.84 20.28 6.51
N LEU A 589 -12.66 19.52 7.23
CA LEU A 589 -12.37 19.19 8.62
C LEU A 589 -12.05 17.70 8.88
N GLY A 590 -10.76 17.36 8.85
CA GLY A 590 -10.38 15.95 8.79
C GLY A 590 -10.08 15.46 10.18
N ASP A 591 -10.18 14.15 10.37
CA ASP A 591 -9.81 13.54 11.63
C ASP A 591 -10.81 13.97 12.59
N HIS A 592 -11.99 14.25 12.03
CA HIS A 592 -13.18 14.67 12.79
C HIS A 592 -14.40 13.76 12.57
N PHE A 593 -14.77 12.96 13.60
CA PHE A 593 -16.02 12.19 13.57
C PHE A 593 -17.15 12.89 14.40
N CYS A 594 -18.36 12.34 14.51
CA CYS A 594 -19.46 13.04 15.16
C CYS A 594 -20.19 12.12 16.08
N SER A 595 -20.71 12.66 17.18
CA SER A 595 -21.29 11.84 18.26
C SER A 595 -22.74 12.07 18.55
N ARG A 596 -23.20 13.21 18.02
CA ARG A 596 -24.58 13.68 18.14
C ARG A 596 -24.97 14.73 17.08
N ILE A 597 -26.12 14.44 16.45
CA ILE A 597 -26.88 15.37 15.65
C ILE A 597 -28.11 15.78 16.42
N GLU A 598 -28.30 17.10 16.39
CA GLU A 598 -29.53 17.86 16.67
C GLU A 598 -29.98 18.54 15.38
N PRO A 599 -31.26 18.92 15.32
CA PRO A 599 -31.69 19.91 14.27
C PRO A 599 -30.76 21.24 14.24
N GLY A 600 -30.63 21.98 13.09
CA GLY A 600 -29.49 22.88 12.78
C GLY A 600 -28.01 22.62 13.23
N ARG A 601 -27.71 21.56 14.03
CA ARG A 601 -26.39 21.43 14.70
C ARG A 601 -25.91 19.95 14.94
N MET A 602 -24.57 19.69 14.82
CA MET A 602 -23.93 18.38 15.19
C MET A 602 -22.74 18.51 16.08
N GLU A 603 -22.56 17.48 16.89
CA GLU A 603 -21.46 17.43 17.82
C GLU A 603 -20.31 16.60 17.23
N ILE A 604 -19.23 17.24 16.73
CA ILE A 604 -18.07 16.52 16.19
C ILE A 604 -16.81 16.50 17.10
N TYR A 605 -15.86 15.61 16.87
CA TYR A 605 -14.75 15.41 17.83
C TYR A 605 -13.56 14.99 17.03
N ASN A 606 -12.35 15.34 17.51
CA ASN A 606 -11.01 15.00 16.92
C ASN A 606 -10.65 13.53 17.29
N ILE A 607 -10.31 12.73 16.31
CA ILE A 607 -10.23 11.31 16.52
C ILE A 607 -8.90 11.02 17.22
N TRP A 608 -8.13 12.10 17.33
CA TRP A 608 -6.90 11.96 18.07
C TRP A 608 -6.95 12.76 19.44
N GLY A 609 -8.20 13.04 19.84
CA GLY A 609 -8.49 13.64 21.14
C GLY A 609 -8.13 12.73 22.31
N ASP A 610 -8.25 11.38 22.19
CA ASP A 610 -8.04 10.60 23.42
C ASP A 610 -6.61 10.82 23.91
N GLY A 611 -6.34 10.51 25.14
CA GLY A 611 -4.96 10.54 25.56
C GLY A 611 -4.04 9.43 25.00
N SER A 612 -2.76 9.78 25.09
CA SER A 612 -1.68 9.00 24.61
C SER A 612 -1.27 7.88 25.61
N LYS A 613 -1.52 8.07 26.90
CA LYS A 613 -0.98 7.04 27.84
C LYS A 613 -1.93 5.96 28.31
N ARG A 614 -1.72 4.76 27.79
CA ARG A 614 -2.63 3.67 28.05
C ARG A 614 -2.32 2.96 29.31
N THR A 615 -3.11 3.21 30.35
CA THR A 615 -2.93 2.41 31.53
C THR A 615 -4.06 1.40 31.73
N TYR A 616 -3.81 0.22 32.33
CA TYR A 616 -4.91 -0.64 32.84
C TYR A 616 -5.68 0.13 33.86
N ARG A 617 -6.99 0.26 33.64
CA ARG A 617 -7.81 1.06 34.58
C ARG A 617 -9.01 0.26 35.17
N GLY A 618 -8.93 -1.08 35.11
CA GLY A 618 -10.04 -1.89 35.54
C GLY A 618 -11.17 -1.73 34.55
N PRO A 619 -12.14 -2.61 34.72
CA PRO A 619 -13.27 -2.73 33.76
C PRO A 619 -14.20 -1.53 33.78
N GLY A 620 -14.82 -1.23 32.64
CA GLY A 620 -15.86 -0.22 32.57
C GLY A 620 -15.37 1.21 32.48
N VAL A 621 -14.06 1.42 32.47
CA VAL A 621 -13.51 2.77 32.18
C VAL A 621 -12.44 2.81 30.96
N SER A 622 -12.47 3.88 30.18
CA SER A 622 -11.41 4.15 29.18
C SER A 622 -9.94 4.08 29.68
N PRO A 623 -9.01 3.45 28.95
CA PRO A 623 -7.68 3.25 29.49
C PRO A 623 -6.81 4.32 28.95
N ARG A 624 -7.42 5.26 28.29
CA ARG A 624 -6.69 6.48 28.01
C ARG A 624 -7.44 7.58 28.70
N ASP A 625 -6.87 8.78 28.82
CA ASP A 625 -7.60 9.96 29.28
C ASP A 625 -8.65 10.35 28.34
N ALA A 626 -9.84 10.65 28.83
CA ALA A 626 -10.93 10.77 27.86
C ALA A 626 -10.91 11.99 26.87
N ASN A 627 -11.69 11.85 25.80
CA ASN A 627 -11.64 12.83 24.73
C ASN A 627 -12.43 14.07 25.01
N THR A 628 -11.72 15.17 25.22
CA THR A 628 -12.40 16.43 25.56
C THR A 628 -12.49 17.43 24.42
N SER A 629 -12.76 16.97 23.22
CA SER A 629 -12.56 17.86 22.08
C SER A 629 -13.96 18.16 21.44
N HIS A 630 -14.95 17.40 21.88
CA HIS A 630 -16.25 17.54 21.30
C HIS A 630 -16.51 19.04 21.17
N ARG A 631 -17.27 19.47 20.15
CA ARG A 631 -17.69 20.90 19.96
C ARG A 631 -18.81 21.05 18.90
N TRP A 632 -19.68 22.04 19.03
CA TRP A 632 -20.84 22.04 18.14
C TRP A 632 -20.64 22.95 16.96
N ILE A 633 -21.03 22.40 15.83
CA ILE A 633 -21.14 23.17 14.60
C ILE A 633 -22.60 23.15 13.99
N GLU A 634 -22.85 24.25 13.34
CA GLU A 634 -24.09 24.42 12.62
C GLU A 634 -24.06 24.01 11.12
N PHE A 635 -25.27 23.79 10.60
CA PHE A 635 -25.55 23.55 9.18
C PHE A 635 -26.98 23.92 8.84
N ASP A 636 -27.20 24.27 7.60
CA ASP A 636 -28.59 24.24 7.17
C ASP A 636 -29.02 22.81 6.84
N SER A 637 -28.24 22.17 5.98
CA SER A 637 -28.57 20.82 5.65
C SER A 637 -27.29 19.91 5.70
N LEU A 638 -27.52 18.78 6.36
CA LEU A 638 -26.54 17.69 6.60
C LEU A 638 -26.65 16.57 5.60
N VAL A 639 -25.49 16.30 4.98
CA VAL A 639 -25.40 15.24 3.99
C VAL A 639 -24.67 14.00 4.56
N LEU A 640 -25.41 12.96 4.97
CA LEU A 640 -24.75 11.68 5.37
C LEU A 640 -24.04 10.81 4.29
N VAL A 641 -22.74 10.67 4.40
CA VAL A 641 -22.00 9.81 3.48
C VAL A 641 -21.33 8.83 4.48
N THR A 642 -22.03 7.90 5.10
CA THR A 642 -21.32 7.26 6.23
C THR A 642 -21.07 5.82 6.13
N GLY A 643 -21.64 5.18 5.10
CA GLY A 643 -21.56 3.74 4.82
C GLY A 643 -22.64 3.20 3.87
N ARG A 644 -22.69 1.93 3.63
CA ARG A 644 -23.82 1.46 2.87
C ARG A 644 -24.09 0.07 3.27
N HIS A 645 -25.27 -0.38 2.90
CA HIS A 645 -25.75 -1.68 3.37
C HIS A 645 -26.49 -2.31 2.27
N SER A 646 -26.74 -3.58 2.45
CA SER A 646 -27.13 -4.43 1.37
C SER A 646 -28.65 -4.54 1.33
N GLU A 647 -29.28 -4.49 0.16
CA GLU A 647 -30.73 -4.55 0.08
C GLU A 647 -31.23 -5.90 0.06
N CYS A 648 -31.28 -6.55 1.18
CA CYS A 648 -31.24 -7.97 0.91
C CYS A 648 -32.53 -8.71 1.26
N THR A 649 -33.53 -7.82 1.30
CA THR A 649 -34.81 -7.97 1.98
C THR A 649 -35.53 -9.16 1.28
N LEU A 650 -35.53 -9.06 -0.02
CA LEU A 650 -36.22 -10.03 -0.79
C LEU A 650 -35.55 -11.40 -0.54
N TRP A 651 -34.27 -11.30 -0.22
CA TRP A 651 -33.43 -12.46 -0.28
C TRP A 651 -33.57 -13.11 0.99
N ASN A 652 -33.73 -12.27 2.05
CA ASN A 652 -33.96 -12.83 3.43
C ASN A 652 -35.33 -13.45 3.48
N GLU A 653 -36.26 -12.82 2.74
CA GLU A 653 -37.55 -13.42 2.49
C GLU A 653 -37.48 -14.77 1.73
N LEU A 654 -36.84 -14.83 0.56
CA LEU A 654 -36.85 -16.11 -0.21
C LEU A 654 -36.22 -17.26 0.43
N LYS A 655 -35.50 -17.00 1.50
CA LYS A 655 -34.61 -17.99 2.06
C LYS A 655 -35.19 -18.43 3.37
N ALA A 656 -36.04 -17.55 3.90
CA ALA A 656 -36.89 -17.96 4.98
C ALA A 656 -37.79 -19.08 4.43
N ARG A 657 -38.06 -19.05 3.13
CA ARG A 657 -39.04 -19.96 2.52
C ARG A 657 -38.34 -20.95 1.60
N GLU A 658 -37.07 -21.17 1.90
CA GLU A 658 -36.26 -21.99 1.02
C GLU A 658 -36.91 -23.26 0.96
N SER A 659 -37.47 -23.69 2.08
CA SER A 659 -38.36 -24.86 2.14
C SER A 659 -39.31 -25.01 0.86
N GLU A 660 -40.03 -23.95 0.50
CA GLU A 660 -40.94 -24.11 -0.62
C GLU A 660 -40.35 -23.94 -2.07
N TRP A 661 -39.01 -24.04 -2.26
CA TRP A 661 -38.35 -23.81 -3.61
C TRP A 661 -38.47 -25.06 -4.46
N ALA A 662 -38.09 -26.14 -3.82
CA ALA A 662 -38.24 -27.34 -4.57
C ALA A 662 -39.72 -27.52 -5.04
N GLU A 663 -40.72 -27.21 -4.15
CA GLU A 663 -42.14 -27.42 -4.53
C GLU A 663 -42.45 -26.70 -5.86
N ASN A 664 -41.70 -25.59 -6.07
CA ASN A 664 -41.97 -24.46 -7.04
C ASN A 664 -41.07 -24.52 -8.27
N ASP A 665 -40.20 -25.51 -8.17
CA ASP A 665 -39.40 -26.02 -9.27
C ASP A 665 -38.15 -25.17 -9.43
N ILE A 666 -37.82 -24.51 -8.29
CA ILE A 666 -36.61 -23.68 -8.13
C ILE A 666 -35.36 -24.48 -7.61
N LYS A 667 -34.39 -24.80 -8.49
CA LYS A 667 -33.15 -25.51 -8.12
C LYS A 667 -32.15 -24.63 -7.29
N GLY A 668 -32.38 -23.33 -7.27
CA GLY A 668 -31.57 -22.43 -6.46
C GLY A 668 -31.80 -20.92 -6.67
N ILE A 669 -31.36 -20.23 -5.65
CA ILE A 669 -31.33 -18.78 -5.65
C ILE A 669 -29.94 -18.18 -5.26
N TYR A 670 -29.37 -17.35 -6.10
CA TYR A 670 -28.08 -16.87 -5.74
C TYR A 670 -28.11 -15.42 -5.70
N LEU A 671 -27.44 -14.93 -4.67
CA LEU A 671 -27.25 -13.55 -4.38
C LEU A 671 -25.91 -13.00 -4.84
N ILE A 672 -25.94 -11.86 -5.58
CA ILE A 672 -24.81 -11.05 -6.20
C ILE A 672 -24.79 -9.47 -6.10
N GLY A 673 -23.65 -8.88 -6.47
CA GLY A 673 -23.59 -7.43 -6.62
C GLY A 673 -23.60 -6.85 -5.23
N ASP A 674 -24.11 -5.63 -5.08
CA ASP A 674 -24.10 -4.88 -3.79
C ASP A 674 -24.97 -5.56 -2.70
N ALA A 675 -25.93 -6.35 -3.15
CA ALA A 675 -26.89 -6.95 -2.26
C ALA A 675 -26.26 -8.02 -1.45
N GLU A 676 -25.20 -8.58 -1.97
CA GLU A 676 -24.55 -9.59 -1.20
C GLU A 676 -23.63 -8.84 -0.22
N ALA A 677 -23.15 -7.72 -0.70
CA ALA A 677 -22.27 -6.92 0.10
C ALA A 677 -21.81 -5.75 -0.80
N PRO A 678 -21.74 -4.56 -0.24
CA PRO A 678 -21.35 -3.32 -0.94
C PRO A 678 -19.95 -3.25 -1.62
N ARG A 679 -19.83 -3.18 -2.96
CA ARG A 679 -18.53 -3.29 -3.71
C ARG A 679 -18.38 -2.30 -4.88
N LEU A 680 -17.12 -2.02 -5.25
CA LEU A 680 -16.81 -1.10 -6.36
C LEU A 680 -17.82 -1.45 -7.44
N ILE A 681 -17.76 -0.79 -8.59
CA ILE A 681 -18.66 -1.22 -9.62
C ILE A 681 -18.05 -2.38 -10.33
N ALA A 682 -16.76 -2.24 -10.54
CA ALA A 682 -15.96 -3.31 -11.09
C ALA A 682 -16.54 -4.53 -10.51
N ASP A 683 -16.32 -4.66 -9.19
CA ASP A 683 -16.60 -5.88 -8.44
C ASP A 683 -18.03 -6.25 -8.56
N ALA A 684 -18.91 -5.25 -8.41
CA ALA A 684 -20.28 -5.66 -8.49
C ALA A 684 -20.45 -6.31 -9.82
N THR A 685 -19.78 -5.81 -10.86
CA THR A 685 -19.96 -6.40 -12.18
C THR A 685 -19.33 -7.74 -12.31
N PHE A 686 -18.35 -7.99 -11.47
CA PHE A 686 -17.63 -9.21 -11.60
C PHE A 686 -18.57 -10.14 -10.98
N THR A 687 -19.20 -9.80 -9.87
CA THR A 687 -20.03 -10.86 -9.28
C THR A 687 -21.02 -11.54 -10.19
N GLY A 688 -21.46 -10.79 -11.17
CA GLY A 688 -22.50 -11.25 -12.05
C GLY A 688 -21.81 -11.95 -13.14
N HIS A 689 -20.59 -11.55 -13.44
CA HIS A 689 -19.84 -12.25 -14.45
C HIS A 689 -19.68 -13.65 -13.91
N ARG A 690 -19.31 -13.71 -12.64
CA ARG A 690 -19.05 -14.99 -12.02
C ARG A 690 -20.33 -15.88 -11.93
N VAL A 691 -21.38 -15.56 -11.17
CA VAL A 691 -22.48 -16.55 -11.13
C VAL A 691 -22.89 -17.03 -12.47
N ALA A 692 -22.80 -16.21 -13.54
CA ALA A 692 -23.04 -16.72 -14.94
C ALA A 692 -22.07 -17.73 -15.30
N ARG A 693 -20.87 -17.28 -15.54
CA ARG A 693 -19.99 -18.29 -15.96
C ARG A 693 -20.32 -19.53 -15.20
N GLU A 694 -20.46 -19.46 -13.88
CA GLU A 694 -20.48 -20.66 -13.06
C GLU A 694 -21.91 -21.20 -12.72
N ILE A 695 -22.91 -20.89 -13.56
CA ILE A 695 -24.33 -21.10 -13.18
C ILE A 695 -24.64 -22.56 -12.91
N GLU A 696 -23.74 -23.39 -13.42
CA GLU A 696 -23.82 -24.86 -13.47
C GLU A 696 -22.98 -25.67 -12.44
N GLU A 697 -22.31 -24.97 -11.49
CA GLU A 697 -21.53 -25.72 -10.49
C GLU A 697 -22.35 -25.90 -9.27
N ALA A 698 -21.69 -26.62 -8.36
CA ALA A 698 -22.19 -27.07 -7.07
C ALA A 698 -23.11 -26.09 -6.55
N ASN A 699 -22.45 -25.03 -6.08
CA ASN A 699 -22.93 -23.84 -5.34
C ASN A 699 -22.41 -22.69 -6.24
N PRO A 700 -23.28 -22.10 -7.03
CA PRO A 700 -22.94 -20.85 -7.70
C PRO A 700 -22.58 -19.84 -6.65
N GLN A 701 -23.29 -19.85 -5.57
CA GLN A 701 -23.16 -18.69 -4.77
C GLN A 701 -21.70 -18.42 -4.41
N ILE A 702 -20.81 -19.37 -4.66
CA ILE A 702 -19.37 -19.37 -4.25
C ILE A 702 -18.37 -19.71 -5.41
N ALA A 703 -17.33 -18.93 -5.60
CA ALA A 703 -16.57 -19.17 -6.79
C ALA A 703 -15.77 -20.47 -6.78
N ILE A 704 -15.61 -21.09 -7.95
CA ILE A 704 -14.59 -22.18 -8.08
C ILE A 704 -13.15 -21.70 -8.02
N PRO A 705 -12.24 -22.62 -7.63
CA PRO A 705 -10.80 -22.31 -7.56
C PRO A 705 -10.28 -21.86 -8.92
N TYR A 706 -9.28 -21.02 -8.92
CA TYR A 706 -8.76 -20.50 -10.16
C TYR A 706 -7.40 -20.91 -10.04
N LYS A 707 -6.66 -20.83 -11.12
CA LYS A 707 -5.30 -21.31 -11.06
C LYS A 707 -4.47 -20.28 -10.24
N ARG A 708 -3.54 -20.68 -9.39
CA ARG A 708 -2.73 -19.61 -8.81
C ARG A 708 -1.35 -19.72 -9.37
N GLU A 709 -0.67 -18.54 -9.48
CA GLU A 709 0.79 -18.33 -9.92
C GLU A 709 1.89 -18.14 -8.85
N THR A 710 1.99 -19.12 -7.97
CA THR A 710 2.91 -19.14 -6.86
C THR A 710 3.92 -20.32 -7.03
N ILE A 711 5.13 -20.16 -6.47
CA ILE A 711 6.15 -21.15 -6.76
C ILE A 711 6.05 -22.48 -6.06
N ALA A 712 6.38 -23.55 -6.72
CA ALA A 712 6.24 -24.79 -6.02
C ALA A 712 7.54 -25.30 -5.51
N TRP A 713 7.51 -25.77 -4.27
CA TRP A 713 8.78 -25.98 -3.57
C TRP A 713 9.58 -26.97 -4.27
N GLY A 714 10.87 -26.77 -4.25
CA GLY A 714 11.70 -27.64 -4.99
C GLY A 714 11.71 -27.32 -6.46
N THR A 715 11.11 -26.22 -6.89
CA THR A 715 11.38 -25.81 -8.25
C THR A 715 12.07 -24.50 -8.32
N PRO A 716 13.27 -24.43 -8.78
CA PRO A 716 13.94 -23.13 -8.82
C PRO A 716 13.48 -22.14 -9.88
N HIS A 717 13.35 -20.88 -9.49
CA HIS A 717 13.13 -19.90 -10.52
C HIS A 717 14.27 -19.96 -11.55
N MET A 718 15.50 -20.06 -11.05
CA MET A 718 16.68 -20.01 -11.88
C MET A 718 16.77 -21.30 -12.63
N PRO A 719 17.07 -21.26 -13.95
CA PRO A 719 17.38 -22.51 -14.66
C PRO A 719 18.60 -23.20 -14.08
N GLY A 720 18.31 -24.36 -13.50
CA GLY A 720 19.31 -25.31 -13.08
C GLY A 720 19.96 -24.77 -11.85
N GLY A 721 19.17 -24.06 -11.01
CA GLY A 721 19.72 -23.46 -9.76
C GLY A 721 19.55 -24.32 -8.52
N ASN A 722 19.98 -23.85 -7.33
CA ASN A 722 19.65 -24.68 -6.16
C ASN A 722 18.44 -24.21 -5.30
N PHE A 723 17.38 -25.03 -5.25
CA PHE A 723 16.28 -24.60 -4.44
C PHE A 723 16.56 -24.70 -2.95
N LYS A 724 17.49 -25.56 -2.56
CA LYS A 724 17.63 -25.91 -1.15
C LYS A 724 18.30 -24.81 -0.38
N ILE A 725 17.90 -24.55 0.85
CA ILE A 725 18.77 -23.71 1.69
C ILE A 725 20.31 -23.96 1.47
N GLU A 726 21.10 -22.92 1.23
CA GLU A 726 22.53 -23.17 1.37
C GLU A 726 23.34 -22.05 2.06
N TYR A 727 23.66 -22.13 3.35
CA TYR A 727 24.26 -20.91 3.91
C TYR A 727 25.62 -20.71 3.49
N LYS A 728 25.99 -19.44 3.41
CA LYS A 728 27.35 -19.09 3.11
C LYS A 728 28.22 -18.99 4.33
N VAL A 729 29.28 -19.77 4.28
CA VAL A 729 30.11 -20.01 5.44
C VAL A 729 31.59 -19.99 5.00
N ALA B 1 29.05 -18.78 32.19
CA ALA B 1 28.07 -19.80 32.77
C ALA B 1 26.62 -19.31 32.78
N ARG B 2 25.67 -20.18 32.35
CA ARG B 2 24.25 -19.97 32.72
C ARG B 2 23.93 -19.70 34.25
N ASP B 3 23.63 -18.43 34.59
CA ASP B 3 22.98 -18.13 35.87
C ASP B 3 21.83 -19.12 36.09
N PRO B 4 21.77 -19.76 37.26
CA PRO B 4 20.93 -20.95 37.45
C PRO B 4 19.58 -20.50 37.82
N LYS B 5 19.40 -19.23 38.14
CA LYS B 5 18.03 -18.81 38.25
C LYS B 5 17.21 -19.00 36.94
N HIS B 6 17.84 -18.77 35.76
CA HIS B 6 17.31 -19.09 34.39
C HIS B 6 17.10 -20.58 33.96
N ASP B 7 17.64 -21.55 34.70
CA ASP B 7 17.28 -22.96 34.54
C ASP B 7 15.73 -23.13 34.30
N ILE B 8 15.01 -22.26 35.02
CA ILE B 8 13.61 -22.43 35.07
C ILE B 8 13.26 -22.34 33.62
N LEU B 9 13.95 -21.48 32.92
CA LEU B 9 13.59 -21.40 31.57
C LEU B 9 13.90 -22.63 30.76
N PHE B 10 14.68 -23.61 31.18
CA PHE B 10 14.75 -24.71 30.22
C PHE B 10 14.00 -26.00 30.51
N GLU B 11 12.99 -25.86 31.33
CA GLU B 11 12.08 -26.92 31.72
C GLU B 11 10.96 -27.22 30.79
N PRO B 12 10.82 -28.46 30.29
CA PRO B 12 9.81 -28.74 29.26
C PRO B 12 8.49 -28.18 29.72
N ILE B 13 7.51 -28.19 28.82
CA ILE B 13 6.10 -28.19 29.21
C ILE B 13 5.19 -28.97 28.22
N GLN B 14 4.30 -29.77 28.84
CA GLN B 14 3.06 -30.32 28.27
C GLN B 14 1.96 -29.31 27.69
N ILE B 15 1.72 -29.41 26.35
CA ILE B 15 0.59 -28.76 25.69
C ILE B 15 -0.24 -29.77 24.87
N GLY B 16 -1.32 -30.19 25.50
CA GLY B 16 -2.07 -31.33 25.03
C GLY B 16 -1.12 -32.45 24.71
N PRO B 17 -1.42 -33.05 23.59
CA PRO B 17 -0.61 -34.15 23.09
C PRO B 17 0.73 -33.69 22.64
N LYS B 18 1.13 -32.49 22.96
CA LYS B 18 2.41 -32.08 22.44
C LYS B 18 3.44 -31.60 23.55
N THR B 19 4.76 -31.80 23.40
CA THR B 19 5.71 -31.27 24.42
C THR B 19 6.81 -30.33 23.98
N LEU B 20 6.72 -29.12 24.58
CA LEU B 20 7.60 -27.99 24.34
C LEU B 20 8.86 -28.24 25.10
N ARG B 21 10.00 -28.36 24.43
CA ARG B 21 11.31 -28.64 25.14
C ARG B 21 11.61 -27.59 26.27
N ASN B 22 11.15 -26.35 26.02
CA ASN B 22 11.47 -25.23 26.84
C ASN B 22 10.55 -24.13 26.55
N ARG B 23 10.85 -23.07 27.24
CA ARG B 23 9.86 -22.03 27.52
C ARG B 23 9.83 -20.92 26.47
N PHE B 24 10.73 -21.03 25.52
CA PHE B 24 10.94 -19.99 24.59
C PHE B 24 10.14 -20.24 23.36
N TYR B 25 9.10 -19.42 23.11
CA TYR B 25 8.08 -19.71 22.05
C TYR B 25 7.92 -18.55 21.08
N GLN B 26 7.89 -18.86 19.79
CA GLN B 26 7.91 -17.82 18.79
C GLN B 26 6.51 -17.80 18.43
N VAL B 27 5.77 -16.75 18.70
CA VAL B 27 4.35 -16.83 18.37
C VAL B 27 4.09 -16.70 16.86
N PRO B 28 2.88 -16.82 16.33
CA PRO B 28 2.69 -16.49 14.95
C PRO B 28 3.05 -15.02 14.72
N HIS B 29 3.83 -14.77 13.66
CA HIS B 29 4.02 -13.40 13.16
C HIS B 29 4.43 -13.40 11.66
N CYS B 30 4.02 -12.38 10.90
CA CYS B 30 4.28 -12.31 9.47
C CYS B 30 5.71 -12.02 9.29
N ILE B 31 6.18 -12.23 8.06
CA ILE B 31 7.57 -12.00 7.71
C ILE B 31 7.69 -11.65 6.25
N GLY B 32 6.60 -11.78 5.52
CA GLY B 32 6.67 -11.46 4.11
C GLY B 32 6.98 -12.68 3.28
N ALA B 33 6.41 -13.81 3.73
CA ALA B 33 6.78 -15.20 3.35
C ALA B 33 5.66 -16.08 2.96
N GLY B 34 4.88 -16.38 3.98
CA GLY B 34 3.58 -16.98 3.79
C GLY B 34 3.70 -18.38 3.22
N SER B 35 2.86 -18.73 2.26
CA SER B 35 3.12 -19.94 1.52
C SER B 35 3.85 -19.62 0.26
N ASP B 36 4.13 -18.37 0.03
CA ASP B 36 4.58 -17.98 -1.27
C ASP B 36 6.06 -17.97 -1.38
N LYS B 37 6.77 -17.90 -0.24
CA LYS B 37 8.23 -17.84 -0.28
C LYS B 37 8.76 -18.97 0.58
N PRO B 38 8.67 -20.19 0.08
CA PRO B 38 8.89 -21.37 0.91
C PRO B 38 10.31 -21.54 1.30
N GLY B 39 11.25 -21.18 0.45
CA GLY B 39 12.60 -20.96 0.94
C GLY B 39 12.67 -20.15 2.24
N PHE B 40 12.30 -18.88 2.07
CA PHE B 40 12.48 -17.84 3.05
C PHE B 40 11.74 -18.21 4.33
N GLN B 41 10.49 -18.67 4.21
CA GLN B 41 9.70 -19.19 5.33
C GLN B 41 10.36 -20.29 6.20
N SER B 42 10.78 -21.36 5.54
CA SER B 42 11.57 -22.42 6.17
C SER B 42 12.87 -21.78 6.81
N ALA B 43 13.72 -21.19 5.98
CA ALA B 43 14.95 -20.85 6.60
C ALA B 43 14.70 -19.98 7.83
N HIS B 44 13.91 -18.95 7.73
CA HIS B 44 14.00 -18.00 8.78
C HIS B 44 13.45 -18.57 10.02
N ARG B 45 12.49 -19.50 9.96
CA ARG B 45 12.06 -20.06 11.25
C ARG B 45 13.06 -21.12 11.71
N SER B 46 13.69 -21.90 10.78
CA SER B 46 14.55 -23.05 11.15
C SER B 46 15.83 -22.64 11.88
N VAL B 47 16.39 -21.51 11.48
CA VAL B 47 17.42 -20.96 12.31
C VAL B 47 16.91 -20.71 13.71
N LYS B 48 15.71 -20.19 13.90
CA LYS B 48 15.24 -20.01 15.29
C LYS B 48 15.05 -21.36 16.03
N ALA B 49 14.66 -22.42 15.28
CA ALA B 49 14.73 -23.89 15.65
C ALA B 49 16.07 -24.35 16.22
N GLU B 50 17.04 -24.34 15.28
CA GLU B 50 18.45 -24.45 15.56
C GLU B 50 18.89 -23.49 16.66
N GLY B 51 18.42 -22.24 16.64
CA GLY B 51 18.59 -21.31 17.75
C GLY B 51 17.95 -21.74 19.07
N GLY B 52 17.01 -22.69 19.00
CA GLY B 52 16.54 -23.34 20.19
C GLY B 52 15.28 -22.73 20.70
N TRP B 53 14.53 -22.12 19.82
CA TRP B 53 13.25 -21.71 20.35
C TRP B 53 12.61 -23.05 20.28
N ALA B 54 11.56 -23.21 21.09
CA ALA B 54 10.75 -24.44 21.26
C ALA B 54 9.75 -24.65 20.07
N ALA B 55 8.83 -23.71 19.92
CA ALA B 55 7.92 -23.82 18.83
C ALA B 55 7.92 -22.57 17.95
N LEU B 56 7.79 -22.83 16.66
CA LEU B 56 7.84 -21.79 15.70
C LEU B 56 6.57 -21.90 14.98
N ASN B 57 6.02 -20.75 14.67
CA ASN B 57 4.76 -20.66 13.93
C ASN B 57 4.78 -19.85 12.58
N THR B 58 3.93 -20.22 11.58
CA THR B 58 3.74 -19.43 10.35
C THR B 58 2.99 -18.26 10.81
N GLU B 59 2.99 -17.18 10.05
CA GLU B 59 2.14 -16.01 10.31
C GLU B 59 0.64 -16.35 10.15
N TYR B 60 -0.18 -15.37 10.38
CA TYR B 60 -1.54 -15.62 10.26
C TYR B 60 -1.75 -16.38 8.97
N CYS B 61 -2.43 -17.53 9.00
CA CYS B 61 -2.69 -18.40 7.79
C CYS B 61 -4.20 -18.61 7.30
N SER B 62 -4.50 -18.04 6.14
CA SER B 62 -5.79 -18.14 5.45
C SER B 62 -6.39 -19.56 5.19
N ILE B 63 -7.64 -19.74 5.55
CA ILE B 63 -8.19 -21.04 5.38
C ILE B 63 -8.93 -21.17 4.07
N ASN B 64 -9.04 -20.06 3.33
CA ASN B 64 -9.93 -19.96 2.13
C ASN B 64 -9.86 -18.61 1.44
N PRO B 65 -9.84 -18.69 0.13
CA PRO B 65 -9.80 -17.50 -0.68
C PRO B 65 -10.75 -16.40 -0.27
N GLU B 66 -11.81 -16.64 0.46
CA GLU B 66 -12.62 -15.48 0.89
C GLU B 66 -12.13 -14.75 2.15
N SER B 67 -10.95 -15.20 2.57
CA SER B 67 -10.01 -14.44 3.42
C SER B 67 -8.67 -14.53 2.83
N ASP B 68 -8.46 -13.56 1.96
CA ASP B 68 -7.25 -13.23 1.25
C ASP B 68 -6.69 -11.88 1.62
N ASP B 69 -5.45 -11.75 2.04
CA ASP B 69 -5.11 -10.43 2.62
C ASP B 69 -4.44 -9.49 1.66
N THR B 70 -4.31 -9.90 0.42
CA THR B 70 -3.69 -9.13 -0.63
C THR B 70 -4.24 -7.71 -0.60
N HIS B 71 -3.48 -6.65 -0.52
CA HIS B 71 -2.13 -6.59 -0.91
C HIS B 71 -1.21 -6.99 0.14
N ARG B 72 -1.70 -7.25 1.32
CA ARG B 72 -0.76 -7.69 2.34
C ARG B 72 -0.35 -9.11 2.00
N LEU B 73 0.75 -9.66 2.50
CA LEU B 73 0.80 -11.09 2.30
C LEU B 73 0.67 -11.91 3.55
N SER B 74 -0.24 -12.85 3.54
CA SER B 74 -0.40 -13.72 4.67
C SER B 74 0.09 -15.06 4.26
N ALA B 75 -0.07 -16.04 5.08
CA ALA B 75 0.25 -17.30 4.53
C ALA B 75 -1.03 -17.94 4.05
N ARG B 76 -0.93 -18.98 3.25
CA ARG B 76 -2.12 -19.74 2.91
C ARG B 76 -2.01 -21.28 3.04
N ILE B 77 -3.15 -21.88 3.35
CA ILE B 77 -3.27 -23.33 3.38
C ILE B 77 -4.65 -23.78 2.79
N TRP B 78 -4.86 -23.33 1.52
CA TRP B 78 -6.07 -23.53 0.71
C TRP B 78 -6.10 -24.84 0.00
N ASP B 79 -4.94 -25.20 -0.56
CA ASP B 79 -4.75 -26.43 -1.38
C ASP B 79 -3.48 -27.31 -1.16
N GLU B 80 -3.34 -28.34 -1.99
CA GLU B 80 -2.20 -29.24 -1.77
C GLU B 80 -0.92 -28.57 -2.29
N GLY B 81 -1.00 -27.61 -3.19
CA GLY B 81 0.19 -26.79 -3.36
C GLY B 81 0.69 -26.10 -2.06
N ASP B 82 -0.26 -25.63 -1.25
CA ASP B 82 0.14 -24.97 -0.02
C ASP B 82 0.75 -25.94 0.91
N VAL B 83 0.06 -27.06 1.16
CA VAL B 83 0.62 -28.14 2.01
C VAL B 83 2.07 -28.66 1.67
N ARG B 84 2.39 -28.70 0.37
CA ARG B 84 3.76 -28.66 -0.14
C ARG B 84 4.61 -27.54 0.49
N ASN B 85 4.36 -26.34 0.04
CA ASN B 85 5.22 -25.26 0.40
C ASN B 85 5.40 -25.05 1.90
N LEU B 86 4.33 -25.16 2.69
CA LEU B 86 4.49 -25.07 4.19
C LEU B 86 5.19 -26.24 4.81
N LYS B 87 5.11 -27.43 4.19
CA LYS B 87 5.82 -28.56 4.77
C LYS B 87 7.37 -28.30 4.72
N ALA B 88 7.85 -27.66 3.64
CA ALA B 88 9.25 -27.33 3.62
C ALA B 88 9.78 -26.85 4.98
N MET B 89 8.99 -25.92 5.54
CA MET B 89 9.22 -25.35 6.86
C MET B 89 9.03 -26.33 8.01
N THR B 90 8.02 -27.17 7.97
CA THR B 90 7.88 -28.03 9.10
C THR B 90 9.04 -29.02 9.17
N ASP B 91 9.25 -29.79 8.10
CA ASP B 91 10.44 -30.69 8.06
C ASP B 91 11.62 -29.89 8.73
N GLU B 92 11.74 -28.61 8.35
CA GLU B 92 12.96 -27.91 8.60
C GLU B 92 12.91 -27.49 10.01
N VAL B 93 11.75 -27.26 10.59
CA VAL B 93 11.79 -26.91 12.03
C VAL B 93 12.03 -28.19 12.83
N HIS B 94 11.50 -29.27 12.26
CA HIS B 94 11.65 -30.62 12.83
C HIS B 94 13.15 -31.05 12.95
N LYS B 95 13.90 -31.12 11.83
CA LYS B 95 15.30 -31.51 11.85
C LYS B 95 16.11 -30.81 13.03
N TYR B 96 15.58 -29.76 13.67
CA TYR B 96 16.29 -29.16 14.80
C TYR B 96 15.62 -29.40 16.08
N GLY B 97 14.41 -29.96 16.00
CA GLY B 97 13.82 -30.51 17.19
C GLY B 97 13.11 -29.52 18.07
N ALA B 98 12.40 -28.64 17.40
CA ALA B 98 11.29 -27.99 18.07
C ALA B 98 10.05 -28.24 17.26
N LEU B 99 9.01 -27.52 17.67
CA LEU B 99 7.71 -27.63 16.98
C LEU B 99 7.37 -26.48 16.01
N ALA B 100 6.49 -26.88 15.06
CA ALA B 100 5.88 -26.12 13.97
C ALA B 100 4.37 -25.89 14.25
N GLY B 101 3.99 -24.66 14.60
CA GLY B 101 2.57 -24.30 14.58
C GLY B 101 2.15 -23.63 13.26
N VAL B 102 0.86 -23.57 13.00
CA VAL B 102 0.37 -22.81 11.85
C VAL B 102 -0.91 -22.18 12.33
N GLU B 103 -1.13 -20.87 12.06
CA GLU B 103 -2.13 -20.01 12.72
C GLU B 103 -3.29 -19.83 11.83
N LEU B 104 -4.36 -20.58 12.07
CA LEU B 104 -5.58 -20.67 11.23
C LEU B 104 -6.47 -19.42 11.32
N TRP B 105 -6.52 -18.71 10.17
CA TRP B 105 -7.08 -17.35 10.05
C TRP B 105 -8.13 -17.19 9.00
N TYR B 106 -9.14 -16.39 9.36
CA TYR B 106 -10.15 -15.94 8.46
C TYR B 106 -10.41 -14.72 9.20
N GLY B 107 -10.61 -13.65 8.49
CA GLY B 107 -10.64 -12.36 9.14
C GLY B 107 -11.83 -11.57 8.71
N GLY B 108 -12.74 -12.19 7.95
CA GLY B 108 -14.00 -11.56 7.51
C GLY B 108 -13.85 -10.27 6.71
N ALA B 109 -14.48 -9.20 7.14
CA ALA B 109 -14.36 -8.05 6.31
C ALA B 109 -13.05 -7.36 6.52
N HIS B 110 -12.19 -7.84 7.41
CA HIS B 110 -10.87 -7.23 7.42
C HIS B 110 -9.96 -7.78 6.32
N ALA B 111 -10.49 -8.66 5.49
CA ALA B 111 -9.66 -9.18 4.45
C ALA B 111 -10.18 -8.59 3.16
N PRO B 112 -9.36 -7.80 2.48
CA PRO B 112 -9.94 -6.97 1.43
C PRO B 112 -10.11 -7.83 0.22
N ASN B 113 -9.29 -8.85 0.12
CA ASN B 113 -9.49 -9.81 -0.90
C ASN B 113 -9.18 -9.31 -2.25
N MET B 114 -8.16 -8.51 -2.42
CA MET B 114 -7.95 -7.89 -3.70
C MET B 114 -7.45 -8.76 -4.80
N GLU B 115 -6.86 -9.92 -4.47
CA GLU B 115 -6.47 -11.03 -5.41
C GLU B 115 -7.69 -11.99 -5.76
N SER B 116 -8.42 -12.50 -4.73
CA SER B 116 -9.39 -13.58 -4.87
C SER B 116 -10.80 -13.14 -5.27
N ARG B 117 -11.06 -11.87 -5.05
CA ARG B 117 -12.24 -11.09 -5.52
C ARG B 117 -13.48 -11.55 -4.88
N ALA B 118 -13.32 -12.58 -4.06
CA ALA B 118 -14.48 -13.12 -3.42
C ALA B 118 -15.04 -12.30 -2.23
N THR B 119 -16.20 -12.68 -1.75
CA THR B 119 -16.97 -11.91 -0.83
C THR B 119 -16.80 -12.44 0.55
N PRO B 120 -16.56 -11.59 1.52
CA PRO B 120 -16.24 -12.10 2.84
C PRO B 120 -17.46 -12.07 3.81
N ARG B 121 -17.47 -13.03 4.73
CA ARG B 121 -18.65 -13.37 5.40
C ARG B 121 -18.33 -12.96 6.73
N GLY B 122 -19.33 -12.43 7.46
CA GLY B 122 -19.27 -12.19 8.91
C GLY B 122 -20.55 -12.30 9.73
N PRO B 123 -20.39 -12.22 11.02
CA PRO B 123 -21.50 -12.25 11.93
C PRO B 123 -22.48 -11.24 11.55
N SER B 124 -22.06 -10.01 11.39
CA SER B 124 -23.04 -9.05 10.92
C SER B 124 -22.60 -8.24 9.63
N GLN B 125 -23.51 -7.64 8.88
CA GLN B 125 -22.92 -6.90 7.83
C GLN B 125 -22.19 -5.69 8.46
N TYR B 126 -20.90 -5.57 8.16
CA TYR B 126 -20.21 -4.32 8.35
C TYR B 126 -19.17 -4.10 7.30
N ALA B 127 -18.56 -2.96 7.49
CA ALA B 127 -17.42 -2.54 6.71
C ALA B 127 -16.23 -2.33 7.65
N SER B 128 -15.11 -2.91 7.29
CA SER B 128 -13.97 -2.78 8.13
C SER B 128 -13.51 -1.35 8.50
N GLU B 129 -13.25 -1.21 9.80
CA GLU B 129 -12.75 0.01 10.38
C GLU B 129 -11.27 0.14 10.05
N PHE B 130 -10.78 -0.72 9.12
CA PHE B 130 -9.37 -0.74 8.68
C PHE B 130 -9.24 -0.73 7.15
N GLU B 131 -10.06 -1.51 6.45
CA GLU B 131 -10.02 -1.57 4.99
C GLU B 131 -11.32 -0.96 4.76
N THR B 132 -11.39 0.33 4.92
CA THR B 132 -12.76 0.80 4.96
C THR B 132 -13.53 0.64 3.66
N LEU B 133 -13.15 -0.21 2.73
CA LEU B 133 -14.00 -0.18 1.60
C LEU B 133 -14.44 -1.55 1.52
N SER B 134 -14.30 -2.31 2.56
CA SER B 134 -14.43 -3.70 2.23
C SER B 134 -15.45 -4.30 3.10
N TYR B 135 -16.60 -4.73 2.56
CA TYR B 135 -17.77 -5.04 3.42
C TYR B 135 -18.00 -6.51 3.56
N CYS B 136 -18.62 -7.02 4.61
CA CYS B 136 -18.91 -8.48 4.62
C CYS B 136 -20.35 -8.84 4.25
N LYS B 137 -20.62 -10.10 3.99
CA LYS B 137 -22.04 -10.64 3.95
C LYS B 137 -22.42 -11.21 5.30
N GLU B 138 -23.68 -11.06 5.66
CA GLU B 138 -24.11 -11.53 6.95
C GLU B 138 -24.34 -12.99 6.87
N MET B 139 -23.70 -13.67 7.75
CA MET B 139 -23.93 -15.03 7.65
C MET B 139 -25.24 -15.38 8.38
N ASP B 140 -26.18 -15.86 7.59
CA ASP B 140 -27.03 -16.98 8.03
C ASP B 140 -26.34 -18.26 8.58
N LEU B 141 -27.15 -19.12 9.20
CA LEU B 141 -26.75 -20.45 9.78
C LEU B 141 -26.03 -21.49 8.92
N SER B 142 -26.38 -21.45 7.65
CA SER B 142 -25.63 -22.22 6.70
C SER B 142 -24.29 -21.55 6.46
N ASP B 143 -24.23 -20.22 6.53
CA ASP B 143 -22.92 -19.64 6.43
C ASP B 143 -22.13 -19.97 7.69
N ILE B 144 -22.76 -19.97 8.83
CA ILE B 144 -21.97 -20.44 9.95
C ILE B 144 -21.31 -21.87 9.70
N ALA B 145 -21.97 -22.84 9.02
CA ALA B 145 -21.43 -24.25 8.94
C ALA B 145 -20.38 -24.38 7.91
N GLN B 146 -20.61 -23.71 6.79
CA GLN B 146 -19.67 -23.84 5.71
C GLN B 146 -18.27 -23.23 6.11
N VAL B 147 -18.24 -22.07 6.81
CA VAL B 147 -16.98 -21.40 7.19
C VAL B 147 -16.19 -22.16 8.27
N GLN B 148 -16.93 -22.65 9.24
CA GLN B 148 -16.43 -23.59 10.21
C GLN B 148 -15.89 -24.85 9.68
N GLN B 149 -16.55 -25.43 8.71
CA GLN B 149 -15.93 -26.55 8.03
C GLN B 149 -14.57 -26.11 7.44
N PHE B 150 -14.53 -24.85 7.03
CA PHE B 150 -13.35 -24.23 6.44
C PHE B 150 -12.13 -24.48 7.32
N TYR B 151 -12.22 -23.98 8.53
CA TYR B 151 -11.16 -24.25 9.44
C TYR B 151 -10.89 -25.77 9.50
N VAL B 152 -11.91 -26.61 9.41
CA VAL B 152 -11.72 -28.06 9.67
C VAL B 152 -10.84 -28.49 8.58
N ASP B 153 -11.36 -28.24 7.39
CA ASP B 153 -10.64 -28.49 6.20
C ASP B 153 -9.22 -28.06 6.46
N ALA B 154 -9.04 -26.79 6.79
CA ALA B 154 -7.70 -26.23 6.97
C ALA B 154 -6.80 -26.85 8.12
N ALA B 155 -7.47 -27.24 9.18
CA ALA B 155 -6.86 -28.03 10.19
C ALA B 155 -6.41 -29.42 9.65
N LYS B 156 -7.19 -30.12 8.81
CA LYS B 156 -6.71 -31.39 8.24
C LYS B 156 -5.41 -31.18 7.49
N ARG B 157 -5.42 -30.16 6.69
CA ARG B 157 -4.39 -29.95 5.72
C ARG B 157 -3.11 -29.47 6.42
N SER B 158 -3.36 -28.82 7.54
CA SER B 158 -2.32 -28.49 8.50
C SER B 158 -1.60 -29.79 9.01
N ARG B 159 -2.33 -30.83 9.42
CA ARG B 159 -1.63 -32.10 9.79
C ARG B 159 -0.83 -32.81 8.63
N ASP B 160 -1.43 -33.00 7.44
CA ASP B 160 -0.73 -33.47 6.22
C ASP B 160 0.60 -32.72 6.04
N ALA B 161 0.52 -31.45 6.42
CA ALA B 161 1.54 -30.43 6.26
C ALA B 161 2.69 -30.52 7.29
N GLY B 162 2.35 -31.15 8.43
CA GLY B 162 3.29 -31.60 9.45
C GLY B 162 3.33 -30.72 10.66
N PHE B 163 2.27 -29.97 10.89
CA PHE B 163 2.23 -29.02 12.04
C PHE B 163 1.95 -29.83 13.29
N ASP B 164 2.54 -29.37 14.36
CA ASP B 164 2.46 -30.06 15.62
C ASP B 164 1.48 -29.29 16.44
N ILE B 165 1.35 -28.01 16.10
CA ILE B 165 0.42 -27.10 16.79
C ILE B 165 -0.60 -26.54 15.75
N VAL B 166 -1.91 -26.49 16.08
CA VAL B 166 -2.85 -25.63 15.35
C VAL B 166 -3.64 -24.71 16.28
N TYR B 167 -3.81 -23.45 15.79
CA TYR B 167 -4.59 -22.37 16.40
C TYR B 167 -5.87 -22.07 15.71
N VAL B 168 -6.75 -21.61 16.55
CA VAL B 168 -7.98 -20.90 16.18
C VAL B 168 -7.67 -19.39 16.56
N TYR B 169 -7.46 -18.59 15.53
CA TYR B 169 -6.64 -17.43 15.73
C TYR B 169 -7.78 -16.61 15.98
N GLY B 170 -7.75 -15.94 17.13
CA GLY B 170 -8.86 -15.09 17.54
C GLY B 170 -8.45 -13.77 18.09
N ALA B 171 -7.38 -13.24 17.54
CA ALA B 171 -6.91 -11.99 18.03
C ALA B 171 -7.00 -11.00 16.93
N HIS B 172 -6.48 -9.81 17.26
CA HIS B 172 -6.47 -8.74 16.31
C HIS B 172 -7.82 -8.75 15.64
N SER B 173 -8.86 -9.09 16.36
CA SER B 173 -10.19 -8.74 15.92
C SER B 173 -10.65 -9.40 14.63
N TYR B 174 -10.08 -10.58 14.31
CA TYR B 174 -10.55 -11.42 13.17
C TYR B 174 -11.78 -12.30 13.41
N LEU B 175 -12.25 -13.04 12.44
CA LEU B 175 -13.54 -13.72 12.66
C LEU B 175 -13.99 -14.07 14.14
N PRO B 176 -13.50 -15.17 14.73
CA PRO B 176 -13.98 -15.54 16.06
C PRO B 176 -14.03 -14.39 16.98
N LEU B 177 -13.01 -13.60 17.12
CA LEU B 177 -13.26 -12.42 17.89
C LEU B 177 -14.44 -11.52 17.39
N GLN B 178 -14.83 -11.51 16.11
CA GLN B 178 -15.86 -10.51 15.70
C GLN B 178 -17.27 -10.78 16.14
N PHE B 179 -17.54 -12.08 16.14
CA PHE B 179 -18.63 -12.75 16.81
C PHE B 179 -18.55 -12.30 18.28
N LEU B 180 -17.49 -12.64 18.99
CA LEU B 180 -17.46 -12.37 20.43
C LEU B 180 -17.75 -10.97 20.71
N ASN B 181 -17.34 -10.10 19.83
CA ASN B 181 -17.32 -8.75 20.30
C ASN B 181 -18.48 -7.98 19.73
N PRO B 182 -19.21 -7.37 20.63
CA PRO B 182 -20.49 -6.70 20.32
C PRO B 182 -20.38 -5.54 19.32
N TYR B 183 -19.14 -5.10 19.08
CA TYR B 183 -18.75 -3.98 18.24
C TYR B 183 -19.17 -4.33 16.85
N TYR B 184 -18.91 -5.59 16.53
CA TYR B 184 -19.18 -6.24 15.27
C TYR B 184 -20.53 -7.00 15.28
N ASN B 185 -20.75 -7.75 16.36
CA ASN B 185 -21.84 -8.69 16.39
C ASN B 185 -23.18 -8.15 16.74
N LYS B 186 -24.03 -7.92 15.73
CA LYS B 186 -25.38 -7.36 15.92
C LYS B 186 -26.36 -8.51 15.66
N ARG B 187 -26.05 -9.67 16.13
CA ARG B 187 -27.01 -10.67 15.78
C ARG B 187 -27.94 -10.79 16.95
N THR B 188 -29.22 -11.02 16.66
CA THR B 188 -30.11 -11.40 17.75
C THR B 188 -30.54 -12.87 17.76
N ASP B 189 -29.95 -13.71 16.92
CA ASP B 189 -30.32 -15.13 16.99
C ASP B 189 -29.43 -15.79 18.04
N LYS B 190 -29.37 -17.11 18.07
CA LYS B 190 -28.61 -17.81 19.10
C LYS B 190 -27.05 -17.64 19.08
N TYR B 191 -26.53 -16.93 18.08
CA TYR B 191 -25.09 -16.67 18.03
C TYR B 191 -24.72 -15.36 18.57
N GLY B 192 -25.73 -14.60 18.91
CA GLY B 192 -25.56 -13.25 19.42
C GLY B 192 -26.21 -12.93 20.76
N GLY B 193 -25.78 -11.80 21.32
CA GLY B 193 -26.34 -11.25 22.57
C GLY B 193 -25.67 -11.81 23.83
N SER B 194 -25.98 -13.06 24.19
CA SER B 194 -25.69 -13.46 25.56
C SER B 194 -24.24 -13.76 25.54
N LEU B 195 -23.46 -13.50 26.59
CA LEU B 195 -22.08 -14.03 26.44
C LEU B 195 -21.96 -15.49 25.76
N GLU B 196 -22.85 -16.47 26.05
CA GLU B 196 -22.63 -17.84 25.44
C GLU B 196 -23.14 -17.87 24.03
N ASN B 197 -23.84 -16.80 23.63
CA ASN B 197 -24.11 -16.68 22.20
C ASN B 197 -22.85 -16.22 21.47
N ARG B 198 -22.22 -15.25 22.07
CA ARG B 198 -21.20 -14.62 21.33
C ARG B 198 -20.14 -15.68 21.10
N ALA B 199 -19.67 -16.25 22.18
CA ALA B 199 -18.65 -17.30 22.08
C ALA B 199 -19.03 -18.72 21.48
N ARG B 200 -20.32 -18.91 21.14
CA ARG B 200 -20.73 -20.14 20.50
C ARG B 200 -19.81 -20.30 19.24
N PHE B 201 -19.67 -19.23 18.42
CA PHE B 201 -18.98 -19.41 17.13
C PHE B 201 -17.64 -19.98 17.41
N TRP B 202 -16.98 -19.39 18.37
CA TRP B 202 -15.62 -19.74 18.56
C TRP B 202 -15.68 -21.11 19.26
N LEU B 203 -16.61 -21.21 20.22
CA LEU B 203 -16.67 -22.40 21.04
C LEU B 203 -16.88 -23.57 20.17
N GLU B 204 -17.90 -23.49 19.34
CA GLU B 204 -18.06 -24.43 18.26
C GLU B 204 -16.74 -24.76 17.47
N THR B 205 -16.08 -23.69 17.08
CA THR B 205 -15.12 -23.81 16.07
C THR B 205 -14.03 -24.60 16.73
N LEU B 206 -13.79 -24.28 17.98
CA LEU B 206 -12.68 -24.90 18.70
C LEU B 206 -12.72 -26.45 18.76
N GLU B 207 -13.90 -26.89 19.27
CA GLU B 207 -14.41 -28.23 19.33
C GLU B 207 -14.20 -28.94 17.94
N LYS B 208 -14.74 -28.32 16.88
CA LYS B 208 -14.72 -28.91 15.57
C LYS B 208 -13.29 -29.14 15.24
N VAL B 209 -12.46 -28.17 15.60
CA VAL B 209 -11.07 -28.28 15.28
C VAL B 209 -10.36 -29.44 16.04
N LYS B 210 -10.69 -29.52 17.36
CA LYS B 210 -10.21 -30.58 18.31
C LYS B 210 -10.57 -31.98 17.67
N HIS B 211 -11.89 -32.27 17.68
CA HIS B 211 -12.47 -33.42 16.99
C HIS B 211 -11.54 -33.75 15.78
N ALA B 212 -11.26 -32.78 14.91
CA ALA B 212 -10.49 -32.93 13.66
C ALA B 212 -9.05 -33.45 13.71
N VAL B 213 -8.14 -32.70 14.35
CA VAL B 213 -6.74 -33.21 14.53
C VAL B 213 -6.30 -33.33 16.01
N GLY B 214 -7.29 -33.39 16.91
CA GLY B 214 -7.11 -33.26 18.37
C GLY B 214 -6.15 -34.20 19.07
N SER B 215 -6.21 -35.40 18.57
CA SER B 215 -5.32 -36.40 19.04
C SER B 215 -3.88 -36.39 18.41
N ASP B 216 -3.64 -35.68 17.29
CA ASP B 216 -2.25 -35.55 16.74
C ASP B 216 -1.54 -34.13 16.88
N CYS B 217 -2.38 -33.12 17.18
CA CYS B 217 -1.95 -31.74 17.25
C CYS B 217 -2.62 -31.03 18.38
N ALA B 218 -1.83 -30.21 19.05
CA ALA B 218 -2.33 -29.44 20.17
C ALA B 218 -3.07 -28.31 19.55
N ILE B 219 -4.19 -28.00 20.14
CA ILE B 219 -5.00 -26.93 19.59
C ILE B 219 -4.77 -25.76 20.48
N ALA B 220 -4.26 -24.72 19.89
CA ALA B 220 -4.16 -23.58 20.75
C ALA B 220 -5.07 -22.45 20.24
N THR B 221 -5.42 -21.52 21.07
CA THR B 221 -6.02 -20.42 20.44
C THR B 221 -5.25 -19.20 20.82
N ARG B 222 -5.35 -18.16 20.00
CA ARG B 222 -4.86 -16.89 20.50
C ARG B 222 -6.09 -16.03 20.73
N PHE B 223 -6.04 -15.21 21.73
CA PHE B 223 -7.26 -14.53 22.01
C PHE B 223 -6.91 -13.17 22.57
N GLY B 224 -7.80 -12.23 22.34
CA GLY B 224 -7.49 -10.85 22.59
C GLY B 224 -8.46 -10.50 23.65
N VAL B 225 -8.02 -10.85 24.83
CA VAL B 225 -8.73 -10.74 26.08
C VAL B 225 -9.14 -9.33 26.52
N ASP B 226 -8.44 -8.32 26.07
CA ASP B 226 -8.96 -6.99 26.25
C ASP B 226 -8.70 -6.12 24.98
N THR B 227 -9.55 -5.16 24.68
CA THR B 227 -9.39 -4.60 23.38
C THR B 227 -8.64 -3.39 23.61
N VAL B 228 -8.48 -3.13 24.87
CA VAL B 228 -8.03 -1.84 25.32
C VAL B 228 -8.70 -0.62 24.56
N TYR B 229 -10.03 -0.65 24.62
CA TYR B 229 -10.89 0.27 23.89
C TYR B 229 -11.90 0.70 24.89
N GLY B 230 -12.01 -0.25 25.85
CA GLY B 230 -12.85 -0.24 27.05
C GLY B 230 -14.22 -0.87 26.83
N PRO B 231 -15.24 -0.17 27.42
CA PRO B 231 -16.62 -0.64 27.44
C PRO B 231 -17.01 -0.58 26.01
N GLY B 232 -17.83 -1.56 25.63
CA GLY B 232 -18.22 -1.68 24.25
C GLY B 232 -17.33 -2.58 23.44
N GLN B 233 -16.06 -2.79 23.77
CA GLN B 233 -15.39 -3.93 23.13
C GLN B 233 -15.08 -5.03 24.17
N ILE B 234 -14.11 -5.97 24.00
CA ILE B 234 -13.85 -6.94 25.10
C ILE B 234 -13.01 -6.22 26.13
N GLU B 235 -13.37 -6.51 27.40
CA GLU B 235 -12.70 -6.05 28.63
C GLU B 235 -12.30 -7.29 29.36
N ALA B 236 -11.12 -7.27 29.97
CA ALA B 236 -10.61 -8.58 30.37
C ALA B 236 -11.48 -9.14 31.49
N GLU B 237 -11.75 -8.21 32.45
CA GLU B 237 -12.59 -8.36 33.67
C GLU B 237 -14.12 -8.50 33.48
N VAL B 238 -14.57 -8.09 32.29
CA VAL B 238 -15.90 -8.41 31.74
C VAL B 238 -15.89 -9.78 30.97
N ASP B 239 -15.89 -9.69 29.65
CA ASP B 239 -16.04 -10.87 28.77
C ASP B 239 -14.79 -11.84 28.71
N GLY B 240 -13.61 -11.26 29.06
CA GLY B 240 -12.30 -11.83 28.75
C GLY B 240 -12.10 -13.12 29.55
N GLN B 241 -12.06 -12.90 30.86
CA GLN B 241 -11.95 -14.00 31.82
C GLN B 241 -12.98 -15.16 31.54
N LYS B 242 -14.23 -14.70 31.52
CA LYS B 242 -15.41 -15.54 31.37
C LYS B 242 -15.18 -16.50 30.15
N PHE B 243 -14.74 -15.85 29.04
CA PHE B 243 -14.49 -16.56 27.79
C PHE B 243 -13.38 -17.65 27.94
N VAL B 244 -12.26 -17.16 28.49
CA VAL B 244 -11.26 -18.07 28.95
C VAL B 244 -11.96 -19.25 29.66
N GLU B 245 -12.89 -18.91 30.60
CA GLU B 245 -13.59 -19.90 31.41
C GLU B 245 -14.35 -20.87 30.49
N MET B 246 -15.07 -20.34 29.47
CA MET B 246 -15.97 -21.21 28.65
C MET B 246 -15.31 -22.14 27.62
N ALA B 247 -14.06 -21.75 27.29
CA ALA B 247 -13.17 -22.38 26.31
C ALA B 247 -12.18 -23.47 26.91
N ASP B 248 -11.92 -23.32 28.19
CA ASP B 248 -10.67 -23.71 28.74
C ASP B 248 -10.43 -25.16 28.44
N SER B 249 -11.50 -25.97 28.45
CA SER B 249 -11.47 -27.47 28.23
C SER B 249 -11.07 -27.89 26.74
N LEU B 250 -11.30 -26.94 25.85
CA LEU B 250 -10.96 -27.13 24.51
C LEU B 250 -9.49 -26.81 24.34
N VAL B 251 -9.04 -25.69 24.88
CA VAL B 251 -7.66 -25.21 24.56
C VAL B 251 -6.46 -26.08 25.05
N ASP B 252 -5.48 -26.33 24.23
CA ASP B 252 -4.34 -27.00 24.82
C ASP B 252 -3.43 -25.95 25.48
N MET B 253 -3.46 -24.74 24.86
CA MET B 253 -2.69 -23.51 25.23
C MET B 253 -3.40 -22.16 25.01
N TRP B 254 -3.45 -21.21 25.96
CA TRP B 254 -3.81 -19.83 25.56
C TRP B 254 -2.61 -19.15 25.05
N ASP B 255 -2.84 -18.22 24.13
CA ASP B 255 -1.77 -17.40 23.59
C ASP B 255 -2.30 -15.93 23.58
N ILE B 256 -1.81 -15.12 24.50
CA ILE B 256 -2.70 -14.03 24.89
C ILE B 256 -2.20 -12.76 24.20
N THR B 257 -3.05 -11.74 23.88
CA THR B 257 -2.62 -10.39 23.45
C THR B 257 -3.72 -9.48 23.87
N ILE B 258 -3.49 -8.16 23.75
CA ILE B 258 -4.52 -7.12 23.84
C ILE B 258 -4.48 -6.22 22.63
N GLY B 259 -5.65 -5.79 22.15
CA GLY B 259 -5.75 -4.83 21.05
C GLY B 259 -6.75 -5.29 20.02
N ASP B 260 -6.92 -4.46 19.00
CA ASP B 260 -7.77 -4.86 17.87
C ASP B 260 -7.00 -5.14 16.52
N ILE B 261 -7.56 -4.91 15.35
CA ILE B 261 -6.67 -4.83 14.23
C ILE B 261 -6.29 -3.39 13.92
N ALA B 262 -7.17 -2.42 14.10
CA ALA B 262 -6.84 -1.10 13.62
C ALA B 262 -5.71 -0.45 14.41
N GLU B 263 -5.55 -0.77 15.65
CA GLU B 263 -4.36 -0.19 16.13
C GLU B 263 -3.51 -1.17 16.80
N TRP B 264 -3.32 -2.37 16.22
CA TRP B 264 -2.54 -3.43 16.92
C TRP B 264 -1.17 -2.98 17.47
N GLY B 265 -0.89 -1.66 17.36
CA GLY B 265 0.29 -1.01 17.90
C GLY B 265 0.31 -1.32 19.36
N GLU B 266 -0.87 -1.58 19.88
CA GLU B 266 -1.07 -1.88 21.26
C GLU B 266 -0.63 -3.29 21.54
N ASP B 267 -0.68 -4.20 20.61
CA ASP B 267 -0.10 -5.52 20.83
C ASP B 267 1.35 -5.30 20.59
N ALA B 268 1.70 -4.96 19.37
CA ALA B 268 3.10 -4.77 19.10
C ALA B 268 3.59 -3.39 19.55
N GLY B 269 3.75 -3.25 20.85
CA GLY B 269 4.21 -2.01 21.43
C GLY B 269 5.52 -1.42 20.95
N PRO B 270 5.42 -0.25 20.33
CA PRO B 270 6.58 0.63 20.11
C PRO B 270 7.30 0.81 21.35
N SER B 271 8.58 0.76 21.24
CA SER B 271 9.33 1.04 22.38
C SER B 271 9.12 2.46 22.70
N ARG B 272 8.71 3.32 21.70
CA ARG B 272 8.37 4.83 21.86
C ARG B 272 7.21 5.25 22.78
N PHE B 273 6.41 4.28 23.23
CA PHE B 273 5.31 4.41 24.14
C PHE B 273 5.10 3.22 25.01
N TYR B 274 5.79 2.11 24.79
CA TYR B 274 5.67 0.93 25.67
C TYR B 274 7.03 0.37 26.03
N GLN B 275 7.15 -0.13 27.27
CA GLN B 275 8.38 -0.84 27.71
C GLN B 275 8.14 -2.35 27.57
N GLN B 276 9.06 -3.14 28.10
CA GLN B 276 8.87 -4.59 28.18
C GLN B 276 7.80 -4.99 29.17
N GLY B 277 7.22 -6.15 28.98
CA GLY B 277 6.17 -6.53 29.88
C GLY B 277 4.92 -5.66 29.84
N HIS B 278 4.91 -4.53 29.14
CA HIS B 278 3.67 -3.67 29.02
C HIS B 278 2.27 -4.37 29.17
N THR B 279 2.15 -5.54 28.52
CA THR B 279 0.90 -6.22 28.34
C THR B 279 0.50 -6.82 29.64
N ILE B 280 1.45 -7.05 30.55
CA ILE B 280 1.27 -8.00 31.69
C ILE B 280 -0.01 -7.87 32.55
N PRO B 281 -0.29 -6.64 32.96
CA PRO B 281 -1.43 -6.38 33.78
C PRO B 281 -2.68 -7.06 33.13
N TRP B 282 -2.81 -6.95 31.82
CA TRP B 282 -3.85 -7.69 31.20
C TRP B 282 -3.36 -9.11 30.85
N VAL B 283 -2.08 -9.36 30.76
CA VAL B 283 -1.70 -10.73 30.51
C VAL B 283 -2.19 -11.52 31.74
N LYS B 284 -1.65 -11.15 32.90
CA LYS B 284 -1.87 -11.85 34.19
C LYS B 284 -3.21 -12.54 34.40
N LEU B 285 -4.22 -11.72 34.12
CA LEU B 285 -5.58 -11.99 34.41
C LEU B 285 -5.94 -13.25 33.77
N VAL B 286 -5.14 -13.73 32.83
CA VAL B 286 -5.61 -14.98 32.31
C VAL B 286 -5.29 -16.22 33.12
N LYS B 287 -4.11 -16.26 33.70
CA LYS B 287 -3.85 -17.36 34.61
C LYS B 287 -4.87 -17.50 35.82
N GLN B 288 -5.29 -16.36 36.32
CA GLN B 288 -6.15 -16.35 37.45
C GLN B 288 -7.45 -17.05 37.10
N VAL B 289 -7.70 -17.46 35.84
CA VAL B 289 -8.92 -18.27 35.55
C VAL B 289 -8.70 -19.56 34.70
N SER B 290 -7.50 -19.70 34.20
CA SER B 290 -7.25 -20.75 33.28
C SER B 290 -6.58 -21.72 34.10
N LYS B 291 -6.80 -22.97 33.71
CA LYS B 291 -6.14 -24.07 34.35
C LYS B 291 -5.10 -24.69 33.32
N LYS B 292 -4.90 -24.00 32.19
CA LYS B 292 -4.09 -24.50 31.06
C LYS B 292 -2.71 -23.75 30.85
N PRO B 293 -1.75 -24.23 29.97
CA PRO B 293 -0.54 -23.39 29.72
C PRO B 293 -0.90 -21.98 29.16
N VAL B 294 -0.44 -20.91 29.78
CA VAL B 294 -0.64 -19.57 29.21
C VAL B 294 0.71 -18.77 28.91
N LEU B 295 0.88 -18.32 27.65
CA LEU B 295 1.95 -17.35 27.22
C LEU B 295 1.44 -15.97 26.69
N GLY B 296 2.23 -14.92 26.78
CA GLY B 296 1.60 -13.70 26.31
C GLY B 296 2.52 -12.53 26.08
N VAL B 297 2.81 -12.20 24.80
CA VAL B 297 3.99 -11.41 24.44
C VAL B 297 4.06 -10.16 25.12
N GLY B 298 5.18 -9.52 24.89
CA GLY B 298 5.49 -8.31 25.59
C GLY B 298 6.97 -8.03 25.60
N ARG B 299 7.47 -8.05 24.35
CA ARG B 299 8.82 -7.59 24.01
C ARG B 299 9.80 -8.04 25.06
N TYR B 300 9.73 -9.34 25.32
CA TYR B 300 10.47 -9.96 26.34
C TYR B 300 11.73 -10.42 25.73
N THR B 301 12.78 -9.70 26.07
CA THR B 301 14.12 -9.98 25.67
C THR B 301 14.98 -10.22 26.89
N ASP B 302 14.54 -9.81 28.08
CA ASP B 302 15.39 -10.01 29.24
C ASP B 302 15.08 -11.22 30.08
N PRO B 303 16.07 -12.08 30.28
CA PRO B 303 15.76 -13.36 30.90
C PRO B 303 15.38 -13.04 32.35
N GLU B 304 15.96 -12.03 33.00
CA GLU B 304 15.39 -11.61 34.30
C GLU B 304 13.88 -11.37 34.32
N LYS B 305 13.43 -10.59 33.34
CA LYS B 305 12.03 -10.22 33.30
C LYS B 305 11.25 -11.45 33.05
N MET B 306 11.76 -12.34 32.17
CA MET B 306 11.23 -13.71 31.80
C MET B 306 10.87 -14.68 32.95
N ILE B 307 11.89 -14.88 33.81
CA ILE B 307 11.77 -15.54 35.14
C ILE B 307 10.84 -14.82 36.07
N GLU B 308 10.76 -13.51 36.01
CA GLU B 308 9.77 -12.93 36.89
C GLU B 308 8.32 -13.41 36.64
N ILE B 309 7.91 -13.32 35.40
CA ILE B 309 6.55 -13.56 35.03
C ILE B 309 6.16 -15.05 35.11
N VAL B 310 7.17 -15.93 35.13
CA VAL B 310 6.91 -17.35 35.38
C VAL B 310 6.88 -17.63 36.89
N THR B 311 7.83 -17.10 37.64
CA THR B 311 7.88 -17.44 39.06
C THR B 311 6.87 -16.63 39.75
N LYS B 312 6.30 -15.63 39.09
CA LYS B 312 5.08 -15.02 39.69
C LYS B 312 3.73 -15.59 39.13
N GLY B 313 3.80 -16.70 38.38
CA GLY B 313 2.63 -17.41 37.88
C GLY B 313 1.71 -16.49 37.08
N TYR B 314 2.34 -15.53 36.32
CA TYR B 314 1.72 -14.72 35.21
C TYR B 314 1.76 -15.25 33.76
N ALA B 315 2.80 -16.01 33.44
CA ALA B 315 2.72 -16.93 32.31
C ALA B 315 3.30 -18.24 32.71
N ASP B 316 3.22 -19.15 31.77
CA ASP B 316 3.83 -20.46 31.96
C ASP B 316 5.01 -20.55 31.05
N ILE B 317 4.84 -19.99 29.84
CA ILE B 317 5.86 -20.01 28.76
C ILE B 317 6.27 -18.55 28.37
N ILE B 318 7.36 -18.44 27.60
CA ILE B 318 7.66 -17.15 26.95
C ILE B 318 7.37 -16.97 25.40
N GLY B 319 6.29 -16.22 25.18
CA GLY B 319 5.90 -15.67 23.90
C GLY B 319 6.65 -14.42 23.44
N CYS B 320 7.27 -14.62 22.29
CA CYS B 320 8.03 -13.64 21.59
C CYS B 320 7.49 -13.58 20.20
N ALA B 321 7.51 -12.36 19.67
CA ALA B 321 7.62 -12.11 18.26
C ALA B 321 8.92 -11.36 17.93
N ARG B 322 8.86 -10.05 18.07
CA ARG B 322 9.93 -9.29 17.54
C ARG B 322 11.17 -9.88 18.08
N PRO B 323 11.37 -9.93 19.36
CA PRO B 323 12.66 -10.33 19.84
C PRO B 323 13.18 -11.59 19.15
N SER B 324 12.35 -12.44 18.61
CA SER B 324 12.94 -13.55 17.89
C SER B 324 13.50 -13.21 16.49
N ILE B 325 13.17 -12.02 15.99
CA ILE B 325 13.67 -11.56 14.72
C ILE B 325 15.00 -10.88 14.87
N ALA B 326 15.07 -9.93 15.77
CA ALA B 326 16.37 -9.54 16.35
C ALA B 326 17.40 -10.68 16.57
N ASP B 327 17.02 -11.70 17.31
CA ASP B 327 17.96 -12.74 17.61
C ASP B 327 17.39 -14.09 17.69
N PRO B 328 17.38 -14.74 16.53
CA PRO B 328 16.92 -16.09 16.36
C PRO B 328 17.60 -16.94 17.32
N PHE B 329 18.85 -16.65 17.75
CA PHE B 329 19.55 -17.46 18.79
C PHE B 329 19.36 -17.07 20.28
N LEU B 330 18.37 -16.22 20.60
CA LEU B 330 18.35 -15.62 21.93
C LEU B 330 18.23 -16.67 23.03
N PRO B 331 17.41 -17.66 22.84
CA PRO B 331 17.46 -18.75 23.81
C PRO B 331 18.98 -19.37 24.14
N GLN B 332 19.70 -19.90 23.13
CA GLN B 332 20.96 -20.72 23.29
C GLN B 332 21.99 -19.84 23.75
N LYS B 333 21.74 -18.57 23.54
CA LYS B 333 22.52 -17.58 24.22
C LYS B 333 22.11 -17.55 25.70
N VAL B 334 20.83 -17.71 26.01
CA VAL B 334 20.48 -17.61 27.41
C VAL B 334 20.84 -18.93 28.06
N GLU B 335 20.36 -20.05 27.54
CA GLU B 335 20.98 -21.32 27.90
C GLU B 335 22.54 -21.33 28.07
N GLN B 336 23.28 -20.87 27.05
CA GLN B 336 24.72 -20.75 27.20
C GLN B 336 25.20 -19.58 28.16
N GLY B 337 24.29 -18.94 28.91
CA GLY B 337 24.64 -17.74 29.66
C GLY B 337 25.42 -16.63 28.93
N ARG B 338 25.38 -16.58 27.60
CA ARG B 338 26.20 -15.62 26.81
C ARG B 338 25.51 -14.25 26.69
N TYR B 339 25.26 -13.62 27.85
CA TYR B 339 24.20 -12.55 28.04
C TYR B 339 24.49 -11.37 27.18
N ASP B 340 25.79 -11.03 27.13
CA ASP B 340 26.33 -9.97 26.31
C ASP B 340 26.21 -10.19 24.83
N ASP B 341 25.96 -11.41 24.33
CA ASP B 341 25.94 -11.64 22.88
C ASP B 341 24.58 -11.42 22.24
N ILE B 342 23.60 -11.18 23.10
CA ILE B 342 22.21 -11.01 22.76
C ILE B 342 21.80 -9.67 22.21
N ARG B 343 21.21 -9.82 21.03
CA ARG B 343 20.85 -8.72 20.20
C ARG B 343 19.43 -8.33 20.55
N VAL B 344 19.37 -7.18 21.19
CA VAL B 344 18.12 -6.66 21.68
C VAL B 344 17.25 -5.84 20.74
N CYS B 345 16.08 -6.39 20.48
CA CYS B 345 15.08 -5.80 19.67
C CYS B 345 14.76 -4.52 20.26
N ILE B 346 14.81 -3.49 19.38
CA ILE B 346 14.61 -2.07 19.77
C ILE B 346 13.19 -1.52 19.70
N GLY B 347 12.29 -2.22 19.07
CA GLY B 347 10.90 -1.82 19.12
C GLY B 347 10.74 -0.75 18.11
N CYS B 348 11.32 -0.94 16.97
CA CYS B 348 11.31 0.15 16.06
C CYS B 348 10.26 -0.16 15.09
N ASN B 349 9.92 -1.43 15.02
CA ASN B 349 8.78 -1.83 14.23
C ASN B 349 9.09 -1.55 12.72
N VAL B 350 10.32 -1.43 12.37
CA VAL B 350 10.40 -1.34 10.98
C VAL B 350 9.87 -2.63 10.42
N CYS B 351 10.04 -3.73 11.15
CA CYS B 351 9.79 -5.08 10.66
C CYS B 351 8.43 -5.28 10.31
N ILE B 352 7.52 -4.61 11.03
CA ILE B 352 6.07 -4.53 10.77
C ILE B 352 5.74 -3.48 9.71
N SER B 353 6.70 -2.65 9.44
CA SER B 353 6.53 -1.72 8.40
C SER B 353 6.48 -2.37 7.04
N ARG B 354 7.40 -3.21 6.73
CA ARG B 354 7.27 -3.75 5.45
C ARG B 354 5.99 -4.47 5.21
N TRP B 355 5.73 -5.57 5.91
CA TRP B 355 4.43 -6.25 5.77
C TRP B 355 3.30 -5.21 5.74
N GLU B 356 3.30 -4.22 6.61
CA GLU B 356 2.14 -3.39 6.64
C GLU B 356 2.00 -2.56 5.39
N ILE B 357 2.98 -2.53 4.47
CA ILE B 357 2.93 -1.67 3.23
C ILE B 357 2.34 -2.38 2.01
N GLY B 358 2.55 -3.65 2.07
CA GLY B 358 1.73 -4.61 1.40
C GLY B 358 2.60 -5.25 0.41
N GLY B 359 3.31 -6.35 0.69
CA GLY B 359 4.13 -6.96 -0.34
C GLY B 359 5.62 -7.24 -0.17
N PRO B 360 6.38 -6.26 0.28
CA PRO B 360 7.83 -6.35 0.43
C PRO B 360 8.12 -7.34 1.48
N PRO B 361 9.37 -7.79 1.66
CA PRO B 361 9.76 -8.68 2.78
C PRO B 361 10.13 -7.91 4.00
N MET B 362 9.94 -8.48 5.21
CA MET B 362 10.41 -7.93 6.50
C MET B 362 11.93 -7.62 6.41
N ILE B 363 12.45 -6.69 7.18
CA ILE B 363 13.89 -6.43 7.18
C ILE B 363 14.06 -6.12 8.62
N CYS B 364 15.22 -5.87 9.19
CA CYS B 364 15.17 -5.58 10.61
C CYS B 364 16.32 -4.85 11.04
N THR B 365 16.13 -3.98 11.99
CA THR B 365 17.15 -3.02 12.28
C THR B 365 18.24 -3.53 13.22
N GLN B 366 18.11 -4.72 13.76
CA GLN B 366 19.26 -5.23 14.47
C GLN B 366 19.71 -6.37 13.68
N ASN B 367 18.76 -7.05 13.06
CA ASN B 367 19.19 -8.30 12.54
C ASN B 367 19.30 -8.29 11.06
N ALA B 368 20.45 -8.02 10.54
CA ALA B 368 20.42 -7.74 9.12
C ALA B 368 20.36 -8.95 8.22
N THR B 369 20.18 -10.12 8.80
CA THR B 369 20.12 -11.32 7.97
C THR B 369 18.65 -11.72 7.95
N ALA B 370 17.87 -11.08 8.78
CA ALA B 370 16.48 -11.32 8.75
C ALA B 370 15.96 -11.00 7.41
N GLY B 371 15.39 -11.99 6.75
CA GLY B 371 14.95 -11.88 5.37
C GLY B 371 16.06 -12.29 4.43
N GLU B 372 17.18 -12.48 5.03
CA GLU B 372 18.26 -12.69 4.20
C GLU B 372 18.75 -14.15 4.33
N GLU B 373 18.09 -14.96 5.15
CA GLU B 373 18.61 -16.28 5.40
C GLU B 373 18.42 -17.27 4.28
N TYR B 374 17.28 -17.40 3.67
CA TYR B 374 17.35 -18.16 2.42
C TYR B 374 18.13 -17.48 1.32
N ARG B 375 17.65 -16.33 0.84
CA ARG B 375 18.04 -15.81 -0.45
C ARG B 375 19.46 -15.28 -0.55
N ARG B 376 20.10 -15.06 0.58
CA ARG B 376 21.44 -14.57 0.49
C ARG B 376 22.24 -15.55 1.25
N GLY B 377 21.53 -16.47 1.83
CA GLY B 377 22.09 -17.49 2.67
C GLY B 377 23.03 -16.90 3.68
N TRP B 378 22.67 -15.82 4.35
CA TRP B 378 23.44 -15.38 5.52
C TRP B 378 22.81 -15.98 6.74
N HIS B 379 23.65 -16.53 7.58
CA HIS B 379 23.18 -17.12 8.80
C HIS B 379 23.44 -16.01 9.78
N PRO B 380 22.59 -15.77 10.74
CA PRO B 380 22.90 -14.78 11.72
C PRO B 380 24.08 -15.20 12.58
N GLU B 381 24.37 -16.46 12.88
CA GLU B 381 25.56 -16.67 13.73
C GLU B 381 26.68 -17.50 13.21
N LYS B 382 26.93 -17.45 11.90
CA LYS B 382 28.04 -18.20 11.30
C LYS B 382 28.53 -17.38 10.19
N PHE B 383 29.83 -17.26 10.05
CA PHE B 383 30.34 -16.37 9.04
C PHE B 383 31.42 -17.00 8.18
N ARG B 384 31.45 -16.77 6.85
CA ARG B 384 32.63 -17.23 6.06
C ARG B 384 33.88 -16.51 6.56
N GLN B 385 34.90 -17.19 7.17
CA GLN B 385 36.16 -16.51 7.63
C GLN B 385 37.15 -16.45 6.54
N THR B 386 37.96 -15.39 6.55
CA THR B 386 38.77 -15.07 5.35
C THR B 386 39.92 -16.04 5.12
N LYS B 387 40.31 -16.27 3.88
CA LYS B 387 41.49 -17.12 3.70
C LYS B 387 42.76 -16.30 3.32
N ASN B 388 42.74 -14.98 3.63
CA ASN B 388 43.93 -14.10 3.55
C ASN B 388 44.26 -13.34 4.82
N LYS B 389 45.28 -12.52 4.70
CA LYS B 389 45.71 -11.65 5.77
C LYS B 389 45.19 -10.17 5.66
N ASP B 390 44.49 -9.95 4.55
CA ASP B 390 43.90 -8.68 4.25
C ASP B 390 43.40 -7.89 5.47
N SER B 391 43.43 -6.56 5.35
CA SER B 391 43.00 -5.60 6.37
C SER B 391 42.07 -4.51 5.77
N VAL B 392 41.22 -3.91 6.64
CA VAL B 392 40.18 -2.88 6.30
C VAL B 392 40.22 -1.70 7.21
N LEU B 393 40.44 -0.56 6.59
CA LEU B 393 40.05 0.62 7.21
C LEU B 393 38.54 0.84 6.97
N ILE B 394 37.86 1.28 8.04
CA ILE B 394 36.47 1.78 8.06
C ILE B 394 36.45 3.19 8.65
N VAL B 395 36.06 4.17 7.86
CA VAL B 395 35.84 5.54 8.38
C VAL B 395 34.40 5.71 8.87
N GLY B 396 34.25 5.89 10.18
CA GLY B 396 32.97 6.26 10.79
C GLY B 396 32.31 5.08 11.47
N ALA B 397 31.77 5.16 12.67
CA ALA B 397 31.42 3.91 13.34
C ALA B 397 30.06 4.11 13.79
N GLY B 398 29.23 4.29 12.78
CA GLY B 398 27.77 4.39 12.92
C GLY B 398 27.06 3.06 12.67
N PRO B 399 25.75 3.07 12.48
CA PRO B 399 25.13 1.81 12.22
C PRO B 399 26.05 1.16 11.14
N SER B 400 26.30 1.86 10.04
CA SER B 400 26.79 1.21 8.84
C SER B 400 28.15 0.67 9.07
N GLY B 401 29.11 1.53 9.27
CA GLY B 401 30.47 1.06 9.46
C GLY B 401 30.67 0.18 10.69
N SER B 402 29.79 0.28 11.71
CA SER B 402 30.02 -0.54 12.87
C SER B 402 29.62 -1.93 12.57
N GLU B 403 28.66 -2.14 11.68
CA GLU B 403 28.24 -3.50 11.33
C GLU B 403 29.33 -3.94 10.47
N ALA B 404 29.67 -3.10 9.52
CA ALA B 404 30.89 -3.32 8.77
C ALA B 404 31.93 -3.97 9.62
N ALA B 405 32.46 -3.28 10.57
CA ALA B 405 33.44 -4.02 11.30
C ALA B 405 32.89 -5.25 12.00
N ARG B 406 31.68 -5.24 12.53
CA ARG B 406 31.32 -6.36 13.39
C ARG B 406 31.51 -7.56 12.51
N VAL B 407 30.91 -7.52 11.34
CA VAL B 407 30.82 -8.70 10.49
C VAL B 407 32.20 -9.15 10.01
N LEU B 408 33.00 -8.19 9.59
CA LEU B 408 34.32 -8.45 9.07
C LEU B 408 35.11 -9.10 10.19
N MET B 409 35.09 -8.50 11.35
CA MET B 409 35.97 -9.01 12.33
C MET B 409 35.41 -10.36 12.61
N GLU B 410 34.10 -10.54 12.51
CA GLU B 410 33.64 -11.88 12.87
C GLU B 410 34.14 -12.89 11.78
N SER B 411 34.55 -12.31 10.66
CA SER B 411 34.93 -13.01 9.44
C SER B 411 36.40 -13.25 9.46
N GLY B 412 37.05 -12.53 10.34
CA GLY B 412 38.39 -12.89 10.72
C GLY B 412 39.38 -11.88 10.26
N TYR B 413 38.91 -10.96 9.43
CA TYR B 413 39.74 -9.85 8.96
C TYR B 413 40.56 -8.99 9.98
N THR B 414 41.31 -8.05 9.48
CA THR B 414 42.00 -7.27 10.41
C THR B 414 41.42 -5.99 10.05
N VAL B 415 40.91 -5.34 11.08
CA VAL B 415 40.15 -4.12 10.93
C VAL B 415 40.60 -3.05 11.87
N HIS B 416 40.64 -1.84 11.32
CA HIS B 416 40.74 -0.59 12.12
C HIS B 416 39.52 0.32 11.95
N LEU B 417 38.77 0.43 13.02
CA LEU B 417 37.60 1.23 12.93
C LEU B 417 37.91 2.62 13.54
N THR B 418 37.60 3.72 12.86
CA THR B 418 37.93 5.02 13.39
C THR B 418 36.73 5.84 13.08
N ASP B 419 36.51 6.79 13.97
CA ASP B 419 35.47 7.80 13.87
C ASP B 419 35.97 8.97 14.65
N THR B 420 35.54 10.20 14.27
CA THR B 420 35.71 11.48 15.00
C THR B 420 34.82 11.57 16.24
N ALA B 421 33.61 11.11 16.22
CA ALA B 421 32.95 11.01 17.50
C ALA B 421 33.71 10.32 18.63
N GLU B 422 33.27 10.61 19.85
CA GLU B 422 33.75 9.89 21.02
C GLU B 422 33.10 8.56 21.24
N LYS B 423 31.85 8.31 20.82
CA LYS B 423 31.35 6.92 20.94
C LYS B 423 30.74 6.21 19.71
N ILE B 424 30.62 4.86 19.78
CA ILE B 424 30.16 4.07 18.61
C ILE B 424 28.71 4.41 18.35
N GLY B 425 28.37 4.83 17.15
CA GLY B 425 26.94 4.95 16.90
C GLY B 425 26.46 5.95 15.90
N GLY B 426 27.37 6.79 15.41
CA GLY B 426 27.00 7.74 14.38
C GLY B 426 25.76 8.45 14.82
N HIS B 427 24.89 8.77 13.90
CA HIS B 427 23.85 9.67 14.37
C HIS B 427 22.85 8.98 15.29
N LEU B 428 23.05 7.72 15.69
CA LEU B 428 22.01 7.07 16.48
C LEU B 428 22.06 7.71 17.77
N ASN B 429 23.21 8.30 18.03
CA ASN B 429 23.36 8.84 19.34
C ASN B 429 22.47 9.99 19.66
N GLN B 430 22.38 10.99 18.83
CA GLN B 430 21.22 11.86 19.04
C GLN B 430 19.89 11.09 18.85
N VAL B 431 19.77 10.17 17.92
CA VAL B 431 18.40 9.78 17.61
C VAL B 431 17.79 9.26 18.88
N ALA B 432 18.62 8.61 19.67
CA ALA B 432 18.11 7.88 20.79
C ALA B 432 17.84 8.89 21.92
N ALA B 433 18.31 10.10 21.69
CA ALA B 433 18.04 11.11 22.70
C ALA B 433 16.74 11.78 22.52
N LEU B 434 16.12 11.72 21.34
CA LEU B 434 14.69 12.15 21.15
C LEU B 434 13.62 11.52 22.11
N PRO B 435 12.63 12.28 22.52
CA PRO B 435 11.81 11.72 23.59
C PRO B 435 11.30 10.31 23.11
N GLY B 436 11.24 9.30 24.00
CA GLY B 436 10.78 7.95 23.66
C GLY B 436 11.76 6.87 23.04
N LEU B 437 12.80 7.37 22.38
CA LEU B 437 13.58 6.52 21.52
C LEU B 437 14.73 6.08 22.31
N GLY B 438 14.55 6.03 23.61
CA GLY B 438 15.71 5.72 24.38
C GLY B 438 16.10 4.26 24.28
N GLU B 439 15.18 3.44 23.78
CA GLU B 439 15.54 2.06 23.68
C GLU B 439 16.14 1.65 22.29
N TRP B 440 16.17 2.60 21.35
CA TRP B 440 16.99 2.57 20.11
C TRP B 440 18.55 2.73 20.18
N SER B 441 19.05 3.22 21.31
CA SER B 441 20.43 3.03 21.76
C SER B 441 21.01 1.67 21.62
N TYR B 442 20.16 0.75 21.99
CA TYR B 442 20.47 -0.66 21.99
C TYR B 442 21.21 -1.12 20.73
N HIS B 443 21.02 -0.36 19.68
CA HIS B 443 21.61 -0.72 18.44
C HIS B 443 23.04 -0.33 18.30
N ARG B 444 23.51 0.68 19.00
CA ARG B 444 24.94 0.86 19.09
C ARG B 444 25.40 0.08 20.26
N ASP B 445 24.52 -0.10 21.25
CA ASP B 445 24.95 -0.71 22.51
C ASP B 445 25.49 -2.08 22.18
N TYR B 446 24.74 -2.80 21.37
CA TYR B 446 25.13 -4.12 21.00
C TYR B 446 26.36 -4.01 20.23
N ARG B 447 26.48 -3.10 19.27
CA ARG B 447 27.75 -3.00 18.50
C ARG B 447 29.03 -2.72 19.35
N GLU B 448 28.88 -1.86 20.33
CA GLU B 448 29.99 -1.39 21.10
C GLU B 448 30.44 -2.59 21.80
N THR B 449 29.49 -3.38 22.26
CA THR B 449 29.76 -4.54 23.09
C THR B 449 30.52 -5.65 22.35
N GLN B 450 30.03 -6.03 21.18
CA GLN B 450 30.74 -6.93 20.30
C GLN B 450 32.06 -6.44 19.63
N ILE B 451 32.14 -5.21 19.15
CA ILE B 451 33.44 -4.82 18.65
C ILE B 451 34.46 -4.93 19.76
N THR B 452 34.13 -4.46 20.96
CA THR B 452 35.07 -4.50 22.07
C THR B 452 35.59 -5.93 22.15
N LYS B 453 34.62 -6.89 22.08
CA LYS B 453 34.82 -8.35 22.27
C LYS B 453 35.58 -8.91 21.11
N LEU B 454 35.24 -8.44 19.93
CA LEU B 454 35.98 -8.82 18.77
C LEU B 454 37.45 -8.39 18.74
N LEU B 455 37.80 -7.31 19.47
CA LEU B 455 39.15 -6.75 19.40
C LEU B 455 40.14 -7.61 20.19
N LYS B 456 39.77 -8.01 21.40
CA LYS B 456 40.54 -9.06 22.13
C LYS B 456 40.74 -10.36 21.30
N LYS B 457 39.90 -10.65 20.33
CA LYS B 457 40.03 -11.85 19.57
C LYS B 457 40.81 -11.59 18.30
N ASN B 458 40.70 -10.43 17.67
CA ASN B 458 41.73 -10.20 16.64
C ASN B 458 42.86 -9.43 17.17
N LYS B 459 44.09 -9.96 17.18
CA LYS B 459 45.02 -9.00 17.78
C LYS B 459 45.41 -7.68 16.99
N GLU B 460 45.44 -7.70 15.64
CA GLU B 460 45.83 -6.48 14.86
C GLU B 460 44.67 -5.40 14.87
N SER B 461 43.48 -5.89 15.17
CA SER B 461 42.31 -5.20 14.80
C SER B 461 42.41 -4.08 15.81
N GLN B 462 41.82 -2.90 15.49
CA GLN B 462 41.82 -1.57 16.28
C GLN B 462 40.61 -0.61 16.32
N LEU B 463 40.08 -0.35 17.52
CA LEU B 463 39.16 0.86 17.71
C LEU B 463 39.63 2.30 18.16
N ALA B 464 39.30 3.30 17.39
CA ALA B 464 39.92 4.54 17.64
C ALA B 464 38.83 5.50 17.45
N LEU B 465 38.45 6.14 18.56
CA LEU B 465 37.39 7.14 18.71
C LEU B 465 38.12 8.33 19.14
N GLY B 466 37.47 9.46 19.03
CA GLY B 466 38.06 10.73 19.44
C GLY B 466 39.17 11.25 18.53
N GLN B 467 39.18 10.72 17.33
CA GLN B 467 40.19 10.99 16.36
C GLN B 467 39.94 12.25 15.62
N LYS B 468 41.01 12.63 14.91
CA LYS B 468 40.97 13.75 13.97
C LYS B 468 40.32 13.20 12.77
N PRO B 469 39.37 13.93 12.25
CA PRO B 469 38.67 13.46 11.07
C PRO B 469 39.73 12.96 10.10
N MET B 470 39.47 11.97 9.29
CA MET B 470 40.50 11.40 8.46
C MET B 470 40.54 12.26 7.26
N THR B 471 41.71 12.36 6.60
CA THR B 471 41.72 12.96 5.27
C THR B 471 42.16 11.96 4.30
N ALA B 472 42.08 12.35 3.06
CA ALA B 472 42.18 11.35 2.05
C ALA B 472 43.61 11.05 1.95
N ASP B 473 44.45 11.97 2.35
CA ASP B 473 45.83 11.58 2.49
C ASP B 473 46.09 10.52 3.64
N ASP B 474 45.42 10.70 4.76
CA ASP B 474 45.63 9.79 5.88
C ASP B 474 45.27 8.43 5.40
N VAL B 475 44.32 8.43 4.48
CA VAL B 475 43.57 7.26 4.06
C VAL B 475 44.33 6.43 3.07
N LEU B 476 44.81 7.11 2.03
CA LEU B 476 45.71 6.52 1.03
C LEU B 476 47.03 6.03 1.61
N GLN B 477 47.53 6.81 2.60
CA GLN B 477 48.71 6.39 3.38
C GLN B 477 48.34 5.48 4.61
N TYR B 478 47.14 4.89 4.68
CA TYR B 478 46.79 4.23 5.96
C TYR B 478 47.26 2.83 6.09
N GLY B 479 47.14 2.11 4.96
CA GLY B 479 47.79 0.83 4.85
C GLY B 479 46.80 -0.28 5.00
N ALA B 480 45.54 0.08 4.93
CA ALA B 480 44.55 -0.95 4.94
C ALA B 480 44.62 -1.54 3.61
N ASP B 481 44.42 -2.84 3.45
CA ASP B 481 44.25 -3.25 2.07
C ASP B 481 42.97 -2.73 1.54
N LYS B 482 41.93 -2.71 2.33
CA LYS B 482 40.72 -2.18 1.75
C LYS B 482 40.17 -1.08 2.65
N VAL B 483 39.34 -0.19 2.09
CA VAL B 483 38.75 0.94 2.81
C VAL B 483 37.22 1.00 2.65
N ILE B 484 36.48 1.03 3.76
CA ILE B 484 35.06 1.41 3.81
C ILE B 484 34.78 2.79 4.46
N ILE B 485 34.35 3.73 3.62
CA ILE B 485 33.96 5.06 4.05
C ILE B 485 32.53 4.92 4.48
N ALA B 486 32.21 5.41 5.68
CA ALA B 486 30.89 5.24 6.20
C ALA B 486 30.64 6.46 6.96
N THR B 487 30.63 7.57 6.27
CA THR B 487 30.76 8.86 6.92
C THR B 487 29.48 9.63 7.15
N GLY B 488 28.37 9.08 6.73
CA GLY B 488 27.10 9.63 7.11
C GLY B 488 26.38 10.58 6.15
N ALA B 489 25.32 11.17 6.67
CA ALA B 489 24.55 12.18 5.98
C ALA B 489 24.13 13.15 7.06
N ARG B 490 23.81 14.37 6.67
CA ARG B 490 23.38 15.40 7.62
C ARG B 490 22.05 15.90 7.13
N TRP B 491 21.29 16.51 8.03
CA TRP B 491 20.09 17.22 7.60
C TRP B 491 20.55 18.28 6.58
N ASN B 492 19.69 18.52 5.62
CA ASN B 492 19.86 19.62 4.75
C ASN B 492 19.73 20.97 5.41
N THR B 493 20.66 21.84 4.98
CA THR B 493 20.90 23.16 5.59
C THR B 493 19.99 24.25 4.97
N ASP B 494 19.51 23.96 3.76
CA ASP B 494 19.26 25.01 2.86
C ASP B 494 17.86 24.92 2.29
N GLY B 495 17.00 24.23 3.00
CA GLY B 495 15.63 24.11 2.50
C GLY B 495 15.43 23.21 1.29
N THR B 496 16.53 22.51 0.91
CA THR B 496 16.51 21.48 -0.14
C THR B 496 15.59 20.32 0.33
N ASN B 497 14.64 19.99 -0.56
CA ASN B 497 13.52 19.08 -0.37
C ASN B 497 13.14 18.24 -1.57
N CYS B 498 12.53 17.13 -1.23
CA CYS B 498 11.78 16.25 -2.11
C CYS B 498 10.72 16.87 -3.09
N LEU B 499 10.15 18.09 -2.85
CA LEU B 499 9.13 18.79 -3.78
C LEU B 499 9.68 19.60 -5.05
N THR B 500 10.73 20.37 -4.71
CA THR B 500 11.35 21.36 -5.54
C THR B 500 12.77 20.76 -5.89
N HIS B 501 13.36 20.00 -4.99
CA HIS B 501 14.74 19.52 -5.21
C HIS B 501 15.72 20.67 -5.33
N ASP B 502 15.29 21.82 -4.87
CA ASP B 502 16.18 22.95 -4.84
C ASP B 502 16.01 23.62 -3.50
N PRO B 503 16.92 24.52 -3.20
CA PRO B 503 16.90 25.26 -1.92
C PRO B 503 15.74 26.22 -1.90
N ILE B 504 15.07 26.36 -0.72
CA ILE B 504 14.12 27.47 -0.37
C ILE B 504 14.85 28.78 -0.22
N PRO B 505 14.50 29.80 -1.03
CA PRO B 505 15.30 31.02 -0.92
C PRO B 505 15.03 31.64 0.52
N GLY B 506 16.17 32.03 1.13
CA GLY B 506 16.18 32.54 2.50
C GLY B 506 16.21 31.53 3.62
N ALA B 507 16.32 30.25 3.22
CA ALA B 507 16.71 29.14 4.10
C ALA B 507 18.26 29.05 4.21
N ASP B 508 18.74 29.12 5.44
CA ASP B 508 20.12 28.80 5.72
C ASP B 508 20.22 28.80 7.24
N ALA B 509 20.86 27.77 7.83
CA ALA B 509 20.78 27.56 9.31
C ALA B 509 22.12 27.82 9.99
N SER B 510 22.90 28.67 9.33
CA SER B 510 23.83 29.47 10.09
C SER B 510 23.22 30.80 10.71
N LEU B 511 22.15 31.32 10.09
CA LEU B 511 21.29 32.38 10.68
C LEU B 511 20.66 32.02 12.09
N PRO B 512 20.42 33.05 12.94
CA PRO B 512 20.16 32.87 14.39
C PRO B 512 18.82 32.27 14.67
N ASP B 513 17.76 32.72 14.02
CA ASP B 513 16.45 32.08 14.19
C ASP B 513 16.11 30.80 13.37
N GLN B 514 17.12 30.21 12.67
CA GLN B 514 17.02 29.02 11.80
C GLN B 514 17.86 27.87 12.32
N LEU B 515 17.14 26.82 12.72
CA LEU B 515 17.64 25.46 13.10
C LEU B 515 17.51 24.13 12.12
N THR B 516 18.59 23.30 12.12
CA THR B 516 18.53 21.87 11.76
C THR B 516 18.20 20.91 12.98
N PRO B 517 17.91 19.61 12.76
CA PRO B 517 17.62 18.75 13.92
C PRO B 517 18.89 18.25 14.58
N GLU B 518 20.05 18.56 13.98
CA GLU B 518 21.29 18.47 14.72
C GLU B 518 21.39 19.55 15.78
N GLN B 519 21.37 20.84 15.34
CA GLN B 519 21.32 22.07 16.26
C GLN B 519 20.21 22.06 17.37
N VAL B 520 18.99 21.66 17.03
CA VAL B 520 18.05 21.40 18.07
C VAL B 520 18.48 20.31 18.99
N MET B 521 19.13 19.30 18.42
CA MET B 521 19.47 18.11 19.19
C MET B 521 20.77 18.25 20.03
N ASP B 522 21.81 18.90 19.47
CA ASP B 522 22.99 19.24 20.27
C ASP B 522 22.69 20.04 21.58
N GLY B 523 21.58 20.82 21.54
CA GLY B 523 21.04 21.69 22.61
C GLY B 523 21.74 23.02 22.92
N LYS B 524 22.63 23.46 22.04
CA LYS B 524 23.44 24.61 22.30
C LYS B 524 22.74 25.89 21.81
N LYS B 525 22.65 25.99 20.49
CA LYS B 525 21.95 27.04 19.75
C LYS B 525 20.53 27.41 20.44
N LYS B 526 20.18 28.72 20.49
CA LYS B 526 18.98 29.17 21.29
C LYS B 526 17.68 29.30 20.45
N ILE B 527 16.58 28.97 21.16
CA ILE B 527 15.32 28.58 20.52
C ILE B 527 14.22 29.46 21.05
N GLY B 528 13.69 30.24 20.07
CA GLY B 528 12.55 31.16 20.20
C GLY B 528 11.21 30.57 20.61
N LYS B 529 10.44 31.34 21.42
CA LYS B 529 9.07 31.05 21.96
C LYS B 529 8.10 30.36 20.89
N ARG B 530 8.02 31.04 19.75
CA ARG B 530 7.32 30.57 18.60
C ARG B 530 8.28 29.79 17.68
N VAL B 531 7.91 28.50 17.49
CA VAL B 531 8.50 27.59 16.54
C VAL B 531 7.55 27.05 15.49
N VAL B 532 8.18 27.01 14.32
CA VAL B 532 7.69 26.43 13.09
C VAL B 532 8.81 25.46 12.63
N ILE B 533 8.46 24.17 12.66
CA ILE B 533 9.03 23.01 11.90
C ILE B 533 8.48 22.88 10.41
N LEU B 534 9.37 23.20 9.48
CA LEU B 534 9.05 23.10 8.07
C LEU B 534 9.47 21.66 7.65
N ASN B 535 8.46 20.83 7.30
CA ASN B 535 8.61 19.38 7.19
C ASN B 535 8.38 18.87 5.83
N ALA B 536 9.42 18.28 5.25
CA ALA B 536 9.28 17.55 4.00
C ALA B 536 9.41 15.98 4.12
N ASP B 537 9.29 15.45 5.36
CA ASP B 537 9.83 14.15 5.72
C ASP B 537 8.71 13.47 6.22
N THR B 538 8.55 12.31 5.73
CA THR B 538 7.44 11.59 6.18
C THR B 538 7.67 10.81 7.43
N TYR B 539 8.92 10.61 7.89
CA TYR B 539 9.21 9.72 9.06
C TYR B 539 9.31 10.50 10.41
N PHE B 540 10.04 10.00 11.38
CA PHE B 540 9.78 10.34 12.76
C PHE B 540 10.27 11.74 13.17
N MET B 541 11.17 12.33 12.34
CA MET B 541 12.08 13.44 12.75
C MET B 541 11.21 14.54 13.28
N ALA B 542 10.52 15.19 12.30
CA ALA B 542 9.50 16.17 12.51
C ALA B 542 8.69 15.85 13.80
N PRO B 543 7.81 14.85 13.87
CA PRO B 543 6.91 14.78 15.01
C PRO B 543 7.74 14.86 16.22
N SER B 544 8.89 14.23 16.12
CA SER B 544 9.49 13.92 17.38
C SER B 544 9.98 15.27 17.95
N LEU B 545 10.57 16.06 17.05
CA LEU B 545 11.19 17.31 17.42
C LEU B 545 10.04 18.09 17.97
N ALA B 546 8.98 18.14 17.19
CA ALA B 546 7.76 18.74 17.69
C ALA B 546 7.56 18.35 19.18
N GLU B 547 7.48 17.06 19.49
CA GLU B 547 7.24 16.65 20.90
C GLU B 547 8.21 17.40 21.82
N LYS B 548 9.48 17.44 21.38
CA LYS B 548 10.61 17.79 22.25
C LYS B 548 10.33 19.22 22.58
N LEU B 549 10.19 19.99 21.56
CA LEU B 549 10.21 21.38 21.79
C LEU B 549 8.93 21.69 22.59
N ALA B 550 7.83 21.03 22.26
CA ALA B 550 6.59 21.41 22.94
C ALA B 550 6.82 21.14 24.37
N THR B 551 7.36 19.96 24.68
CA THR B 551 7.50 19.62 26.09
C THR B 551 8.51 20.61 26.73
N ALA B 552 9.28 21.28 25.90
CA ALA B 552 10.17 22.20 26.54
C ALA B 552 9.41 23.52 26.57
N GLY B 553 8.17 23.49 26.09
CA GLY B 553 7.28 24.65 26.25
C GLY B 553 7.27 25.80 25.23
N HIS B 554 7.94 25.60 24.12
CA HIS B 554 7.72 26.43 22.97
C HIS B 554 6.28 26.28 22.44
N GLU B 555 5.86 27.21 21.55
CA GLU B 555 4.58 27.15 20.84
C GLU B 555 4.73 26.58 19.44
N VAL B 556 4.14 25.40 19.16
CA VAL B 556 4.55 24.63 17.94
C VAL B 556 3.59 24.33 16.76
N THR B 557 4.06 24.78 15.60
CA THR B 557 3.39 24.57 14.32
C THR B 557 4.29 23.84 13.37
N ILE B 558 3.84 22.62 13.00
CA ILE B 558 4.33 21.92 11.81
C ILE B 558 3.60 22.20 10.47
N VAL B 559 4.45 22.74 9.59
CA VAL B 559 4.21 23.04 8.22
C VAL B 559 4.69 21.84 7.50
N SER B 560 3.73 21.20 6.84
CA SER B 560 3.99 19.97 6.18
C SER B 560 3.47 19.98 4.78
N GLY B 561 4.41 19.60 3.92
CA GLY B 561 4.28 19.60 2.47
C GLY B 561 4.19 18.17 1.97
N VAL B 562 4.11 17.31 2.97
CA VAL B 562 3.98 15.88 2.75
C VAL B 562 3.06 15.38 3.87
N HIS B 563 2.77 14.11 3.87
CA HIS B 563 1.76 13.66 4.80
C HIS B 563 2.61 13.40 6.00
N LEU B 564 2.27 13.95 7.15
CA LEU B 564 3.22 13.89 8.23
C LEU B 564 3.13 12.55 8.85
N ALA B 565 4.30 12.05 9.17
CA ALA B 565 4.35 10.87 9.98
C ALA B 565 3.86 9.70 9.22
N ASN B 566 3.90 9.74 7.88
CA ASN B 566 3.26 8.66 7.09
C ASN B 566 3.89 7.33 7.41
N TYR B 567 5.21 7.28 7.35
CA TYR B 567 5.87 6.06 7.72
C TYR B 567 5.28 5.46 8.97
N MET B 568 4.85 6.33 9.86
CA MET B 568 4.54 5.88 11.21
C MET B 568 3.26 5.17 11.23
N HIS B 569 2.42 5.52 10.25
CA HIS B 569 1.17 4.85 10.19
C HIS B 569 1.59 3.46 10.26
N PHE B 570 2.75 3.08 9.58
CA PHE B 570 3.19 1.66 9.25
C PHE B 570 4.01 0.93 10.30
N THR B 571 4.65 1.64 11.18
CA THR B 571 5.25 0.99 12.35
C THR B 571 4.32 0.81 13.60
N LEU B 572 3.11 1.30 13.45
CA LEU B 572 2.02 1.16 14.41
C LEU B 572 2.07 2.28 15.42
N GLU B 573 3.03 3.19 15.21
CA GLU B 573 3.29 4.31 16.08
C GLU B 573 2.25 5.43 15.94
N TYR B 574 1.65 5.61 14.77
CA TYR B 574 0.88 6.84 14.44
C TYR B 574 -0.22 7.28 15.38
N PRO B 575 -1.15 6.41 15.77
CA PRO B 575 -2.17 6.80 16.77
C PRO B 575 -1.52 7.55 17.97
N ASN B 576 -0.75 6.82 18.75
CA ASN B 576 -0.23 7.41 19.93
C ASN B 576 0.69 8.56 19.65
N MET B 577 1.14 8.75 18.43
CA MET B 577 2.01 9.90 18.15
C MET B 577 1.10 11.11 17.99
N MET B 578 0.02 10.93 17.24
CA MET B 578 -0.91 12.03 17.05
C MET B 578 -1.49 12.42 18.43
N ARG B 579 -2.19 11.51 19.09
CA ARG B 579 -2.77 11.81 20.37
C ARG B 579 -1.80 12.63 21.18
N ARG B 580 -0.52 12.22 21.10
CA ARG B 580 0.55 12.85 21.82
C ARG B 580 0.73 14.24 21.30
N LEU B 581 0.82 14.46 20.01
CA LEU B 581 1.05 15.85 19.61
C LEU B 581 -0.17 16.78 19.93
N HIS B 582 -1.38 16.19 19.94
CA HIS B 582 -2.61 16.86 20.35
C HIS B 582 -2.24 17.25 21.75
N GLU B 583 -2.19 16.28 22.67
CA GLU B 583 -2.01 16.55 24.07
C GLU B 583 -1.10 17.62 24.33
N LEU B 584 -0.04 17.74 23.57
CA LEU B 584 0.84 18.88 23.81
C LEU B 584 0.52 20.02 22.91
N HIS B 585 -0.76 20.17 22.52
CA HIS B 585 -1.20 21.33 21.75
C HIS B 585 -0.13 21.68 20.64
N VAL B 586 0.11 20.72 19.74
CA VAL B 586 1.01 20.99 18.62
C VAL B 586 0.17 21.25 17.38
N GLU B 587 0.48 22.38 16.75
CA GLU B 587 -0.32 22.85 15.63
C GLU B 587 0.22 22.19 14.33
N GLU B 588 -0.73 21.69 13.51
CA GLU B 588 -0.39 21.04 12.24
C GLU B 588 -1.03 21.72 11.03
N LEU B 589 -0.21 22.24 10.14
CA LEU B 589 -0.74 22.77 8.88
C LEU B 589 -0.26 21.91 7.71
N GLY B 590 -1.22 21.09 7.23
CA GLY B 590 -0.93 20.13 6.20
C GLY B 590 -1.04 20.74 4.84
N ASP B 591 -0.36 20.12 3.90
CA ASP B 591 -0.74 20.27 2.52
C ASP B 591 -0.19 21.60 2.20
N HIS B 592 0.77 22.00 3.06
CA HIS B 592 1.39 23.36 3.07
C HIS B 592 2.92 23.51 2.92
N PHE B 593 3.38 23.87 1.71
CA PHE B 593 4.82 24.09 1.54
C PHE B 593 5.36 25.57 1.74
N CYS B 594 6.61 25.89 1.47
CA CYS B 594 7.06 27.26 1.70
C CYS B 594 8.01 27.82 0.60
N SER B 595 7.80 29.09 0.22
CA SER B 595 8.40 29.70 -1.00
C SER B 595 9.50 30.76 -0.83
N ARG B 596 9.56 31.32 0.37
CA ARG B 596 10.75 32.07 0.83
C ARG B 596 10.70 32.33 2.38
N ILE B 597 11.91 32.18 2.96
CA ILE B 597 12.18 32.59 4.33
C ILE B 597 12.90 33.91 4.37
N GLU B 598 12.39 34.68 5.35
CA GLU B 598 12.86 35.99 5.84
C GLU B 598 13.01 35.91 7.39
N PRO B 599 13.90 36.72 7.96
CA PRO B 599 13.94 36.85 9.43
C PRO B 599 12.51 36.87 9.90
N GLY B 600 12.26 36.22 11.03
CA GLY B 600 10.96 36.19 11.69
C GLY B 600 9.71 35.84 10.88
N ARG B 601 9.94 35.64 9.56
CA ARG B 601 8.85 35.44 8.59
C ARG B 601 9.12 34.42 7.42
N MET B 602 8.14 33.53 7.12
CA MET B 602 8.16 32.62 5.95
C MET B 602 6.88 32.64 5.15
N GLU B 603 7.03 32.44 3.85
CA GLU B 603 5.90 32.45 2.96
C GLU B 603 5.53 31.00 2.71
N ILE B 604 4.32 30.59 3.11
CA ILE B 604 3.79 29.21 2.97
C ILE B 604 2.65 29.10 1.96
N TYR B 605 2.45 27.96 1.30
CA TYR B 605 1.36 27.79 0.28
C TYR B 605 0.66 26.38 0.26
N ASN B 606 -0.64 26.40 -0.01
CA ASN B 606 -1.41 25.17 -0.11
C ASN B 606 -1.01 24.61 -1.47
N ILE B 607 -0.90 23.27 -1.51
CA ILE B 607 -0.19 22.56 -2.60
C ILE B 607 -1.20 22.12 -3.62
N TRP B 608 -2.41 22.24 -3.16
CA TRP B 608 -3.57 22.17 -4.04
C TRP B 608 -4.23 23.57 -4.44
N GLY B 609 -3.41 24.62 -4.29
CA GLY B 609 -3.74 25.96 -4.70
C GLY B 609 -3.73 26.14 -6.19
N ASP B 610 -3.00 25.30 -6.95
CA ASP B 610 -3.09 25.46 -8.41
C ASP B 610 -4.49 25.17 -8.98
N GLY B 611 -4.61 25.48 -10.26
CA GLY B 611 -5.91 25.35 -10.90
C GLY B 611 -6.19 23.87 -11.16
N SER B 612 -7.49 23.55 -11.11
CA SER B 612 -7.93 22.25 -11.46
C SER B 612 -7.91 22.03 -12.99
N LYS B 613 -8.13 23.02 -13.87
CA LYS B 613 -8.07 22.54 -15.27
C LYS B 613 -6.83 22.84 -16.16
N ARG B 614 -6.31 21.76 -16.76
CA ARG B 614 -5.06 21.83 -17.45
C ARG B 614 -5.22 22.17 -18.92
N THR B 615 -4.69 23.30 -19.34
CA THR B 615 -4.72 23.69 -20.73
C THR B 615 -3.35 23.72 -21.31
N TYR B 616 -3.19 23.32 -22.57
CA TYR B 616 -2.01 23.77 -23.37
C TYR B 616 -1.87 25.33 -23.40
N ARG B 617 -0.93 25.86 -22.65
CA ARG B 617 -0.86 27.27 -22.56
C ARG B 617 0.38 27.79 -23.40
N GLY B 618 1.00 26.91 -24.22
CA GLY B 618 2.26 27.26 -24.92
C GLY B 618 3.50 27.46 -23.99
N PRO B 619 4.75 27.51 -24.54
CA PRO B 619 5.95 27.42 -23.64
C PRO B 619 6.10 28.66 -22.73
N GLY B 620 6.75 28.46 -21.61
CA GLY B 620 7.04 29.54 -20.65
C GLY B 620 5.93 29.89 -19.65
N VAL B 621 4.93 29.01 -19.65
CA VAL B 621 3.65 29.42 -19.16
C VAL B 621 2.97 28.18 -18.32
N SER B 622 2.82 28.27 -16.95
CA SER B 622 2.04 27.28 -16.15
C SER B 622 0.73 26.87 -16.93
N PRO B 623 0.43 25.56 -17.17
CA PRO B 623 -0.83 25.22 -17.86
C PRO B 623 -2.01 24.97 -16.85
N ARG B 624 -1.82 25.41 -15.60
CA ARG B 624 -2.94 25.60 -14.69
C ARG B 624 -3.06 27.13 -14.46
N ASP B 625 -4.23 27.60 -13.99
CA ASP B 625 -4.40 28.91 -13.27
C ASP B 625 -3.45 28.97 -12.07
N ALA B 626 -2.61 30.03 -12.00
CA ALA B 626 -1.54 30.03 -10.98
C ALA B 626 -1.98 30.06 -9.43
N ASN B 627 -1.00 29.69 -8.58
CA ASN B 627 -1.34 29.41 -7.23
C ASN B 627 -1.36 30.62 -6.38
N THR B 628 -2.55 30.99 -5.94
CA THR B 628 -2.72 32.29 -5.34
C THR B 628 -3.04 32.21 -3.83
N SER B 629 -2.40 31.34 -3.10
CA SER B 629 -2.87 31.34 -1.73
C SER B 629 -1.74 31.61 -0.76
N HIS B 630 -0.51 31.79 -1.30
CA HIS B 630 0.67 32.06 -0.46
C HIS B 630 0.35 33.06 0.62
N ARG B 631 0.88 32.90 1.82
CA ARG B 631 0.66 33.85 2.93
C ARG B 631 1.83 33.81 3.95
N TRP B 632 1.98 34.87 4.74
CA TRP B 632 3.20 35.00 5.56
C TRP B 632 2.93 34.73 7.03
N ILE B 633 3.64 33.71 7.52
CA ILE B 633 3.56 33.35 8.92
C ILE B 633 4.87 33.66 9.60
N GLU B 634 4.75 34.08 10.84
CA GLU B 634 5.92 34.43 11.61
C GLU B 634 6.39 33.22 12.52
N PHE B 635 7.61 33.37 13.00
CA PHE B 635 8.19 32.46 13.97
C PHE B 635 9.37 33.13 14.66
N ASP B 636 9.57 32.76 15.92
CA ASP B 636 10.82 33.11 16.63
C ASP B 636 11.98 32.36 15.92
N SER B 637 11.95 31.02 16.08
CA SER B 637 12.90 30.08 15.47
C SER B 637 12.24 29.04 14.58
N LEU B 638 12.81 28.94 13.37
CA LEU B 638 12.53 27.92 12.33
C LEU B 638 13.49 26.75 12.31
N VAL B 639 12.90 25.58 12.19
CA VAL B 639 13.56 24.30 12.37
C VAL B 639 13.42 23.69 11.01
N LEU B 640 14.47 23.60 10.20
CA LEU B 640 14.24 22.84 8.96
C LEU B 640 14.30 21.31 9.04
N VAL B 641 13.29 20.65 8.47
CA VAL B 641 13.22 19.19 8.40
C VAL B 641 12.83 18.84 6.95
N THR B 642 13.76 19.04 6.04
CA THR B 642 13.34 19.19 4.66
C THR B 642 13.87 18.05 3.91
N GLY B 643 14.99 17.50 4.37
CA GLY B 643 15.64 16.40 3.66
C GLY B 643 17.03 16.15 4.16
N ARG B 644 17.69 15.12 3.64
CA ARG B 644 19.07 14.82 4.04
C ARG B 644 19.92 14.42 2.87
N HIS B 645 21.22 14.57 3.03
CA HIS B 645 22.15 14.46 1.92
C HIS B 645 23.40 13.76 2.41
N SER B 646 24.14 13.13 1.49
CA SER B 646 25.17 12.20 1.88
C SER B 646 26.45 12.94 2.05
N GLU B 647 27.29 12.51 2.96
CA GLU B 647 28.44 13.33 3.27
C GLU B 647 29.53 12.70 2.50
N CYS B 648 29.58 12.85 1.21
CA CYS B 648 30.57 11.96 0.62
C CYS B 648 31.85 12.59 0.12
N THR B 649 32.22 13.62 0.91
CA THR B 649 33.21 14.68 0.66
C THR B 649 34.53 13.99 0.49
N LEU B 650 34.83 13.03 1.38
CA LEU B 650 36.11 12.32 1.46
C LEU B 650 36.26 11.32 0.38
N TRP B 651 35.10 10.79 0.05
CA TRP B 651 34.97 9.79 -0.96
C TRP B 651 34.99 10.43 -2.35
N ASN B 652 34.37 11.64 -2.49
CA ASN B 652 34.62 12.57 -3.63
C ASN B 652 36.22 12.63 -3.86
N GLU B 653 36.90 13.16 -2.84
CA GLU B 653 38.33 13.21 -2.80
C GLU B 653 38.99 11.87 -3.08
N LEU B 654 38.64 10.79 -2.42
CA LEU B 654 39.41 9.58 -2.68
C LEU B 654 39.20 9.07 -4.06
N LYS B 655 38.09 9.53 -4.64
CA LYS B 655 37.70 8.99 -5.90
C LYS B 655 38.50 9.75 -6.87
N ALA B 656 38.46 11.09 -6.74
CA ALA B 656 39.27 11.99 -7.60
C ALA B 656 40.82 11.49 -7.90
N ARG B 657 41.42 10.81 -6.90
CA ARG B 657 42.83 10.45 -6.90
C ARG B 657 42.86 8.96 -6.92
N GLU B 658 41.74 8.33 -7.26
CA GLU B 658 41.66 6.88 -7.46
C GLU B 658 42.87 6.27 -8.27
N SER B 659 43.42 7.11 -9.15
CA SER B 659 44.76 6.92 -9.76
C SER B 659 45.99 6.62 -8.74
N GLU B 660 46.04 7.31 -7.63
CA GLU B 660 47.01 6.88 -6.64
C GLU B 660 46.61 5.71 -5.66
N TRP B 661 45.52 4.94 -5.84
CA TRP B 661 45.33 3.91 -4.77
C TRP B 661 46.25 2.75 -5.10
N ALA B 662 46.32 2.42 -6.37
CA ALA B 662 47.23 1.38 -6.85
C ALA B 662 48.75 1.43 -6.33
N GLU B 663 49.40 2.59 -6.42
CA GLU B 663 50.72 2.73 -5.77
C GLU B 663 50.78 2.53 -4.17
N ASN B 664 49.59 2.71 -3.54
CA ASN B 664 49.40 2.87 -2.07
C ASN B 664 49.07 1.59 -1.40
N ASP B 665 48.87 0.62 -2.31
CA ASP B 665 48.53 -0.78 -2.10
C ASP B 665 47.05 -1.05 -1.74
N ILE B 666 46.25 -0.04 -2.02
CA ILE B 666 44.83 -0.07 -1.86
C ILE B 666 44.15 -0.78 -3.01
N LYS B 667 43.64 -1.94 -2.74
CA LYS B 667 42.99 -2.66 -3.81
C LYS B 667 41.49 -2.24 -4.09
N GLY B 668 40.89 -1.50 -3.13
CA GLY B 668 39.58 -0.89 -3.31
C GLY B 668 39.08 -0.01 -2.18
N ILE B 669 38.16 0.90 -2.53
CA ILE B 669 37.42 1.73 -1.60
C ILE B 669 35.89 1.70 -1.94
N TYR B 670 35.11 1.38 -0.93
CA TYR B 670 33.68 1.25 -1.06
C TYR B 670 32.90 2.20 -0.16
N LEU B 671 31.82 2.71 -0.74
CA LEU B 671 30.91 3.59 -0.07
C LEU B 671 29.61 2.82 0.39
N ILE B 672 29.15 3.15 1.62
CA ILE B 672 28.10 2.48 2.45
C ILE B 672 27.34 3.39 3.47
N GLY B 673 26.22 2.93 3.97
CA GLY B 673 25.51 3.70 4.96
C GLY B 673 24.84 4.88 4.33
N ASP B 674 24.60 5.91 5.10
CA ASP B 674 23.98 7.15 4.64
C ASP B 674 24.82 7.97 3.64
N ALA B 675 26.12 7.68 3.61
CA ALA B 675 27.10 8.31 2.72
C ALA B 675 27.01 7.90 1.25
N GLU B 676 26.53 6.71 0.95
CA GLU B 676 26.09 6.39 -0.40
C GLU B 676 24.75 7.08 -0.74
N ALA B 677 23.83 6.97 0.22
CA ALA B 677 22.47 7.47 0.13
C ALA B 677 21.81 7.57 1.56
N PRO B 678 21.05 8.62 1.91
CA PRO B 678 20.29 8.61 3.17
C PRO B 678 19.30 7.40 3.40
N ARG B 679 19.53 6.46 4.30
CA ARG B 679 18.56 5.30 4.46
C ARG B 679 18.08 5.08 5.89
N LEU B 680 16.99 4.32 5.97
CA LEU B 680 16.46 3.76 7.23
C LEU B 680 17.63 3.42 8.17
N ILE B 681 17.43 3.07 9.45
CA ILE B 681 18.66 2.68 10.17
C ILE B 681 18.97 1.27 9.77
N ALA B 682 17.87 0.54 9.74
CA ALA B 682 17.92 -0.81 9.30
C ALA B 682 18.80 -0.83 8.07
N ASP B 683 18.40 -0.11 7.01
CA ASP B 683 19.04 -0.21 5.71
C ASP B 683 20.45 0.29 5.79
N ALA B 684 20.68 1.33 6.55
CA ALA B 684 22.05 1.62 6.76
C ALA B 684 22.78 0.37 7.15
N THR B 685 22.30 -0.29 8.20
CA THR B 685 23.06 -1.39 8.81
C THR B 685 23.25 -2.59 7.91
N PHE B 686 22.39 -2.73 6.94
CA PHE B 686 22.52 -3.80 6.01
C PHE B 686 23.62 -3.46 5.11
N THR B 687 23.73 -2.21 4.67
CA THR B 687 24.73 -1.97 3.64
C THR B 687 26.09 -2.25 4.15
N GLY B 688 26.19 -2.55 5.42
CA GLY B 688 27.50 -2.71 6.01
C GLY B 688 27.57 -4.16 6.09
N HIS B 689 26.40 -4.72 6.20
CA HIS B 689 26.44 -6.10 6.44
C HIS B 689 26.86 -6.62 5.18
N ARG B 690 26.22 -6.14 4.13
CA ARG B 690 26.56 -6.61 2.82
C ARG B 690 28.12 -6.38 2.49
N VAL B 691 28.58 -5.13 2.30
CA VAL B 691 29.98 -4.99 1.84
C VAL B 691 30.86 -5.99 2.62
N ALA B 692 30.72 -6.03 3.93
CA ALA B 692 31.42 -7.05 4.63
C ALA B 692 31.16 -8.42 4.00
N ARG B 693 29.96 -8.99 4.12
CA ARG B 693 29.83 -10.42 3.77
C ARG B 693 30.45 -10.54 2.40
N GLU B 694 30.44 -9.44 1.62
CA GLU B 694 30.75 -9.49 0.21
C GLU B 694 32.10 -8.81 -0.06
N ILE B 695 33.01 -8.73 0.91
CA ILE B 695 34.27 -8.01 0.66
C ILE B 695 35.14 -8.62 -0.43
N GLU B 696 34.93 -9.92 -0.63
CA GLU B 696 35.71 -10.73 -1.56
C GLU B 696 35.21 -10.84 -3.08
N GLU B 697 34.03 -10.30 -3.39
CA GLU B 697 33.53 -10.32 -4.77
C GLU B 697 34.21 -9.28 -5.60
N ALA B 698 33.96 -9.40 -6.89
CA ALA B 698 34.61 -8.54 -7.87
C ALA B 698 34.39 -7.03 -7.54
N ASN B 699 33.15 -6.66 -7.51
CA ASN B 699 32.94 -5.34 -7.07
C ASN B 699 32.02 -5.46 -5.83
N PRO B 700 32.63 -5.29 -4.65
CA PRO B 700 31.84 -5.38 -3.41
C PRO B 700 30.85 -4.24 -3.40
N GLN B 701 31.18 -3.06 -3.98
CA GLN B 701 30.31 -1.89 -3.94
C GLN B 701 28.78 -2.11 -4.32
N ILE B 702 28.54 -3.21 -5.06
CA ILE B 702 27.25 -3.70 -5.60
C ILE B 702 26.87 -5.16 -5.25
N ALA B 703 25.63 -5.38 -4.86
CA ALA B 703 25.26 -6.66 -4.31
C ALA B 703 25.30 -7.74 -5.35
N ILE B 704 25.78 -8.94 -4.98
CA ILE B 704 25.58 -10.15 -5.80
C ILE B 704 24.20 -10.78 -5.72
N PRO B 705 23.79 -11.48 -6.74
CA PRO B 705 22.35 -11.71 -6.92
C PRO B 705 21.97 -12.46 -5.72
N TYR B 706 20.68 -12.62 -5.41
CA TYR B 706 20.24 -13.48 -4.31
C TYR B 706 19.20 -14.45 -4.82
N LYS B 707 18.94 -15.56 -4.14
CA LYS B 707 17.83 -16.43 -4.59
C LYS B 707 16.65 -15.49 -4.99
N ARG B 708 15.90 -15.75 -6.06
CA ARG B 708 14.53 -15.19 -6.09
C ARG B 708 13.47 -16.31 -6.03
N GLU B 709 12.42 -16.17 -5.19
CA GLU B 709 11.34 -17.18 -5.09
C GLU B 709 10.12 -16.90 -5.94
N THR B 710 10.25 -16.95 -7.26
CA THR B 710 9.19 -16.50 -8.11
C THR B 710 8.97 -17.61 -9.09
N ILE B 711 7.73 -17.79 -9.57
CA ILE B 711 7.28 -19.02 -10.23
C ILE B 711 7.81 -19.35 -11.65
N ALA B 712 8.11 -20.62 -11.91
CA ALA B 712 8.75 -20.94 -13.18
C ALA B 712 7.81 -21.51 -14.16
N TRP B 713 7.70 -20.78 -15.26
CA TRP B 713 6.70 -21.09 -16.26
C TRP B 713 6.80 -22.51 -16.62
N GLY B 714 5.62 -23.11 -16.80
CA GLY B 714 5.56 -24.55 -16.94
C GLY B 714 5.63 -25.37 -15.64
N THR B 715 5.67 -24.67 -14.51
CA THR B 715 5.58 -25.40 -13.27
C THR B 715 4.31 -25.00 -12.57
N PRO B 716 3.48 -26.02 -12.27
CA PRO B 716 2.17 -25.79 -11.62
C PRO B 716 2.32 -25.52 -10.20
N HIS B 717 1.83 -24.42 -9.63
CA HIS B 717 1.73 -24.44 -8.16
C HIS B 717 0.97 -25.75 -7.77
N MET B 718 -0.04 -26.09 -8.55
CA MET B 718 -0.91 -27.15 -8.12
C MET B 718 -0.19 -28.39 -8.58
N PRO B 719 -0.15 -29.41 -7.72
CA PRO B 719 0.46 -30.70 -8.12
C PRO B 719 -0.47 -31.42 -9.05
N GLY B 720 0.19 -31.60 -10.19
CA GLY B 720 -0.40 -32.21 -11.36
C GLY B 720 -1.55 -31.43 -11.95
N GLY B 721 -1.33 -30.15 -12.27
CA GLY B 721 -2.37 -29.38 -12.89
C GLY B 721 -1.80 -28.96 -14.17
N ASN B 722 -2.65 -28.43 -15.00
CA ASN B 722 -2.26 -27.84 -16.31
C ASN B 722 -1.73 -26.34 -16.28
N PHE B 723 -0.44 -26.14 -16.53
CA PHE B 723 0.05 -24.76 -16.53
C PHE B 723 -0.38 -24.00 -17.72
N LYS B 724 -0.93 -24.70 -18.67
CA LYS B 724 -1.15 -24.10 -19.94
C LYS B 724 -2.39 -23.13 -19.92
N ILE B 725 -2.41 -22.13 -20.80
CA ILE B 725 -3.61 -21.33 -20.92
C ILE B 725 -4.76 -22.30 -21.16
N GLU B 726 -5.85 -22.09 -20.45
CA GLU B 726 -6.99 -22.95 -20.77
C GLU B 726 -8.46 -22.40 -20.88
N TYR B 727 -8.93 -21.75 -21.98
CA TYR B 727 -10.27 -21.10 -21.85
C TYR B 727 -11.47 -21.99 -21.75
N LYS B 728 -12.48 -21.58 -20.99
CA LYS B 728 -13.70 -22.37 -20.89
C LYS B 728 -14.51 -21.88 -22.05
N VAL B 729 -14.61 -22.75 -23.03
CA VAL B 729 -15.53 -22.53 -24.15
C VAL B 729 -16.44 -23.73 -24.24
N MET C 1 69.63 13.59 24.49
CA MET C 1 68.57 13.56 25.57
C MET C 1 67.68 12.31 25.43
N LYS C 2 67.22 11.79 26.56
CA LYS C 2 66.55 10.50 26.56
C LYS C 2 65.63 10.28 27.74
N ILE C 3 64.36 9.92 27.42
CA ILE C 3 63.31 9.58 28.37
C ILE C 3 63.11 8.09 28.23
N LEU C 4 63.20 7.38 29.34
CA LEU C 4 62.93 5.96 29.35
C LEU C 4 61.61 5.68 30.03
N VAL C 5 60.73 4.90 29.39
CA VAL C 5 59.39 4.66 29.88
C VAL C 5 59.25 3.23 30.22
N ALA C 6 58.88 2.89 31.44
CA ALA C 6 58.89 1.52 31.88
C ALA C 6 57.55 1.01 31.63
N VAL C 7 57.41 0.05 30.72
CA VAL C 7 56.12 -0.60 30.34
C VAL C 7 55.91 -2.06 30.75
N LYS C 8 54.64 -2.46 30.99
CA LYS C 8 54.26 -3.79 31.42
C LYS C 8 53.17 -4.37 30.57
N GLN C 9 53.30 -5.67 30.32
CA GLN C 9 52.26 -6.54 29.71
C GLN C 9 51.40 -7.22 30.79
N THR C 10 50.12 -6.96 30.74
CA THR C 10 49.39 -7.42 31.88
C THR C 10 48.64 -8.45 31.28
N ALA C 11 48.08 -9.19 32.21
CA ALA C 11 47.05 -10.17 32.00
C ALA C 11 45.60 -9.67 32.33
N ALA C 12 44.66 -10.25 31.58
CA ALA C 12 43.21 -10.11 31.81
C ALA C 12 42.62 -11.52 31.66
N LEU C 13 41.70 -11.88 32.54
CA LEU C 13 41.18 -13.23 32.59
C LEU C 13 40.04 -13.21 31.61
N GLU C 14 39.62 -14.38 31.11
CA GLU C 14 38.23 -14.53 30.60
C GLU C 14 37.06 -14.83 31.63
N GLU C 15 35.77 -14.82 31.24
CA GLU C 15 34.82 -15.54 32.08
C GLU C 15 35.09 -17.03 31.63
N ASP C 16 34.90 -18.04 32.46
CA ASP C 16 34.86 -17.99 33.90
C ASP C 16 36.18 -18.70 34.04
N PHE C 17 37.22 -17.99 34.37
CA PHE C 17 38.43 -18.64 34.74
C PHE C 17 38.23 -19.63 35.93
N GLU C 18 39.26 -20.46 36.13
CA GLU C 18 39.32 -21.38 37.22
C GLU C 18 40.72 -21.18 37.80
N ILE C 19 40.81 -21.12 39.12
CA ILE C 19 42.10 -21.45 39.79
C ILE C 19 42.87 -22.84 39.45
N ARG C 20 44.20 -22.83 39.55
CA ARG C 20 45.03 -23.96 39.11
C ARG C 20 45.40 -24.97 40.20
N ASP C 22 46.92 -26.30 41.84
CA ASP C 22 47.88 -25.85 42.83
C ASP C 22 47.26 -24.94 43.90
N GLY C 23 46.25 -24.08 43.52
CA GLY C 23 45.68 -22.96 44.34
C GLY C 23 46.52 -21.71 44.69
N MET C 24 47.38 -21.36 43.76
CA MET C 24 48.51 -20.45 43.92
C MET C 24 48.43 -19.35 42.83
N ASP C 25 47.54 -19.54 41.87
CA ASP C 25 47.38 -18.67 40.71
C ASP C 25 46.11 -19.10 40.06
N VAL C 26 45.79 -18.47 38.94
CA VAL C 26 44.77 -18.90 37.95
C VAL C 26 45.38 -19.82 36.82
N ASP C 27 44.56 -20.68 36.21
CA ASP C 27 45.00 -21.33 34.99
C ASP C 27 45.43 -20.33 33.90
N GLU C 28 46.45 -20.73 33.11
CA GLU C 28 47.10 -19.89 32.06
C GLU C 28 46.33 -19.85 30.74
N ASP C 29 45.32 -20.70 30.60
CA ASP C 29 44.55 -20.70 29.35
C ASP C 29 43.46 -19.56 29.44
N PHE C 30 43.08 -19.22 30.64
CA PHE C 30 42.15 -18.14 30.79
C PHE C 30 42.79 -16.76 30.64
N MET C 31 44.02 -16.68 30.19
CA MET C 31 44.73 -15.40 30.23
C MET C 31 44.98 -14.73 28.89
N MET C 32 44.95 -13.42 28.89
CA MET C 32 45.13 -12.62 27.71
C MET C 32 45.99 -11.38 28.03
N TYR C 33 47.05 -11.26 27.25
CA TYR C 33 48.12 -10.36 27.52
C TYR C 33 47.95 -9.15 26.71
N ASP C 34 48.14 -8.01 27.37
CA ASP C 34 48.15 -6.70 26.71
C ASP C 34 49.00 -5.61 27.43
N LEU C 35 49.20 -4.50 26.73
CA LEU C 35 49.97 -3.43 27.27
C LEU C 35 49.15 -2.84 28.40
N ASN C 36 49.65 -2.86 29.62
CA ASN C 36 48.96 -2.23 30.73
C ASN C 36 48.34 -0.99 30.26
N GLU C 37 47.17 -0.67 30.76
CA GLU C 37 46.52 0.54 30.29
C GLU C 37 47.20 1.83 30.56
N TRP C 38 47.69 2.08 31.78
CA TRP C 38 48.43 3.32 32.11
C TRP C 38 49.59 3.69 31.22
N ASP C 39 50.14 2.70 30.57
CA ASP C 39 51.41 2.90 29.97
C ASP C 39 51.09 3.62 28.73
N ASP C 40 49.93 3.36 28.15
CA ASP C 40 49.56 4.20 27.04
C ASP C 40 49.55 5.61 27.37
N PHE C 41 49.49 6.04 28.63
CA PHE C 41 49.41 7.47 28.90
C PHE C 41 50.77 7.98 29.10
N SER C 42 51.58 7.14 29.72
CA SER C 42 52.98 7.38 29.73
C SER C 42 53.48 7.59 28.35
N LEU C 43 53.51 6.53 27.55
CA LEU C 43 54.29 6.62 26.33
C LEU C 43 54.01 7.96 25.63
N GLU C 44 52.75 8.26 25.41
CA GLU C 44 52.36 9.55 24.90
C GLU C 44 53.10 10.73 25.59
N GLU C 45 53.06 10.88 26.94
CA GLU C 45 53.54 12.17 27.56
C GLU C 45 54.89 12.45 26.99
N ALA C 46 55.60 11.35 26.82
CA ALA C 46 56.96 11.32 26.35
C ALA C 46 57.05 11.63 24.90
N MET C 47 56.20 11.03 24.10
CA MET C 47 56.16 11.48 22.73
C MET C 47 55.72 12.96 22.75
N LYS C 48 54.96 13.37 23.74
CA LYS C 48 54.53 14.75 23.71
C LYS C 48 55.81 15.58 23.72
N ILE C 49 56.61 15.38 24.78
CA ILE C 49 57.89 16.08 24.99
C ILE C 49 58.79 16.03 23.74
N LYS C 50 59.04 14.82 23.23
CA LYS C 50 59.86 14.58 22.05
C LYS C 50 59.50 15.42 20.86
N GLU C 51 58.20 15.69 20.72
CA GLU C 51 57.65 16.50 19.59
C GLU C 51 57.55 17.99 20.00
N SER C 52 57.82 18.30 21.26
CA SER C 52 57.67 19.68 21.62
C SER C 52 58.95 20.41 21.27
N SER C 53 59.99 19.67 20.93
CA SER C 53 61.34 20.30 20.77
C SER C 53 62.10 20.28 19.32
N ASP C 54 63.34 20.76 19.24
CA ASP C 54 64.19 20.19 18.24
C ASP C 54 65.30 19.39 18.93
N ASP C 56 65.98 17.08 20.64
CA ASP C 56 66.17 15.76 20.07
C ASP C 56 66.20 14.68 21.13
N VAL C 57 65.14 13.85 21.18
CA VAL C 57 64.75 13.07 22.39
C VAL C 57 64.44 11.62 22.04
N GLU C 58 65.27 10.78 22.59
CA GLU C 58 65.06 9.37 22.40
C GLU C 58 63.98 8.97 23.37
N VAL C 59 62.95 8.33 22.85
CA VAL C 59 62.03 7.67 23.73
C VAL C 59 62.35 6.22 23.65
N VAL C 60 62.40 5.62 24.81
CA VAL C 60 62.75 4.27 24.80
C VAL C 60 61.92 3.64 25.87
N VAL C 61 61.28 2.55 25.49
CA VAL C 61 60.47 1.73 26.36
C VAL C 61 61.27 0.52 26.79
N VAL C 62 61.06 0.11 28.02
CA VAL C 62 61.72 -1.07 28.53
C VAL C 62 60.79 -1.99 29.24
N SER C 63 60.97 -3.27 29.08
CA SER C 63 60.01 -4.13 29.71
C SER C 63 60.70 -5.34 30.38
N VAL C 64 60.20 -5.78 31.53
CA VAL C 64 60.76 -7.00 32.07
C VAL C 64 59.77 -8.14 31.94
N GLY C 65 60.30 -9.26 31.45
CA GLY C 65 59.49 -10.41 31.15
C GLY C 65 59.82 -11.22 29.91
N PRO C 66 59.07 -12.29 29.81
CA PRO C 66 59.06 -13.25 28.67
C PRO C 66 58.68 -12.89 27.24
N ASP C 67 58.78 -13.90 26.34
CA ASP C 67 58.78 -13.78 24.87
C ASP C 67 57.52 -13.13 24.34
N ARG C 68 56.46 -13.27 25.19
CA ARG C 68 55.15 -12.69 24.86
C ARG C 68 55.20 -11.17 24.75
N VAL C 69 55.70 -10.56 25.81
CA VAL C 69 55.90 -9.10 25.93
C VAL C 69 56.30 -8.34 24.66
N ASP C 70 57.28 -8.88 23.96
CA ASP C 70 57.53 -8.46 22.62
C ASP C 70 56.24 -7.79 22.07
N GLU C 71 55.13 -8.53 22.17
CA GLU C 71 53.90 -8.11 21.53
C GLU C 71 53.65 -6.72 21.96
N SER C 72 53.86 -6.48 23.22
CA SER C 72 53.51 -5.17 23.64
C SER C 72 54.47 -4.14 23.24
N LEU C 73 55.74 -4.47 23.31
CA LEU C 73 56.75 -3.48 22.97
C LEU C 73 56.71 -3.03 21.49
N ARG C 74 56.35 -3.95 20.64
CA ARG C 74 56.10 -3.54 19.31
C ARG C 74 55.00 -2.50 19.22
N LYS C 75 53.96 -2.63 20.06
CA LYS C 75 52.81 -1.74 20.02
C LYS C 75 53.28 -0.43 20.53
N CYS C 76 54.27 -0.45 21.41
CA CYS C 76 54.88 0.80 21.77
C CYS C 76 55.64 1.40 20.59
N LEU C 77 56.41 0.59 19.88
CA LEU C 77 57.13 1.13 18.72
C LEU C 77 56.28 1.95 17.82
N ALA C 78 55.12 1.35 17.55
CA ALA C 78 54.14 1.88 16.64
C ALA C 78 53.51 3.04 17.28
N LYS C 79 53.25 2.99 18.56
CA LYS C 79 52.69 4.18 19.12
C LYS C 79 53.67 5.34 19.28
N GLY C 80 54.98 5.12 19.12
CA GLY C 80 55.93 6.24 19.05
C GLY C 80 57.38 6.03 19.45
N ALA C 81 57.58 5.09 20.35
CA ALA C 81 58.88 4.80 20.89
C ALA C 81 59.89 4.71 19.84
N ASP C 82 61.10 4.96 20.26
CA ASP C 82 62.25 4.86 19.37
C ASP C 82 63.00 3.52 19.36
N ARG C 83 63.05 2.90 20.51
CA ARG C 83 63.55 1.53 20.66
C ARG C 83 62.80 0.91 21.84
N ALA C 84 62.99 -0.38 21.99
CA ALA C 84 62.20 -1.12 22.95
C ALA C 84 63.12 -2.14 23.38
N VAL C 85 63.19 -2.33 24.68
CA VAL C 85 64.12 -3.26 25.24
C VAL C 85 63.33 -4.16 26.13
N ARG C 86 63.68 -5.45 26.07
CA ARG C 86 63.14 -6.50 26.91
C ARG C 86 64.27 -7.19 27.74
N VAL C 87 64.13 -7.16 29.08
CA VAL C 87 65.09 -7.79 29.98
C VAL C 87 64.48 -9.04 30.53
N TRP C 88 65.18 -10.17 30.35
CA TRP C 88 64.69 -11.48 30.79
C TRP C 88 65.74 -12.55 31.12
N ASP C 89 65.20 -13.63 31.68
CA ASP C 89 65.89 -14.81 32.18
C ASP C 89 64.80 -15.46 32.97
N ASP C 90 64.86 -16.78 32.99
CA ASP C 90 63.71 -17.60 33.34
C ASP C 90 63.56 -17.56 34.82
N ALA C 91 64.70 -17.31 35.44
CA ALA C 91 64.85 -17.23 36.90
C ALA C 91 64.14 -15.98 37.48
N ALA C 92 63.80 -15.06 36.57
CA ALA C 92 63.03 -13.86 36.85
C ALA C 92 61.59 -14.17 37.13
N GLU C 93 61.24 -15.44 36.97
CA GLU C 93 59.88 -15.91 37.22
C GLU C 93 59.37 -15.36 38.57
N GLY C 94 58.30 -14.60 38.54
CA GLY C 94 57.66 -14.29 39.80
C GLY C 94 58.35 -13.18 40.58
N SER C 95 59.14 -12.40 39.91
CA SER C 95 59.66 -11.30 40.63
C SER C 95 58.52 -10.43 40.96
N ASP C 96 58.50 -9.98 42.20
CA ASP C 96 57.45 -9.07 42.60
C ASP C 96 57.93 -7.63 42.34
N ALA C 97 57.00 -6.68 42.44
CA ALA C 97 57.15 -5.25 42.19
C ALA C 97 58.32 -4.57 42.79
N ILE C 98 58.93 -5.17 43.78
CA ILE C 98 60.15 -4.53 44.17
C ILE C 98 61.32 -5.12 43.47
N VAL C 99 61.23 -6.42 43.18
CA VAL C 99 62.29 -7.02 42.38
C VAL C 99 62.33 -6.47 40.98
N VAL C 100 61.17 -6.13 40.47
CA VAL C 100 61.10 -5.46 39.18
C VAL C 100 61.82 -4.11 39.31
N GLY C 101 61.77 -3.47 40.47
CA GLY C 101 62.25 -2.11 40.48
C GLY C 101 63.70 -2.31 40.18
N ARG C 102 64.22 -3.26 40.90
CA ARG C 102 65.62 -3.38 40.92
C ARG C 102 66.10 -3.73 39.52
N ILE C 103 65.46 -4.75 38.90
CA ILE C 103 65.89 -5.20 37.59
C ILE C 103 65.84 -3.99 36.66
N LEU C 104 64.77 -3.16 36.71
CA LEU C 104 64.60 -1.97 35.84
C LEU C 104 65.71 -1.00 36.04
N THR C 105 66.02 -0.84 37.31
CA THR C 105 66.96 0.15 37.70
C THR C 105 68.26 -0.07 36.94
N GLU C 106 68.72 -1.34 36.96
CA GLU C 106 70.00 -1.75 36.30
C GLU C 106 69.85 -1.64 34.82
N VAL C 107 68.67 -1.73 34.27
CA VAL C 107 68.68 -1.39 32.91
C VAL C 107 68.80 0.08 32.87
N ILE C 108 68.14 0.74 33.84
CA ILE C 108 68.01 2.19 33.73
C ILE C 108 69.34 2.86 33.77
N LYS C 109 70.25 2.34 34.61
CA LYS C 109 71.64 2.85 34.64
C LYS C 109 72.39 2.75 33.29
N LYS C 110 72.46 1.55 32.68
CA LYS C 110 73.15 1.31 31.39
C LYS C 110 72.56 2.35 30.40
N GLU C 111 71.22 2.39 30.35
CA GLU C 111 70.55 3.31 29.49
C GLU C 111 70.80 4.76 29.87
N ALA C 112 70.95 5.06 31.17
CA ALA C 112 71.23 6.44 31.60
C ALA C 112 70.35 7.48 30.87
N PRO C 113 69.10 7.56 31.26
CA PRO C 113 68.18 8.51 30.65
C PRO C 113 68.19 9.77 31.46
N ASP C 114 67.30 10.70 31.14
CA ASP C 114 67.23 11.96 31.90
C ASP C 114 65.91 12.06 32.57
N MET C 115 64.99 11.20 32.17
CA MET C 115 63.68 11.06 32.75
C MET C 115 63.23 9.60 32.71
N VAL C 116 62.69 9.06 33.82
CA VAL C 116 62.11 7.74 33.84
C VAL C 116 60.64 7.88 34.17
N PHE C 117 59.73 7.41 33.27
CA PHE C 117 58.26 7.38 33.40
C PHE C 117 57.71 5.96 33.73
N ALA C 118 56.85 5.73 34.73
CA ALA C 118 56.26 4.41 35.04
C ALA C 118 54.85 4.65 35.07
N GLY C 119 54.02 3.66 34.95
CA GLY C 119 52.59 3.97 35.03
C GLY C 119 52.15 4.02 36.47
N VAL C 120 50.91 4.39 36.79
CA VAL C 120 50.60 4.61 38.21
C VAL C 120 50.36 3.34 38.92
N GLN C 121 49.79 2.38 38.19
CA GLN C 121 49.58 1.02 38.69
C GLN C 121 49.28 0.02 37.57
N SER C 122 49.50 -1.25 37.78
CA SER C 122 49.11 -2.14 36.71
C SER C 122 47.63 -2.49 36.67
N SER C 123 47.19 -2.81 35.48
CA SER C 123 45.82 -3.14 35.31
C SER C 123 45.59 -4.45 35.98
N ASP C 124 46.60 -5.31 35.97
CA ASP C 124 46.42 -6.62 36.60
C ASP C 124 46.62 -6.72 38.15
N GLN C 125 47.83 -6.51 38.66
CA GLN C 125 48.01 -6.66 40.11
C GLN C 125 47.88 -5.37 40.85
N ALA C 126 47.82 -4.28 40.17
CA ALA C 126 47.63 -3.08 40.91
C ALA C 126 48.41 -3.13 42.17
N TYR C 127 49.71 -3.26 42.04
CA TYR C 127 50.63 -2.93 43.13
C TYR C 127 50.81 -1.47 43.48
N ALA C 128 51.09 -0.67 42.48
CA ALA C 128 51.22 0.77 42.64
C ALA C 128 52.47 0.97 43.42
N SER C 129 53.41 0.09 43.08
CA SER C 129 54.74 0.10 43.68
C SER C 129 55.91 0.18 42.69
N THR C 130 55.73 -0.30 41.47
CA THR C 130 56.92 -0.54 40.67
C THR C 130 57.76 0.67 40.31
N GLY C 131 57.11 1.82 40.15
CA GLY C 131 57.81 3.04 39.73
C GLY C 131 58.58 3.67 40.86
N ILE C 132 57.98 3.67 42.02
CA ILE C 132 58.59 4.33 43.12
C ILE C 132 59.70 3.45 43.56
N SER C 133 59.60 2.15 43.27
CA SER C 133 60.63 1.23 43.71
C SER C 133 61.83 1.50 42.87
N VAL C 134 61.63 1.58 41.56
CA VAL C 134 62.71 2.03 40.71
C VAL C 134 63.26 3.37 41.23
N ALA C 135 62.42 4.22 41.85
CA ALA C 135 62.95 5.48 42.33
C ALA C 135 63.75 5.40 43.61
N SER C 136 63.54 4.41 44.41
CA SER C 136 64.36 4.34 45.60
C SER C 136 65.71 3.80 45.21
N TYR C 137 65.68 2.84 44.32
CA TYR C 137 66.88 2.08 44.08
C TYR C 137 67.82 2.92 43.30
N LEU C 138 67.27 3.77 42.41
CA LEU C 138 67.98 4.74 41.60
C LEU C 138 68.49 5.87 42.46
N ASN C 139 67.70 6.24 43.47
CA ASN C 139 67.85 7.40 44.39
C ASN C 139 67.54 8.66 43.74
N TRP C 140 66.43 8.68 43.06
CA TRP C 140 66.04 9.82 42.32
C TRP C 140 64.89 10.51 43.09
N PRO C 141 64.65 11.81 42.79
CA PRO C 141 63.42 12.51 43.12
C PRO C 141 62.25 11.86 42.45
N HIS C 142 61.31 11.47 43.26
CA HIS C 142 60.07 11.04 42.68
C HIS C 142 58.74 11.90 43.05
N ALA C 143 57.71 11.73 42.18
CA ALA C 143 56.29 11.98 42.53
C ALA C 143 55.32 10.92 41.97
N ALA C 144 54.27 10.61 42.68
CA ALA C 144 53.39 9.52 42.23
C ALA C 144 52.12 10.09 41.75
N VAL C 145 51.44 9.56 40.75
CA VAL C 145 50.10 10.09 40.45
C VAL C 145 50.08 11.43 39.70
N VAL C 146 50.78 11.43 38.60
CA VAL C 146 50.92 12.61 37.84
C VAL C 146 49.93 12.87 36.76
N ALA C 147 49.23 13.96 36.94
CA ALA C 147 48.22 14.30 36.00
C ALA C 147 48.55 15.51 35.20
N ASP C 148 49.75 16.04 35.35
CA ASP C 148 50.22 17.08 34.42
C ASP C 148 51.71 17.23 34.57
N LEU C 149 52.34 17.35 33.40
CA LEU C 149 53.75 17.56 33.30
C LEU C 149 54.00 18.84 32.51
N GLN C 150 54.77 19.78 33.09
CA GLN C 150 55.62 20.73 32.32
C GLN C 150 57.19 20.51 32.56
N TYR C 151 57.81 20.05 31.49
CA TYR C 151 59.21 19.68 31.43
C TYR C 151 59.61 20.10 30.03
N LYS C 152 60.68 20.85 29.85
CA LYS C 152 61.27 20.89 28.53
C LYS C 152 62.52 20.07 28.71
N PRO C 153 63.05 19.50 27.63
CA PRO C 153 64.30 18.74 27.65
C PRO C 153 65.46 19.46 28.36
N GLY C 154 66.19 18.74 29.25
CA GLY C 154 67.37 19.25 29.90
C GLY C 154 67.01 20.40 30.82
N ASP C 155 65.88 20.28 31.45
CA ASP C 155 65.66 21.17 32.56
C ASP C 155 66.25 20.55 33.81
N ASN C 156 66.54 21.32 34.85
CA ASN C 156 67.05 20.67 36.08
C ASN C 156 65.80 20.40 36.92
N LYS C 157 64.67 20.89 36.39
CA LYS C 157 63.54 21.30 37.23
C LYS C 157 62.33 21.06 36.36
N ALA C 158 61.29 20.42 36.93
CA ALA C 158 59.93 20.32 36.31
C ALA C 158 58.80 20.78 37.31
N VAL C 159 57.56 20.82 36.80
CA VAL C 159 56.41 21.21 37.61
C VAL C 159 55.20 20.29 37.38
N ILE C 160 54.87 19.48 38.38
CA ILE C 160 53.83 18.48 38.15
C ILE C 160 52.61 18.80 38.94
N ARG C 161 51.56 18.07 38.59
CA ARG C 161 50.40 18.07 39.44
C ARG C 161 49.88 16.70 39.76
N ARG C 162 49.98 16.31 41.03
CA ARG C 162 49.33 15.16 41.66
C ARG C 162 47.79 15.24 41.63
N GLU C 163 47.08 14.21 41.19
CA GLU C 163 45.63 14.19 41.29
C GLU C 163 45.19 13.46 42.56
N LEU C 164 44.80 14.20 43.57
CA LEU C 164 44.53 13.69 44.93
C LEU C 164 43.17 13.02 44.97
N GLU C 165 42.80 12.43 46.10
CA GLU C 165 41.47 11.80 46.24
C GLU C 165 40.26 12.73 46.15
N GLY C 166 39.29 12.37 45.29
CA GLY C 166 38.17 13.28 44.98
C GLY C 166 38.38 14.29 43.84
N GLY C 167 39.64 14.62 43.49
CA GLY C 167 39.92 15.27 42.21
C GLY C 167 40.71 16.57 42.27
N MET C 168 40.81 17.07 43.50
CA MET C 168 41.61 18.23 43.82
C MET C 168 43.10 18.07 43.42
N LEU C 169 43.71 18.97 42.64
CA LEU C 169 45.13 18.75 42.22
C LEU C 169 46.22 19.34 43.11
N GLN C 170 47.46 18.91 43.02
CA GLN C 170 48.41 19.66 43.77
C GLN C 170 49.63 19.90 42.93
N GLU C 171 50.21 21.09 42.95
CA GLU C 171 51.33 21.38 42.07
C GLU C 171 52.53 21.00 42.80
N VAL C 172 53.43 20.36 42.04
CA VAL C 172 54.78 20.13 42.57
C VAL C 172 55.94 20.57 41.63
N GLU C 173 57.03 20.99 42.26
CA GLU C 173 58.18 21.43 41.55
C GLU C 173 59.11 20.39 41.99
N ILE C 174 59.68 19.69 41.01
CA ILE C 174 60.49 18.49 41.22
C ILE C 174 61.82 18.56 40.41
N ASN C 175 62.89 18.14 41.09
CA ASN C 175 64.24 18.23 40.62
C ASN C 175 64.38 17.09 39.70
N CYS C 176 65.02 17.32 38.59
CA CYS C 176 65.11 16.31 37.56
C CYS C 176 66.54 15.93 37.48
N PRO C 177 66.95 14.74 37.03
CA PRO C 177 66.10 13.67 36.46
C PRO C 177 65.21 12.99 37.52
N ALA C 178 63.94 12.75 37.22
CA ALA C 178 63.07 12.22 38.23
C ALA C 178 62.20 11.13 37.64
N VAL C 179 61.94 10.08 38.45
CA VAL C 179 61.01 9.00 38.19
C VAL C 179 59.65 9.50 38.59
N LEU C 180 58.70 9.41 37.66
CA LEU C 180 57.33 9.88 37.84
C LEU C 180 56.34 8.79 37.47
N THR C 181 55.37 8.43 38.32
CA THR C 181 54.27 7.61 37.84
C THR C 181 53.04 8.36 37.23
N ILE C 182 52.76 8.17 35.93
CA ILE C 182 51.72 8.90 35.16
C ILE C 182 50.41 8.32 35.33
N GLN C 183 49.43 9.16 35.66
CA GLN C 183 48.02 8.79 35.90
C GLN C 183 47.06 9.01 34.71
N LEU C 184 45.94 8.29 34.71
CA LEU C 184 45.05 8.37 33.55
C LEU C 184 44.34 9.71 33.41
N GLY C 185 44.08 10.01 32.14
CA GLY C 185 43.49 11.25 31.73
C GLY C 185 44.59 12.24 31.47
N ILE C 186 45.88 11.84 31.44
CA ILE C 186 46.93 12.85 31.36
C ILE C 186 47.06 13.40 30.00
N ASN C 187 46.72 12.61 29.02
CA ASN C 187 46.77 13.05 27.65
C ASN C 187 45.86 12.11 26.87
N LYS C 188 45.86 12.18 25.53
CA LYS C 188 45.02 11.32 24.65
C LYS C 188 45.95 10.54 23.75
N PRO C 189 46.45 9.44 24.27
CA PRO C 189 47.42 8.54 23.63
C PRO C 189 47.07 8.26 22.24
N ARG C 190 47.99 8.39 21.32
CA ARG C 190 47.63 8.22 19.94
C ARG C 190 47.14 6.81 19.57
N TYR C 191 46.76 6.59 18.31
CA TYR C 191 46.64 5.21 17.74
C TYR C 191 47.47 5.00 16.45
N ALA C 192 47.87 3.73 16.28
CA ALA C 192 48.85 3.38 15.23
C ALA C 192 48.17 3.22 13.93
N SER C 193 48.57 3.92 12.86
CA SER C 193 48.09 3.54 11.51
C SER C 193 48.54 2.12 11.17
N LEU C 194 47.91 1.46 10.19
CA LEU C 194 48.34 0.07 9.79
C LEU C 194 49.75 0.03 9.20
N ARG C 195 49.99 1.10 8.38
CA ARG C 195 51.26 1.56 7.78
C ARG C 195 52.24 1.97 8.86
N GLY C 196 51.74 2.57 9.92
CA GLY C 196 52.51 2.48 11.15
C GLY C 196 52.83 1.06 11.74
N ILE C 197 51.87 0.14 11.78
CA ILE C 197 52.09 -0.97 12.69
C ILE C 197 52.94 -1.78 11.90
N LYS C 198 52.78 -1.61 10.58
CA LYS C 198 53.58 -2.39 9.62
C LYS C 198 55.14 -2.16 9.74
N GLN C 199 55.55 -0.88 9.78
CA GLN C 199 56.94 -0.42 9.97
C GLN C 199 57.61 -0.67 11.33
N ALA C 200 56.83 -1.04 12.31
CA ALA C 200 57.32 -1.37 13.64
C ALA C 200 57.43 -2.88 13.75
N ALA C 201 56.84 -3.55 12.82
CA ALA C 201 57.18 -4.93 12.76
C ALA C 201 58.70 -5.06 12.49
N THR C 202 59.20 -4.27 11.51
CA THR C 202 60.60 -4.35 10.98
C THR C 202 61.69 -3.93 11.93
N LYS C 203 61.31 -3.21 12.99
CA LYS C 203 62.25 -2.88 14.07
C LYS C 203 62.59 -4.06 15.02
N PRO C 204 63.89 -4.11 15.36
CA PRO C 204 64.45 -4.91 16.46
C PRO C 204 63.92 -4.65 17.90
N ILE C 205 63.60 -5.73 18.55
CA ILE C 205 63.52 -5.61 20.00
C ILE C 205 64.93 -6.03 20.44
N GLU C 206 65.58 -5.22 21.30
CA GLU C 206 66.90 -5.53 21.87
C GLU C 206 66.59 -6.38 23.03
N GLU C 207 67.28 -7.53 23.16
CA GLU C 207 67.13 -8.43 24.33
C GLU C 207 68.28 -8.25 25.31
N VAL C 208 67.94 -8.06 26.58
CA VAL C 208 68.94 -7.74 27.59
C VAL C 208 68.88 -8.89 28.60
N SER C 209 70.06 -9.42 28.96
CA SER C 209 70.15 -10.55 29.90
C SER C 209 70.57 -10.06 31.28
N LEU C 210 70.08 -10.74 32.34
CA LEU C 210 70.53 -10.48 33.71
C LEU C 210 72.01 -10.20 33.86
N ALA C 211 72.84 -11.02 33.20
CA ALA C 211 74.29 -10.71 33.16
C ALA C 211 74.63 -9.38 32.46
N ASP C 212 73.94 -9.08 31.38
CA ASP C 212 74.15 -7.78 30.84
C ASP C 212 73.95 -6.63 31.84
N ILE C 213 73.20 -6.86 32.90
CA ILE C 213 72.86 -5.78 33.81
C ILE C 213 73.28 -6.08 35.23
N GLY C 214 74.26 -6.95 35.32
CA GLY C 214 75.04 -7.07 36.52
C GLY C 214 74.13 -7.68 37.52
N LEU C 215 73.13 -8.41 37.07
CA LEU C 215 72.48 -9.26 38.03
C LEU C 215 72.73 -10.74 37.82
N SER C 216 72.12 -11.55 38.68
CA SER C 216 72.18 -13.05 38.63
C SER C 216 70.89 -13.78 39.11
N ALA C 217 70.69 -15.04 38.69
CA ALA C 217 69.59 -15.81 39.30
C ALA C 217 69.37 -15.45 40.77
N ASN C 218 70.43 -15.41 41.59
CA ASN C 218 70.22 -15.20 43.06
C ASN C 218 69.66 -13.76 43.43
N ASP C 219 69.31 -13.00 42.39
CA ASP C 219 68.99 -11.62 42.66
C ASP C 219 67.53 -11.53 42.52
N VAL C 220 66.96 -12.41 41.71
CA VAL C 220 65.60 -12.17 41.28
C VAL C 220 64.60 -13.29 41.65
N GLY C 221 63.44 -13.30 40.98
CA GLY C 221 62.39 -14.26 41.25
C GLY C 221 61.95 -14.41 42.69
N ALA C 222 60.79 -15.03 42.81
CA ALA C 222 59.96 -14.92 44.01
C ALA C 222 60.76 -15.23 45.20
N ALA C 223 61.91 -15.89 44.99
CA ALA C 223 62.70 -16.22 46.20
C ALA C 223 63.11 -14.93 46.97
N GLN C 224 63.25 -13.83 46.21
CA GLN C 224 63.78 -12.58 46.75
C GLN C 224 62.72 -11.63 47.17
N SER C 225 61.47 -11.98 46.89
CA SER C 225 60.41 -11.00 46.84
C SER C 225 59.98 -10.53 48.13
N MET C 226 59.01 -9.64 48.19
CA MET C 226 58.71 -9.03 49.48
C MET C 226 57.52 -9.59 50.21
N SER C 227 56.71 -10.34 49.52
CA SER C 227 55.74 -11.18 50.21
C SER C 227 55.82 -12.65 49.71
N ARG C 228 54.89 -13.46 50.11
CA ARG C 228 54.89 -14.73 49.46
C ARG C 228 53.45 -15.14 49.24
N VAL C 229 53.21 -15.76 48.10
CA VAL C 229 51.85 -16.15 47.78
C VAL C 229 51.50 -17.32 48.70
N ARG C 230 50.42 -17.09 49.44
CA ARG C 230 49.70 -18.16 50.13
C ARG C 230 48.60 -18.72 49.26
N ARG C 231 47.59 -17.95 48.88
CA ARG C 231 46.53 -18.62 48.13
C ARG C 231 45.96 -17.71 47.13
N MET C 232 45.44 -18.20 46.04
CA MET C 232 44.50 -17.37 45.31
C MET C 232 43.11 -18.05 45.22
N TYR C 233 42.03 -17.33 45.56
CA TYR C 233 40.69 -17.90 45.54
C TYR C 233 39.64 -16.93 45.01
N ILE C 234 38.65 -17.36 44.22
CA ILE C 234 37.59 -16.49 43.71
C ILE C 234 36.73 -16.28 44.91
N PRO C 235 36.30 -15.05 45.25
CA PRO C 235 35.87 -14.77 46.65
C PRO C 235 34.44 -15.22 46.94
N SER D 1 54.62 -6.86 69.83
CA SER D 1 55.06 -5.46 70.10
C SER D 1 54.14 -4.28 69.70
N LYS D 2 54.60 -3.47 68.72
CA LYS D 2 54.01 -2.19 68.36
C LYS D 2 53.56 -2.21 66.90
N ILE D 3 52.46 -1.51 66.67
CA ILE D 3 51.99 -1.17 65.34
C ILE D 3 52.06 0.36 65.19
N LEU D 4 52.54 0.72 64.02
CA LEU D 4 52.70 2.08 63.63
C LEU D 4 51.55 2.49 62.69
N VAL D 5 50.98 3.65 62.93
CA VAL D 5 50.02 4.13 61.98
C VAL D 5 50.44 5.54 61.49
N ILE D 6 50.25 5.85 60.23
CA ILE D 6 50.72 7.09 59.76
C ILE D 6 49.43 7.66 59.41
N ALA D 7 49.03 8.75 60.02
CA ALA D 7 47.77 9.40 59.64
C ALA D 7 47.90 10.37 58.49
N GLU D 8 46.80 10.80 57.92
CA GLU D 8 46.98 11.65 56.77
C GLU D 8 46.08 12.89 56.84
N HIS D 9 46.63 14.07 56.48
CA HIS D 9 45.81 15.30 56.48
C HIS D 9 46.02 16.11 55.22
N ARG D 10 45.18 17.11 54.98
CA ARG D 10 45.38 17.99 53.86
C ARG D 10 44.59 19.28 54.00
N ARG D 11 45.09 20.45 53.58
CA ARG D 11 44.44 21.75 53.96
C ARG D 11 43.78 21.75 55.38
N ASN D 12 44.64 21.86 56.37
CA ASN D 12 44.24 21.90 57.76
C ASN D 12 43.42 20.77 58.25
N ASP D 13 43.03 19.77 57.44
CA ASP D 13 42.07 18.73 57.93
C ASP D 13 42.56 17.30 58.01
N LEU D 14 42.28 16.66 59.15
CA LEU D 14 42.58 15.21 59.34
C LEU D 14 41.71 14.37 58.43
N ARG D 15 42.25 13.35 57.78
CA ARG D 15 41.39 12.55 56.89
C ARG D 15 40.81 11.36 57.65
N PRO D 16 39.50 11.05 57.46
CA PRO D 16 38.82 9.83 58.04
C PRO D 16 39.58 8.55 58.13
N VAL D 17 40.16 8.23 57.01
CA VAL D 17 40.86 7.01 56.88
C VAL D 17 41.91 6.88 57.96
N SER D 18 42.15 7.93 58.73
CA SER D 18 43.18 7.84 59.75
C SER D 18 42.59 7.13 60.93
N LEU D 19 41.33 7.39 61.20
CA LEU D 19 40.73 6.69 62.31
C LEU D 19 40.58 5.19 61.97
N GLU D 20 40.10 4.89 60.75
CA GLU D 20 40.10 3.47 60.14
C GLU D 20 41.35 2.56 60.35
N LEU D 21 42.49 3.20 60.19
CA LEU D 21 43.73 2.54 60.29
C LEU D 21 43.92 2.30 61.77
N ILE D 22 43.58 3.27 62.61
CA ILE D 22 43.76 3.02 64.05
C ILE D 22 42.86 1.90 64.45
N GLY D 23 41.64 1.96 63.97
CA GLY D 23 40.72 0.83 64.08
C GLY D 23 41.35 -0.52 63.57
N ALA D 24 41.83 -0.54 62.33
CA ALA D 24 42.50 -1.72 61.80
C ALA D 24 43.58 -2.06 62.83
N ALA D 25 44.62 -1.28 62.96
CA ALA D 25 45.68 -1.65 63.91
C ALA D 25 45.26 -2.34 65.24
N ASN D 26 44.16 -1.87 65.82
CA ASN D 26 43.78 -2.31 67.16
C ASN D 26 43.18 -3.68 66.95
N GLY D 27 42.04 -3.73 66.24
CA GLY D 27 41.64 -4.98 65.50
C GLY D 27 42.59 -6.23 65.26
N LEU D 28 43.85 -5.95 64.87
CA LEU D 28 44.95 -6.90 64.55
C LEU D 28 46.06 -7.07 65.65
N LYS D 29 45.99 -6.33 66.79
CA LYS D 29 47.00 -6.46 67.89
C LYS D 29 46.89 -7.86 68.46
N LYS D 30 48.01 -8.52 68.76
CA LYS D 30 47.93 -9.94 69.26
C LYS D 30 47.96 -10.11 70.83
N SER D 31 47.27 -9.27 71.58
CA SER D 31 47.33 -9.39 73.03
C SER D 31 47.41 -7.99 73.48
N GLY D 32 46.80 -7.71 74.64
CA GLY D 32 46.46 -6.34 75.09
C GLY D 32 47.52 -5.45 75.77
N GLU D 33 48.73 -6.01 75.90
CA GLU D 33 49.94 -5.24 76.19
C GLU D 33 50.59 -4.57 74.93
N ASP D 34 50.47 -5.21 73.74
CA ASP D 34 50.88 -4.58 72.44
C ASP D 34 50.29 -3.15 72.30
N LYS D 35 51.19 -2.21 72.00
CA LYS D 35 50.83 -0.79 71.82
C LYS D 35 50.59 -0.14 70.37
N VAL D 36 49.58 0.66 70.25
CA VAL D 36 49.44 1.25 68.96
C VAL D 36 50.18 2.63 68.97
N VAL D 37 51.24 2.86 68.20
CA VAL D 37 51.62 4.27 68.07
C VAL D 37 51.08 5.01 66.79
N VAL D 38 50.63 6.24 66.98
CA VAL D 38 50.22 7.01 65.82
C VAL D 38 51.16 8.23 65.64
N ALA D 39 51.37 8.55 64.35
CA ALA D 39 52.27 9.58 63.89
C ALA D 39 51.56 10.44 62.89
N VAL D 40 51.61 11.75 63.12
CA VAL D 40 51.12 12.72 62.21
C VAL D 40 52.39 13.54 61.83
N ILE D 41 52.58 13.91 60.55
CA ILE D 41 53.73 14.70 60.04
C ILE D 41 53.34 16.01 59.37
N GLY D 42 53.95 17.12 59.75
CA GLY D 42 53.60 18.45 59.22
C GLY D 42 54.16 19.60 60.08
N SER D 43 54.61 20.70 59.46
CA SER D 43 55.12 21.92 60.17
C SER D 43 54.09 22.56 61.08
N GLN D 44 52.88 21.99 61.07
CA GLN D 44 51.90 22.33 62.08
C GLN D 44 51.14 21.05 62.54
N ALA D 45 51.82 19.91 62.56
CA ALA D 45 51.16 18.60 62.76
C ALA D 45 50.57 18.44 64.12
N ASP D 46 50.86 19.43 64.98
CA ASP D 46 50.28 19.43 66.31
C ASP D 46 48.87 19.89 66.41
N ALA D 47 48.47 20.80 65.55
CA ALA D 47 47.02 21.05 65.42
C ALA D 47 46.09 19.79 65.45
N PHE D 48 46.73 18.62 65.18
CA PHE D 48 46.02 17.38 64.97
C PHE D 48 45.84 16.61 66.21
N VAL D 49 46.70 16.88 67.19
CA VAL D 49 46.65 16.18 68.49
C VAL D 49 45.24 15.93 69.04
N PRO D 50 44.47 17.00 69.26
CA PRO D 50 43.08 16.78 69.64
C PRO D 50 42.41 15.59 68.89
N ALA D 51 42.26 15.63 67.56
CA ALA D 51 41.48 14.57 66.83
C ALA D 51 42.08 13.08 66.70
N LEU D 52 43.36 12.92 67.02
CA LEU D 52 44.07 11.64 66.94
C LEU D 52 44.22 11.15 68.32
N SER D 53 43.63 11.92 69.31
CA SER D 53 43.62 11.69 70.81
C SER D 53 42.35 10.97 71.24
N VAL D 54 42.24 9.75 70.71
CA VAL D 54 41.03 8.98 70.62
C VAL D 54 41.44 7.58 70.93
N ASN D 55 40.46 6.72 70.83
CA ASN D 55 40.47 5.42 71.42
C ASN D 55 41.24 4.34 70.59
N GLY D 56 42.18 3.65 71.26
CA GLY D 56 43.19 2.86 70.58
C GLY D 56 44.61 3.45 70.46
N VAL D 57 44.71 4.76 70.44
CA VAL D 57 46.01 5.39 70.33
C VAL D 57 46.73 5.38 71.71
N ASP D 58 47.90 4.74 71.76
CA ASP D 58 48.71 4.60 72.99
C ASP D 58 49.82 5.59 72.97
N GLU D 59 50.01 6.20 71.81
CA GLU D 59 51.03 7.18 71.55
C GLU D 59 50.67 7.98 70.32
N LEU D 60 51.02 9.24 70.35
CA LEU D 60 50.82 10.06 69.19
C LEU D 60 52.15 10.73 69.01
N VAL D 61 52.85 10.39 67.92
CA VAL D 61 54.11 11.08 67.65
C VAL D 61 53.93 12.24 66.68
N VAL D 62 54.23 13.49 67.04
CA VAL D 62 54.10 14.61 66.07
C VAL D 62 55.47 14.93 65.40
N VAL D 63 55.56 14.88 64.10
CA VAL D 63 56.82 15.12 63.43
C VAL D 63 56.70 16.37 62.59
N LYS D 64 57.28 17.49 63.01
CA LYS D 64 57.36 18.67 62.10
C LYS D 64 58.51 18.66 60.97
N GLY D 65 58.14 18.68 59.68
CA GLY D 65 59.12 18.75 58.60
C GLY D 65 59.28 20.12 57.97
N SER D 66 59.55 20.20 56.66
CA SER D 66 59.52 21.47 55.90
C SER D 66 58.09 21.90 55.64
N SER D 67 57.37 20.99 55.04
CA SER D 67 56.21 21.33 54.28
C SER D 67 55.16 21.41 55.32
N ILE D 68 54.13 22.22 55.00
CA ILE D 68 52.81 22.04 55.59
C ILE D 68 52.25 20.66 55.11
N ASP D 69 51.85 20.51 53.84
CA ASP D 69 51.14 19.26 53.49
C ASP D 69 52.07 18.20 53.04
N PHE D 70 51.57 16.99 52.78
CA PHE D 70 52.38 15.91 52.15
C PHE D 70 53.55 16.24 51.18
N ASP D 71 54.70 15.81 51.65
CA ASP D 71 55.90 15.71 50.81
C ASP D 71 56.57 14.27 50.83
N PRO D 72 56.95 13.69 49.70
CA PRO D 72 57.45 12.34 49.74
C PRO D 72 58.80 12.29 50.38
N ASP D 73 59.74 13.16 50.01
CA ASP D 73 61.09 12.97 50.52
C ASP D 73 60.93 12.99 52.03
N VAL D 74 60.20 14.00 52.53
CA VAL D 74 60.10 14.32 53.96
C VAL D 74 59.45 13.13 54.58
N PHE D 75 58.35 12.67 54.02
CA PHE D 75 57.57 11.57 54.62
C PHE D 75 58.46 10.38 54.74
N GLU D 76 58.95 9.96 53.58
CA GLU D 76 59.76 8.78 53.53
C GLU D 76 60.68 8.85 54.68
N ALA D 77 61.46 9.87 54.69
CA ALA D 77 62.47 9.89 55.65
C ALA D 77 61.78 9.81 56.97
N SER D 78 60.58 10.39 57.13
CA SER D 78 60.07 10.63 58.47
C SER D 78 59.70 9.33 59.09
N VAL D 79 59.02 8.54 58.27
CA VAL D 79 58.54 7.21 58.66
C VAL D 79 59.67 6.24 58.97
N SER D 80 60.61 5.94 58.07
CA SER D 80 61.69 4.96 58.33
C SER D 80 62.31 5.44 59.58
N ALA D 81 62.29 6.76 59.77
CA ALA D 81 62.72 7.38 61.00
C ALA D 81 61.83 6.96 62.22
N LEU D 82 60.50 6.75 62.02
CA LEU D 82 59.63 6.25 63.10
C LEU D 82 59.74 4.80 63.32
N ILE D 83 60.10 4.09 62.30
CA ILE D 83 60.10 2.65 62.33
C ILE D 83 61.40 2.29 62.99
N ALA D 84 62.45 2.97 62.58
CA ALA D 84 63.79 2.66 63.08
C ALA D 84 63.73 2.65 64.57
N ALA D 85 63.06 3.67 65.08
CA ALA D 85 63.10 4.02 66.50
C ALA D 85 61.85 3.60 67.37
N HIS D 86 60.78 3.08 66.77
CA HIS D 86 59.90 2.25 67.60
C HIS D 86 59.94 0.75 67.33
N ASN D 87 60.78 0.22 66.41
CA ASN D 87 60.77 -1.21 65.95
C ASN D 87 59.44 -2.02 65.71
N PRO D 88 58.47 -1.52 64.97
CA PRO D 88 57.15 -2.14 65.01
C PRO D 88 57.19 -3.40 64.26
N SER D 89 56.23 -4.26 64.60
CA SER D 89 55.77 -5.43 63.77
C SER D 89 55.08 -5.15 62.40
N VAL D 90 54.19 -4.16 62.42
CA VAL D 90 53.46 -3.75 61.25
C VAL D 90 53.43 -2.23 61.10
N VAL D 91 53.46 -1.75 59.88
CA VAL D 91 53.07 -0.42 59.76
C VAL D 91 51.86 -0.34 58.83
N LEU D 92 50.92 0.48 59.23
CA LEU D 92 49.80 0.78 58.37
C LEU D 92 49.88 2.15 57.71
N LEU D 93 49.43 2.22 56.49
CA LEU D 93 49.30 3.49 55.90
C LEU D 93 47.99 3.45 55.24
N PRO D 94 47.43 4.56 55.00
CA PRO D 94 46.35 4.54 54.05
C PRO D 94 46.90 4.19 52.63
N HIS D 95 46.19 3.40 51.81
CA HIS D 95 46.38 3.48 50.36
C HIS D 95 45.77 4.79 49.76
N SER D 96 46.57 5.85 49.78
CA SER D 96 46.07 7.13 49.38
C SER D 96 47.07 7.64 48.35
N VAL D 97 46.68 8.53 47.45
CA VAL D 97 47.63 9.12 46.46
C VAL D 97 48.89 9.65 47.16
N ASP D 98 48.75 10.20 48.37
CA ASP D 98 49.88 10.61 49.20
C ASP D 98 50.84 9.47 49.45
N SER D 99 50.29 8.27 49.54
CA SER D 99 51.06 7.08 49.94
C SER D 99 51.69 6.49 48.75
N LEU D 100 50.98 6.33 47.64
CA LEU D 100 51.66 5.86 46.44
C LEU D 100 53.07 6.47 46.30
N GLY D 101 53.25 7.62 46.90
CA GLY D 101 54.36 8.47 46.58
C GLY D 101 55.58 8.15 47.35
N TYR D 102 55.47 7.13 48.18
CA TYR D 102 56.57 6.76 49.09
C TYR D 102 56.43 5.49 49.87
N ALA D 103 55.23 4.94 50.00
CA ALA D 103 55.06 3.62 50.58
C ALA D 103 56.19 2.87 49.97
N SER D 104 56.17 2.71 48.65
CA SER D 104 57.01 1.71 47.98
C SER D 104 58.49 1.89 48.14
N SER D 105 58.94 3.11 48.35
CA SER D 105 60.37 3.36 48.37
C SER D 105 60.90 2.77 49.62
N LEU D 106 60.13 2.97 50.68
CA LEU D 106 60.39 2.50 52.03
C LEU D 106 60.70 1.05 51.94
N ALA D 107 60.00 0.33 51.08
CA ALA D 107 60.09 -1.13 51.13
C ALA D 107 61.29 -1.60 50.32
N SER D 108 61.61 -0.76 49.33
CA SER D 108 62.63 -0.98 48.31
C SER D 108 63.96 -1.00 48.99
N LYS D 109 64.14 -0.06 49.93
CA LYS D 109 65.42 0.14 50.62
C LYS D 109 65.78 -0.88 51.71
N THR D 110 64.81 -1.60 52.25
CA THR D 110 65.08 -2.22 53.55
C THR D 110 64.96 -3.73 53.54
N GLY D 111 64.24 -4.20 52.51
CA GLY D 111 63.36 -5.36 52.49
C GLY D 111 62.30 -5.65 53.60
N TYR D 112 61.48 -4.70 54.00
CA TYR D 112 60.41 -5.12 54.87
C TYR D 112 59.43 -5.86 53.99
N GLY D 113 58.42 -6.44 54.60
CA GLY D 113 57.32 -6.99 53.85
C GLY D 113 56.44 -5.90 53.38
N PHE D 114 55.89 -6.05 52.23
CA PHE D 114 55.16 -4.91 51.82
C PHE D 114 53.96 -5.46 51.10
N ALA D 115 52.74 -4.94 51.33
CA ALA D 115 51.69 -5.17 50.30
C ALA D 115 50.64 -4.07 50.21
N THR D 116 50.08 -3.81 49.04
CA THR D 116 49.26 -2.62 49.08
C THR D 116 47.84 -2.94 48.85
N ASP D 117 46.99 -1.94 48.95
CA ASP D 117 45.55 -2.06 48.72
C ASP D 117 45.08 -3.34 49.29
N VAL D 118 45.45 -3.48 50.55
CA VAL D 118 45.03 -4.55 51.41
C VAL D 118 43.69 -4.31 52.10
N TYR D 119 42.87 -5.32 52.05
CA TYR D 119 41.53 -5.17 52.51
C TYR D 119 41.11 -6.44 53.25
N ILE D 120 42.07 -7.40 53.35
CA ILE D 120 42.11 -8.27 54.52
C ILE D 120 43.42 -8.54 55.20
N VAL D 121 43.33 -8.49 56.53
CA VAL D 121 44.42 -8.81 57.43
C VAL D 121 43.94 -9.45 58.71
N GLU D 122 44.94 -10.07 59.31
CA GLU D 122 44.77 -11.31 60.03
C GLU D 122 46.06 -12.02 60.47
N TYR D 123 46.21 -12.00 61.80
CA TYR D 123 47.04 -13.09 62.34
C TYR D 123 46.57 -14.64 62.16
N GLN D 124 47.52 -15.55 61.79
CA GLN D 124 47.42 -17.10 61.82
C GLN D 124 48.68 -17.82 62.39
N GLY D 125 48.57 -18.18 63.67
CA GLY D 125 49.69 -18.27 64.60
C GLY D 125 50.29 -16.90 64.98
N ASP D 126 51.50 -16.69 64.51
CA ASP D 126 52.14 -15.37 64.55
C ASP D 126 52.37 -15.00 63.08
N GLU D 127 51.61 -15.59 62.17
CA GLU D 127 51.87 -15.33 60.78
C GLU D 127 50.88 -14.25 60.47
N LEU D 128 51.39 -13.20 59.83
CA LEU D 128 50.53 -12.11 59.35
C LEU D 128 49.96 -12.43 57.95
N VAL D 129 48.65 -12.37 57.82
CA VAL D 129 48.06 -12.60 56.53
C VAL D 129 47.15 -11.39 56.12
N ALA D 130 47.51 -10.83 54.96
CA ALA D 130 46.88 -9.73 54.29
C ALA D 130 46.40 -10.29 52.97
N THR D 131 45.25 -9.79 52.55
CA THR D 131 44.64 -10.18 51.30
C THR D 131 44.51 -9.02 50.34
N ARG D 132 44.88 -9.32 49.11
CA ARG D 132 44.79 -8.36 48.04
C ARG D 132 43.84 -8.72 46.93
N GLY D 133 43.80 -7.99 45.84
CA GLY D 133 42.89 -8.31 44.75
C GLY D 133 43.90 -8.73 43.73
N GLY D 134 43.52 -9.62 42.82
CA GLY D 134 44.31 -9.88 41.63
C GLY D 134 43.47 -9.54 40.43
N TYR D 135 44.11 -9.51 39.26
CA TYR D 135 43.39 -9.31 38.01
C TYR D 135 42.27 -8.23 37.95
N ASN D 136 42.61 -6.97 38.13
CA ASN D 136 41.57 -5.97 38.21
C ASN D 136 40.59 -6.57 39.21
N GLN D 137 41.00 -6.98 40.39
CA GLN D 137 40.03 -7.35 41.44
C GLN D 137 39.07 -8.52 41.12
N LYS D 138 39.45 -9.48 40.23
CA LYS D 138 38.63 -10.72 39.94
C LYS D 138 38.82 -11.91 40.87
N VAL D 139 39.97 -12.02 41.51
CA VAL D 139 40.14 -12.92 42.65
C VAL D 139 40.50 -12.18 43.93
N ASN D 140 40.78 -12.95 44.96
CA ASN D 140 41.38 -12.42 46.11
C ASN D 140 42.66 -13.15 46.20
N VAL D 141 43.67 -12.53 46.80
CA VAL D 141 45.02 -12.95 46.68
C VAL D 141 45.62 -12.95 48.04
N GLU D 142 45.72 -14.06 48.73
CA GLU D 142 46.40 -14.07 50.03
C GLU D 142 47.91 -14.33 50.06
N VAL D 143 48.55 -13.43 50.81
CA VAL D 143 49.99 -13.32 50.93
C VAL D 143 50.38 -13.27 52.34
N ASP D 144 51.60 -13.74 52.51
CA ASP D 144 52.33 -13.61 53.75
C ASP D 144 53.80 -13.22 53.62
N PHE D 145 54.35 -13.04 54.82
CA PHE D 145 55.51 -12.23 55.03
C PHE D 145 56.56 -13.06 55.79
N PRO D 146 57.08 -14.12 55.14
CA PRO D 146 58.10 -15.00 55.75
C PRO D 146 59.28 -14.28 56.35
N GLY D 147 59.51 -14.47 57.65
CA GLY D 147 60.70 -13.97 58.32
C GLY D 147 60.86 -12.46 58.30
N LYS D 148 59.82 -11.75 57.86
CA LYS D 148 59.86 -10.31 57.90
C LYS D 148 59.53 -9.83 59.34
N SER D 149 60.44 -9.12 59.99
CA SER D 149 60.17 -8.49 61.30
C SER D 149 59.37 -7.14 61.27
N THR D 150 59.19 -6.61 60.08
CA THR D 150 58.48 -5.38 59.93
C THR D 150 57.70 -5.79 58.71
N VAL D 151 56.41 -5.49 58.73
CA VAL D 151 55.66 -5.44 57.47
C VAL D 151 54.98 -4.06 57.15
N VAL D 152 55.11 -3.61 55.92
CA VAL D 152 54.41 -2.42 55.57
C VAL D 152 53.24 -2.69 54.73
N LEU D 153 52.13 -2.14 55.21
CA LEU D 153 50.84 -2.24 54.58
C LEU D 153 50.21 -0.90 54.21
N THR D 154 49.68 -0.81 52.97
CA THR D 154 48.63 0.17 52.62
C THR D 154 47.28 -0.55 52.60
N ILE D 155 46.30 0.11 53.20
CA ILE D 155 45.05 -0.48 53.58
C ILE D 155 44.00 0.19 52.77
N ARG D 156 43.10 -0.58 52.15
CA ARG D 156 42.01 -0.03 51.35
C ARG D 156 41.05 0.84 52.28
N PRO D 157 40.84 2.18 52.05
CA PRO D 157 39.97 3.03 52.88
C PRO D 157 38.54 2.57 52.78
N SER D 158 37.89 2.80 53.89
CA SER D 158 36.47 2.60 54.03
C SER D 158 36.33 1.09 54.00
N VAL D 159 37.30 0.43 54.59
CA VAL D 159 37.08 -0.94 55.01
C VAL D 159 37.04 -1.09 56.54
N PHE D 160 38.06 -0.60 57.21
CA PHE D 160 38.14 -0.92 58.62
C PHE D 160 37.37 0.09 59.46
N LYS D 161 36.47 -0.44 60.30
CA LYS D 161 35.57 0.36 61.11
C LYS D 161 36.38 0.98 62.20
N PRO D 162 36.14 2.29 62.45
CA PRO D 162 36.82 3.02 63.55
C PRO D 162 36.36 2.57 64.99
N LEU D 163 37.14 3.11 65.92
CA LEU D 163 36.83 3.06 67.31
C LEU D 163 36.04 4.29 67.74
N GLU D 164 35.09 4.11 68.66
CA GLU D 164 34.41 5.29 69.21
C GLU D 164 35.09 5.85 70.46
N GLY D 165 34.81 7.11 70.68
CA GLY D 165 35.19 7.76 71.92
C GLY D 165 36.51 8.54 71.95
N ALA D 166 36.74 9.31 73.03
CA ALA D 166 38.09 9.83 73.34
C ALA D 166 39.16 8.74 73.69
N GLY D 167 40.32 9.28 74.14
CA GLY D 167 41.56 8.52 74.44
C GLY D 167 42.73 9.32 75.11
N SER D 168 43.73 8.60 75.67
CA SER D 168 44.83 9.22 76.44
C SER D 168 46.23 8.79 75.99
N PRO D 169 46.57 9.12 74.75
CA PRO D 169 47.92 8.90 74.23
C PRO D 169 49.00 9.77 74.86
N VAL D 170 50.04 9.17 75.38
CA VAL D 170 51.29 9.84 75.51
C VAL D 170 51.67 10.62 74.21
N VAL D 171 51.64 11.94 74.28
CA VAL D 171 52.09 12.72 73.14
C VAL D 171 53.51 13.01 73.29
N SER D 172 54.25 12.81 72.19
CA SER D 172 55.58 13.37 72.07
C SER D 172 55.78 14.19 70.78
N ASN D 173 56.82 15.03 70.80
CA ASN D 173 57.25 15.75 69.61
C ASN D 173 58.66 15.20 69.17
N VAL D 174 59.02 15.32 67.88
CA VAL D 174 60.37 15.00 67.34
C VAL D 174 60.55 15.72 66.01
N ASP D 175 61.74 16.22 65.71
CA ASP D 175 61.83 16.91 64.42
C ASP D 175 62.07 15.91 63.25
N ALA D 176 61.48 16.22 62.07
CA ALA D 176 61.85 15.54 60.82
C ALA D 176 63.30 15.90 60.45
N PRO D 177 63.99 14.89 59.95
CA PRO D 177 65.39 15.09 59.47
C PRO D 177 65.56 16.36 58.58
N SER D 178 66.31 17.33 59.08
CA SER D 178 66.40 18.54 58.26
C SER D 178 67.09 18.00 56.93
N VAL D 179 66.26 17.49 55.98
CA VAL D 179 66.67 17.23 54.53
C VAL D 179 65.92 18.01 53.32
N GLN D 180 66.62 18.69 52.37
CA GLN D 180 65.81 19.52 51.43
C GLN D 180 65.01 18.64 50.47
N SER D 181 63.68 18.72 50.57
CA SER D 181 62.88 17.99 49.61
C SER D 181 63.37 18.34 48.21
N ARG D 182 63.48 17.32 47.35
CA ARG D 182 63.74 17.70 46.01
C ARG D 182 62.46 18.16 45.29
N SER D 183 61.34 18.25 46.01
CA SER D 183 60.21 19.02 45.47
C SER D 183 59.63 20.16 46.37
N GLN D 184 58.55 20.80 45.86
CA GLN D 184 57.93 21.97 46.51
C GLN D 184 56.39 22.06 46.25
N ASN D 185 55.56 21.95 47.24
CA ASN D 185 54.18 22.22 46.87
C ASN D 185 53.94 23.73 46.58
N LYS D 186 53.17 24.02 45.55
CA LYS D 186 52.65 25.37 45.41
C LYS D 186 51.19 25.18 45.74
N ASP D 187 50.28 25.59 44.84
CA ASP D 187 48.86 25.69 45.29
C ASP D 187 48.06 24.41 45.00
N TYR D 188 47.01 24.14 45.75
CA TYR D 188 45.93 23.30 45.24
C TYR D 188 45.26 23.85 43.94
N VAL D 189 44.26 23.17 43.32
CA VAL D 189 43.37 23.84 42.29
C VAL D 189 41.83 23.63 42.23
N MET E 1 -69.42 -13.74 -23.95
CA MET E 1 -68.93 -12.44 -24.59
C MET E 1 -67.56 -12.62 -25.18
N LYS E 2 -67.16 -11.74 -26.09
CA LYS E 2 -65.93 -12.04 -26.79
C LYS E 2 -65.36 -10.81 -27.55
N ILE E 3 -64.07 -10.55 -27.33
CA ILE E 3 -63.40 -9.40 -27.91
C ILE E 3 -62.32 -9.95 -28.76
N LEU E 4 -62.28 -9.57 -30.02
CA LEU E 4 -61.33 -10.18 -30.92
C LEU E 4 -60.36 -9.12 -31.22
N VAL E 5 -59.10 -9.51 -31.25
CA VAL E 5 -58.03 -8.58 -31.35
C VAL E 5 -57.22 -8.92 -32.54
N ALA E 6 -57.15 -7.98 -33.46
CA ALA E 6 -56.57 -8.22 -34.73
C ALA E 6 -55.16 -7.95 -34.50
N VAL E 7 -54.27 -8.96 -34.70
CA VAL E 7 -52.77 -8.78 -34.62
C VAL E 7 -51.89 -8.96 -35.84
N LYS E 8 -50.77 -8.20 -35.81
CA LYS E 8 -49.67 -8.17 -36.78
C LYS E 8 -48.20 -8.41 -36.28
N GLN E 9 -47.58 -9.45 -36.82
CA GLN E 9 -46.18 -9.72 -36.68
C GLN E 9 -45.58 -8.93 -37.80
N THR E 10 -44.78 -7.96 -37.35
CA THR E 10 -44.13 -7.01 -38.25
C THR E 10 -42.71 -7.32 -38.39
N ALA E 11 -42.13 -6.56 -39.30
CA ALA E 11 -40.74 -6.77 -39.55
C ALA E 11 -39.95 -5.50 -39.18
N ALA E 12 -38.62 -5.71 -39.01
CA ALA E 12 -37.59 -4.73 -38.68
C ALA E 12 -36.37 -5.22 -39.41
N LEU E 13 -35.58 -4.29 -39.90
CA LEU E 13 -34.41 -4.50 -40.75
C LEU E 13 -33.12 -4.57 -39.91
N GLU E 14 -32.05 -5.26 -40.32
CA GLU E 14 -30.77 -4.96 -39.63
C GLU E 14 -30.09 -3.64 -40.15
N GLU E 15 -28.92 -3.23 -39.60
CA GLU E 15 -28.07 -2.36 -40.46
C GLU E 15 -27.23 -3.49 -41.04
N ASP E 16 -26.60 -3.30 -42.21
CA ASP E 16 -27.11 -2.41 -43.25
C ASP E 16 -27.76 -3.43 -44.24
N PHE E 17 -29.08 -3.29 -44.43
CA PHE E 17 -29.89 -4.01 -45.39
C PHE E 17 -29.63 -3.55 -46.80
N GLU E 18 -29.74 -4.54 -47.67
CA GLU E 18 -29.62 -4.42 -49.14
C GLU E 18 -31.00 -4.61 -49.88
N ILE E 19 -31.47 -3.65 -50.69
CA ILE E 19 -32.49 -4.10 -51.67
C ILE E 19 -32.36 -5.57 -52.35
N ARG E 20 -33.48 -6.11 -52.81
CA ARG E 20 -33.41 -7.42 -53.51
C ARG E 20 -33.13 -7.22 -55.00
N GLU E 21 -32.67 -8.33 -55.68
CA GLU E 21 -32.27 -8.43 -57.13
C GLU E 21 -33.28 -7.52 -57.84
N ASP E 22 -34.43 -8.10 -58.12
CA ASP E 22 -35.62 -7.32 -58.52
C ASP E 22 -35.80 -5.67 -58.20
N GLY E 23 -35.42 -5.12 -57.03
CA GLY E 23 -35.79 -3.73 -56.69
C GLY E 23 -37.25 -3.36 -56.25
N MET E 24 -38.00 -4.45 -55.98
CA MET E 24 -39.38 -4.47 -55.48
C MET E 24 -39.48 -4.60 -53.86
N ASP E 25 -38.40 -5.05 -53.19
CA ASP E 25 -38.38 -5.27 -51.71
C ASP E 25 -36.95 -5.33 -51.13
N VAL E 26 -36.83 -5.23 -49.80
CA VAL E 26 -35.57 -5.49 -49.09
C VAL E 26 -35.27 -7.03 -49.04
N ASP E 27 -34.01 -7.43 -49.04
CA ASP E 27 -33.67 -8.82 -48.82
C ASP E 27 -34.24 -9.38 -47.56
N GLU E 28 -34.62 -10.67 -47.63
CA GLU E 28 -35.23 -11.45 -46.50
C GLU E 28 -34.21 -11.75 -45.34
N ASP E 29 -32.92 -11.54 -45.59
CA ASP E 29 -31.95 -11.93 -44.59
C ASP E 29 -31.78 -10.71 -43.58
N PHE E 30 -32.08 -9.48 -44.00
CA PHE E 30 -32.05 -8.26 -43.11
C PHE E 30 -33.31 -8.09 -42.23
N MET E 31 -34.04 -9.21 -42.14
CA MET E 31 -35.32 -9.21 -41.49
C MET E 31 -35.41 -10.07 -40.22
N MET E 32 -35.95 -9.41 -39.20
CA MET E 32 -36.37 -10.00 -37.94
C MET E 32 -37.88 -9.73 -37.82
N TYR E 33 -38.66 -10.73 -37.38
CA TYR E 33 -40.09 -10.52 -37.16
C TYR E 33 -40.36 -10.39 -35.72
N ASP E 34 -41.35 -9.54 -35.40
CA ASP E 34 -41.95 -9.48 -34.05
C ASP E 34 -43.37 -8.94 -34.00
N LEU E 35 -43.95 -8.95 -32.77
CA LEU E 35 -45.33 -8.43 -32.55
C LEU E 35 -45.44 -6.90 -32.69
N ASN E 36 -46.05 -6.40 -33.78
CA ASN E 36 -46.21 -4.97 -33.96
C ASN E 36 -46.37 -4.36 -32.65
N GLU E 37 -45.69 -3.23 -32.46
CA GLU E 37 -45.78 -2.59 -31.12
C GLU E 37 -47.12 -2.22 -30.56
N TRP E 38 -47.95 -1.45 -31.27
CA TRP E 38 -49.37 -1.15 -30.85
C TRP E 38 -50.18 -2.34 -30.37
N ASP E 39 -49.77 -3.50 -30.82
CA ASP E 39 -50.67 -4.56 -30.63
C ASP E 39 -50.58 -4.90 -29.21
N ASP E 40 -49.42 -4.76 -28.60
CA ASP E 40 -49.40 -4.94 -27.16
C ASP E 40 -50.36 -4.08 -26.41
N PHE E 41 -50.77 -2.96 -26.98
CA PHE E 41 -51.63 -2.10 -26.21
C PHE E 41 -53.01 -2.48 -26.49
N SER E 42 -53.29 -2.97 -27.69
CA SER E 42 -54.63 -3.52 -27.80
C SER E 42 -54.87 -4.69 -26.86
N LEU E 43 -54.03 -5.69 -26.99
CA LEU E 43 -54.25 -6.91 -26.23
C LEU E 43 -54.50 -6.56 -24.77
N GLU E 44 -53.59 -5.82 -24.12
CA GLU E 44 -53.87 -5.35 -22.75
C GLU E 44 -55.29 -4.75 -22.52
N GLU E 45 -55.83 -3.99 -23.48
CA GLU E 45 -57.00 -3.19 -23.16
C GLU E 45 -58.10 -4.15 -22.98
N ALA E 46 -57.99 -5.22 -23.77
CA ALA E 46 -58.86 -6.39 -23.76
C ALA E 46 -58.70 -7.27 -22.55
N MET E 47 -57.48 -7.60 -22.26
CA MET E 47 -57.30 -8.23 -21.00
C MET E 47 -57.93 -7.32 -19.88
N LYS E 48 -57.91 -5.97 -20.08
CA LYS E 48 -58.39 -5.04 -19.03
C LYS E 48 -59.83 -5.36 -18.78
N ILE E 49 -60.60 -5.15 -19.84
CA ILE E 49 -62.01 -5.42 -19.87
C ILE E 49 -62.36 -6.84 -19.39
N LYS E 50 -61.60 -7.88 -19.83
CA LYS E 50 -61.83 -9.26 -19.34
C LYS E 50 -61.85 -9.41 -17.82
N GLU E 51 -60.89 -8.72 -17.15
CA GLU E 51 -60.53 -8.81 -15.68
C GLU E 51 -61.39 -7.86 -14.77
N SER E 52 -61.97 -6.83 -15.45
CA SER E 52 -62.92 -5.84 -14.90
C SER E 52 -64.31 -6.48 -14.71
N SER E 53 -64.43 -7.75 -15.12
CA SER E 53 -65.70 -8.46 -15.12
C SER E 53 -65.71 -9.66 -14.10
N ASP E 54 -66.92 -10.01 -13.66
CA ASP E 54 -67.22 -11.39 -13.27
C ASP E 54 -68.07 -12.02 -14.33
N THR E 55 -68.29 -11.35 -15.44
CA THR E 55 -68.66 -12.17 -16.58
C THR E 55 -67.50 -12.32 -17.53
N ASP E 56 -67.78 -13.18 -18.46
CA ASP E 56 -66.72 -14.02 -18.98
C ASP E 56 -66.39 -13.56 -20.31
N VAL E 57 -65.12 -13.29 -20.49
CA VAL E 57 -64.73 -12.65 -21.71
C VAL E 57 -63.63 -13.46 -22.35
N GLU E 58 -63.93 -13.87 -23.58
CA GLU E 58 -63.02 -14.56 -24.44
C GLU E 58 -62.36 -13.44 -25.15
N VAL E 59 -61.03 -13.39 -24.95
CA VAL E 59 -60.09 -12.62 -25.75
C VAL E 59 -59.43 -13.52 -26.76
N VAL E 60 -59.54 -13.16 -27.99
CA VAL E 60 -59.08 -14.08 -28.92
C VAL E 60 -58.33 -13.26 -29.88
N VAL E 61 -57.08 -13.65 -30.17
CA VAL E 61 -56.26 -12.94 -31.15
C VAL E 61 -56.29 -13.65 -32.47
N VAL E 62 -56.25 -12.88 -33.54
CA VAL E 62 -56.28 -13.42 -34.89
C VAL E 62 -55.17 -12.77 -35.70
N SER E 63 -54.50 -13.54 -36.55
CA SER E 63 -53.51 -12.90 -37.37
C SER E 63 -53.50 -13.42 -38.76
N VAL E 64 -53.25 -12.59 -39.77
CA VAL E 64 -53.09 -13.15 -41.13
C VAL E 64 -51.61 -13.21 -41.65
N GLY E 65 -51.26 -14.26 -42.40
CA GLY E 65 -49.86 -14.63 -42.61
C GLY E 65 -49.32 -16.06 -42.39
N PRO E 66 -48.06 -16.20 -42.81
CA PRO E 66 -47.20 -17.41 -42.67
C PRO E 66 -46.83 -18.05 -41.30
N ASP E 67 -45.92 -19.07 -41.36
CA ASP E 67 -45.70 -20.07 -40.27
C ASP E 67 -45.05 -19.41 -39.13
N ARG E 68 -44.32 -18.36 -39.51
CA ARG E 68 -43.56 -17.56 -38.54
C ARG E 68 -44.47 -16.89 -37.48
N VAL E 69 -45.57 -16.31 -37.94
CA VAL E 69 -46.48 -15.57 -37.10
C VAL E 69 -46.92 -16.31 -35.83
N ASP E 70 -46.89 -17.62 -35.89
CA ASP E 70 -47.27 -18.40 -34.75
C ASP E 70 -46.46 -17.78 -33.61
N GLU E 71 -45.19 -17.52 -33.81
CA GLU E 71 -44.38 -17.09 -32.68
C GLU E 71 -45.02 -15.83 -32.08
N SER E 72 -45.60 -14.98 -32.93
CA SER E 72 -46.18 -13.79 -32.38
C SER E 72 -47.46 -14.21 -31.69
N LEU E 73 -48.30 -15.02 -32.31
CA LEU E 73 -49.49 -15.44 -31.60
C LEU E 73 -49.23 -16.09 -30.25
N ARG E 74 -48.25 -16.96 -30.15
CA ARG E 74 -47.99 -17.47 -28.83
C ARG E 74 -47.76 -16.36 -27.79
N LYS E 75 -47.00 -15.34 -28.20
CA LYS E 75 -46.63 -14.26 -27.33
C LYS E 75 -47.92 -13.62 -26.82
N CYS E 76 -48.89 -13.42 -27.70
CA CYS E 76 -50.19 -13.01 -27.21
C CYS E 76 -50.75 -13.92 -26.11
N LEU E 77 -50.72 -15.24 -26.35
CA LEU E 77 -51.34 -16.23 -25.45
C LEU E 77 -50.79 -16.06 -24.08
N ALA E 78 -49.46 -15.90 -24.05
CA ALA E 78 -48.73 -15.71 -22.83
C ALA E 78 -49.13 -14.35 -22.28
N LYS E 79 -49.30 -13.38 -23.17
CA LYS E 79 -49.64 -12.11 -22.63
C LYS E 79 -51.04 -12.12 -22.06
N GLY E 80 -51.92 -12.98 -22.57
CA GLY E 80 -53.21 -13.11 -21.90
C GLY E 80 -54.34 -13.70 -22.71
N ALA E 81 -54.25 -13.51 -24.02
CA ALA E 81 -55.16 -14.16 -24.94
C ALA E 81 -55.71 -15.53 -24.48
N ASP E 82 -56.89 -15.86 -24.98
CA ASP E 82 -57.45 -17.18 -24.74
C ASP E 82 -57.32 -18.20 -25.84
N ARG E 83 -57.30 -17.65 -27.05
CA ARG E 83 -57.10 -18.43 -28.24
C ARG E 83 -56.40 -17.64 -29.29
N ALA E 84 -55.94 -18.38 -30.24
CA ALA E 84 -55.08 -17.83 -31.22
C ALA E 84 -55.42 -18.49 -32.56
N VAL E 85 -55.60 -17.66 -33.57
CA VAL E 85 -55.95 -18.10 -34.89
C VAL E 85 -55.12 -17.33 -35.85
N ARG E 86 -54.60 -18.08 -36.80
CA ARG E 86 -53.80 -17.60 -37.90
C ARG E 86 -54.45 -18.00 -39.20
N VAL E 87 -54.55 -17.12 -40.17
CA VAL E 87 -55.35 -17.41 -41.35
C VAL E 87 -54.34 -17.41 -42.40
N TRP E 88 -54.41 -18.37 -43.31
CA TRP E 88 -53.42 -18.41 -44.41
C TRP E 88 -53.71 -19.31 -45.68
N ASP E 89 -53.06 -18.95 -46.75
CA ASP E 89 -52.92 -19.75 -47.92
C ASP E 89 -51.84 -18.82 -48.61
N ASP E 90 -50.96 -19.45 -49.42
CA ASP E 90 -49.75 -18.77 -50.01
C ASP E 90 -50.11 -17.69 -51.01
N ALA E 91 -51.24 -17.95 -51.67
CA ALA E 91 -51.88 -17.02 -52.55
C ALA E 91 -52.13 -15.71 -51.81
N ALA E 92 -52.15 -15.77 -50.48
CA ALA E 92 -52.39 -14.61 -49.65
C ALA E 92 -51.17 -13.69 -49.60
N GLU E 93 -50.13 -14.12 -50.34
CA GLU E 93 -48.90 -13.34 -50.51
C GLU E 93 -49.17 -11.94 -51.10
N GLY E 94 -48.76 -10.94 -50.34
CA GLY E 94 -48.74 -9.59 -50.86
C GLY E 94 -50.05 -8.90 -50.70
N SER E 95 -50.87 -9.47 -49.86
CA SER E 95 -52.15 -8.87 -49.63
C SER E 95 -51.82 -7.49 -49.09
N ASP E 96 -52.48 -6.45 -49.60
CA ASP E 96 -52.31 -5.15 -48.96
C ASP E 96 -53.43 -4.93 -47.94
N ALA E 97 -53.29 -3.82 -47.15
CA ALA E 97 -54.11 -3.34 -45.95
C ALA E 97 -55.63 -3.17 -46.09
N ILE E 98 -56.10 -3.25 -47.32
CA ILE E 98 -57.46 -3.50 -47.53
C ILE E 98 -57.67 -4.95 -47.82
N VAL E 99 -56.76 -5.60 -48.54
CA VAL E 99 -57.03 -7.00 -48.74
C VAL E 99 -57.07 -7.62 -47.37
N VAL E 100 -56.18 -7.18 -46.51
CA VAL E 100 -56.17 -7.67 -45.13
C VAL E 100 -57.53 -7.45 -44.41
N GLY E 101 -58.10 -6.28 -44.50
CA GLY E 101 -59.31 -6.09 -43.75
C GLY E 101 -60.30 -7.14 -44.18
N ARG E 102 -60.39 -7.29 -45.46
CA ARG E 102 -61.38 -8.18 -45.91
C ARG E 102 -61.07 -9.67 -45.46
N ILE E 103 -59.84 -10.15 -45.55
CA ILE E 103 -59.63 -11.44 -44.98
C ILE E 103 -59.94 -11.43 -43.47
N LEU E 104 -59.39 -10.57 -42.62
CA LEU E 104 -59.87 -10.52 -41.22
C LEU E 104 -61.32 -10.56 -41.05
N THR E 105 -61.99 -9.74 -41.85
CA THR E 105 -63.42 -9.61 -41.74
C THR E 105 -64.04 -11.00 -41.77
N GLU E 106 -63.60 -11.82 -42.70
CA GLU E 106 -64.29 -13.04 -42.87
C GLU E 106 -63.96 -13.93 -41.76
N VAL E 107 -62.84 -13.73 -41.08
CA VAL E 107 -62.73 -14.55 -39.90
C VAL E 107 -63.63 -13.97 -38.80
N ILE E 108 -63.74 -12.64 -38.83
CA ILE E 108 -64.41 -11.93 -37.73
C ILE E 108 -65.84 -12.41 -37.69
N LYS E 109 -66.43 -12.69 -38.85
CA LYS E 109 -67.82 -13.14 -38.92
C LYS E 109 -67.96 -14.58 -38.47
N LYS E 110 -66.99 -15.42 -38.77
CA LYS E 110 -67.05 -16.78 -38.24
C LYS E 110 -67.10 -16.73 -36.66
N GLU E 111 -66.14 -15.98 -36.10
CA GLU E 111 -66.02 -15.78 -34.68
C GLU E 111 -67.12 -14.90 -34.09
N ALA E 112 -67.74 -14.00 -34.84
CA ALA E 112 -68.78 -13.13 -34.31
C ALA E 112 -68.42 -12.73 -32.90
N PRO E 113 -67.66 -11.70 -32.72
CA PRO E 113 -67.33 -11.20 -31.40
C PRO E 113 -68.22 -10.06 -31.14
N ASP E 114 -67.89 -9.26 -30.15
CA ASP E 114 -68.78 -8.22 -29.72
C ASP E 114 -68.05 -6.94 -29.80
N MET E 115 -66.73 -7.12 -29.91
CA MET E 115 -65.72 -6.05 -30.10
C MET E 115 -64.46 -6.49 -30.90
N VAL E 116 -64.12 -5.69 -31.93
CA VAL E 116 -62.90 -5.83 -32.74
C VAL E 116 -61.89 -4.66 -32.53
N PHE E 117 -60.72 -4.98 -31.93
CA PHE E 117 -59.59 -4.07 -31.68
C PHE E 117 -58.46 -4.34 -32.72
N ALA E 118 -57.91 -3.25 -33.28
CA ALA E 118 -56.85 -3.22 -34.32
C ALA E 118 -55.79 -2.35 -33.81
N GLY E 119 -54.50 -2.60 -33.98
CA GLY E 119 -53.63 -1.45 -33.72
C GLY E 119 -53.93 -0.13 -34.51
N VAL E 120 -53.22 0.94 -34.21
CA VAL E 120 -53.49 2.13 -34.94
C VAL E 120 -52.69 2.14 -36.24
N GLN E 121 -51.46 1.64 -36.19
CA GLN E 121 -50.70 1.37 -37.44
C GLN E 121 -49.60 0.32 -37.25
N SER E 122 -49.03 -0.12 -38.35
CA SER E 122 -47.96 -1.08 -38.14
C SER E 122 -46.63 -0.38 -37.99
N SER E 123 -45.75 -1.07 -37.28
CA SER E 123 -44.46 -0.53 -37.03
C SER E 123 -43.70 -0.77 -38.25
N ASP E 124 -44.19 -1.62 -39.12
CA ASP E 124 -43.45 -1.74 -40.36
C ASP E 124 -43.98 -0.84 -41.55
N GLN E 125 -45.13 -1.09 -42.16
CA GLN E 125 -45.48 -0.27 -43.35
C GLN E 125 -46.29 0.96 -43.03
N ALA E 126 -46.57 1.12 -41.75
CA ALA E 126 -47.40 2.18 -41.30
C ALA E 126 -48.39 2.64 -42.37
N TYR E 127 -49.29 1.76 -42.79
CA TYR E 127 -50.53 2.14 -43.48
C TYR E 127 -51.58 2.89 -42.68
N ALA E 128 -51.81 2.55 -41.40
CA ALA E 128 -52.88 3.10 -40.50
C ALA E 128 -54.26 3.01 -41.16
N SER E 129 -54.52 1.80 -41.70
CA SER E 129 -55.68 1.48 -42.55
C SER E 129 -56.31 0.15 -42.27
N THR E 130 -55.59 -0.82 -41.69
CA THR E 130 -56.14 -2.20 -41.75
C THR E 130 -57.36 -2.32 -40.92
N GLY E 131 -57.38 -1.60 -39.84
CA GLY E 131 -58.51 -1.70 -38.96
C GLY E 131 -59.73 -1.03 -39.51
N ILE E 132 -59.56 0.14 -40.11
CA ILE E 132 -60.72 0.86 -40.58
C ILE E 132 -61.30 0.18 -41.81
N SER E 133 -60.49 -0.71 -42.44
CA SER E 133 -60.94 -1.56 -43.56
C SER E 133 -61.79 -2.59 -43.00
N VAL E 134 -61.29 -3.30 -42.00
CA VAL E 134 -62.13 -4.30 -41.35
C VAL E 134 -63.46 -3.71 -41.03
N ALA E 135 -63.46 -2.41 -40.64
CA ALA E 135 -64.64 -1.63 -40.22
C ALA E 135 -65.59 -1.07 -41.35
N SER E 136 -65.11 -0.76 -42.55
CA SER E 136 -66.07 -0.71 -43.67
C SER E 136 -66.69 -2.09 -44.08
N TYR E 137 -65.79 -3.11 -44.22
CA TYR E 137 -66.20 -4.43 -44.71
C TYR E 137 -67.15 -5.08 -43.79
N LEU E 138 -66.92 -4.94 -42.47
CA LEU E 138 -67.93 -5.21 -41.41
C LEU E 138 -69.14 -4.34 -41.36
N ASN E 139 -69.05 -3.14 -41.88
CA ASN E 139 -70.00 -2.06 -41.66
C ASN E 139 -70.31 -1.78 -40.20
N TRP E 140 -69.27 -1.88 -39.39
CA TRP E 140 -69.39 -1.52 -38.00
C TRP E 140 -69.22 0.02 -37.74
N PRO E 141 -69.70 0.50 -36.54
CA PRO E 141 -69.30 1.79 -35.97
C PRO E 141 -67.83 1.81 -35.58
N HIS E 142 -67.08 2.70 -36.21
CA HIS E 142 -65.67 2.79 -35.88
C HIS E 142 -65.15 4.15 -35.31
N ALA E 143 -64.14 4.01 -34.44
CA ALA E 143 -63.25 5.11 -34.01
C ALA E 143 -61.70 4.76 -34.10
N ALA E 144 -60.92 5.65 -34.78
CA ALA E 144 -59.42 5.55 -34.89
C ALA E 144 -58.65 6.28 -33.76
N VAL E 145 -57.54 5.73 -33.33
CA VAL E 145 -56.67 6.52 -32.48
C VAL E 145 -57.19 6.73 -31.05
N VAL E 146 -57.75 5.67 -30.53
CA VAL E 146 -58.22 5.55 -29.16
C VAL E 146 -57.21 5.43 -28.05
N ALA E 147 -57.21 6.48 -27.23
CA ALA E 147 -56.34 6.60 -26.02
C ALA E 147 -57.02 6.34 -24.70
N ASP E 148 -58.34 6.12 -24.75
CA ASP E 148 -59.08 5.56 -23.59
C ASP E 148 -60.30 4.81 -24.01
N LEU E 149 -60.60 3.80 -23.23
CA LEU E 149 -61.82 3.18 -23.51
C LEU E 149 -62.57 2.92 -22.20
N GLN E 150 -63.85 3.42 -22.09
CA GLN E 150 -64.82 2.92 -21.07
C GLN E 150 -66.02 2.20 -21.76
N TYR E 151 -66.09 0.92 -21.37
CA TYR E 151 -66.90 -0.13 -22.00
C TYR E 151 -67.10 -1.08 -20.89
N LYS E 152 -68.29 -1.58 -20.74
CA LYS E 152 -68.38 -2.85 -20.06
C LYS E 152 -68.83 -3.87 -21.07
N PRO E 153 -68.59 -5.13 -20.74
CA PRO E 153 -69.22 -6.23 -21.47
C PRO E 153 -70.71 -5.97 -21.85
N GLY E 154 -71.03 -6.02 -23.13
CA GLY E 154 -72.40 -6.22 -23.51
C GLY E 154 -73.12 -4.94 -23.23
N ASP E 155 -72.38 -3.84 -23.29
CA ASP E 155 -73.05 -2.54 -23.41
C ASP E 155 -73.35 -2.23 -24.86
N ASN E 156 -74.50 -1.63 -25.16
CA ASN E 156 -74.74 -1.19 -26.56
C ASN E 156 -73.82 0.05 -26.93
N LYS E 157 -73.06 0.44 -25.94
CA LYS E 157 -72.66 1.79 -25.95
C LYS E 157 -71.32 1.87 -25.14
N ALA E 158 -70.31 2.51 -25.75
CA ALA E 158 -69.09 2.81 -25.03
C ALA E 158 -68.81 4.28 -25.29
N VAL E 159 -67.75 4.71 -24.56
CA VAL E 159 -67.25 6.09 -24.56
C VAL E 159 -65.70 6.13 -24.77
N ILE E 160 -65.30 6.72 -25.90
CA ILE E 160 -63.89 6.77 -26.21
C ILE E 160 -63.30 8.14 -26.23
N ARG E 161 -62.00 8.14 -26.42
CA ARG E 161 -61.29 9.37 -26.45
C ARG E 161 -60.18 9.40 -27.46
N ARG E 162 -60.44 10.12 -28.54
CA ARG E 162 -59.48 10.33 -29.64
C ARG E 162 -58.36 11.22 -29.24
N GLU E 163 -57.10 10.76 -29.39
CA GLU E 163 -55.89 11.60 -29.21
C GLU E 163 -55.53 12.38 -30.51
N LEU E 164 -55.95 13.65 -30.57
CA LEU E 164 -55.83 14.55 -31.77
C LEU E 164 -54.40 15.06 -32.01
N GLU E 165 -54.11 15.80 -33.09
CA GLU E 165 -52.70 16.38 -33.16
C GLU E 165 -52.36 17.45 -32.00
N GLY E 166 -51.11 17.43 -31.54
CA GLY E 166 -50.76 18.20 -30.37
C GLY E 166 -51.16 17.61 -29.02
N GLY E 167 -52.00 16.59 -28.98
CA GLY E 167 -52.16 15.88 -27.71
C GLY E 167 -53.50 16.00 -26.98
N MET E 168 -54.20 17.05 -27.44
CA MET E 168 -55.61 17.34 -27.17
C MET E 168 -56.53 16.10 -27.39
N LEU E 169 -57.37 15.83 -26.39
CA LEU E 169 -58.29 14.68 -26.53
C LEU E 169 -59.67 14.99 -27.09
N GLN E 170 -60.32 14.03 -27.72
CA GLN E 170 -61.73 14.24 -27.87
C GLN E 170 -62.51 13.03 -27.37
N GLU E 171 -63.50 13.25 -26.51
CA GLU E 171 -64.38 12.13 -26.11
C GLU E 171 -65.51 11.94 -27.12
N VAL E 172 -65.77 10.64 -27.43
CA VAL E 172 -66.80 10.21 -28.40
C VAL E 172 -67.49 9.01 -27.78
N GLU E 173 -68.72 8.88 -28.22
CA GLU E 173 -69.59 7.91 -27.64
C GLU E 173 -69.92 7.20 -28.86
N ILE E 174 -69.79 5.87 -28.77
CA ILE E 174 -69.83 5.03 -29.95
C ILE E 174 -70.73 3.82 -29.64
N ASN E 175 -71.51 3.53 -30.67
CA ASN E 175 -72.45 2.44 -30.70
C ASN E 175 -71.64 1.13 -30.77
N CYS E 176 -72.02 0.13 -30.00
CA CYS E 176 -71.31 -1.12 -30.00
C CYS E 176 -72.18 -2.17 -30.53
N PRO E 177 -71.65 -3.23 -31.15
CA PRO E 177 -70.19 -3.61 -31.21
C PRO E 177 -69.37 -2.65 -32.15
N ALA E 178 -68.11 -2.33 -31.83
CA ALA E 178 -67.39 -1.39 -32.70
C ALA E 178 -65.91 -1.77 -32.87
N VAL E 179 -65.37 -1.59 -34.11
CA VAL E 179 -63.93 -1.77 -34.44
C VAL E 179 -63.22 -0.48 -34.14
N LEU E 180 -62.27 -0.55 -33.21
CA LEU E 180 -61.51 0.62 -32.74
C LEU E 180 -60.05 0.38 -32.92
N THR E 181 -59.34 1.38 -33.44
CA THR E 181 -57.85 1.29 -33.51
C THR E 181 -57.07 1.89 -32.31
N ILE E 182 -56.41 1.08 -31.52
CA ILE E 182 -55.85 1.48 -30.24
C ILE E 182 -54.54 2.18 -30.43
N GLN E 183 -54.22 3.10 -29.50
CA GLN E 183 -53.11 4.05 -29.63
C GLN E 183 -52.27 3.92 -28.37
N LEU E 184 -50.95 4.13 -28.60
CA LEU E 184 -49.90 3.89 -27.62
C LEU E 184 -49.98 4.75 -26.40
N GLY E 185 -49.61 4.13 -25.30
CA GLY E 185 -49.72 4.73 -24.00
C GLY E 185 -51.13 4.54 -23.50
N ILE E 186 -51.91 3.66 -24.12
CA ILE E 186 -53.28 3.57 -23.63
C ILE E 186 -53.25 2.91 -22.32
N ASN E 187 -52.38 1.95 -22.16
CA ASN E 187 -52.35 1.30 -20.89
C ASN E 187 -50.94 1.02 -20.61
N LYS E 188 -50.67 0.20 -19.61
CA LYS E 188 -49.33 -0.33 -19.43
C LYS E 188 -49.18 -1.91 -19.63
N PRO E 189 -49.00 -2.32 -20.88
CA PRO E 189 -49.12 -3.71 -21.29
C PRO E 189 -48.32 -4.68 -20.45
N ARG E 190 -48.78 -5.91 -20.29
CA ARG E 190 -48.11 -6.76 -19.34
C ARG E 190 -46.80 -7.43 -19.88
N TYR E 191 -46.04 -8.12 -19.00
CA TYR E 191 -45.05 -9.05 -19.51
C TYR E 191 -45.33 -10.42 -18.99
N ALA E 192 -44.81 -11.40 -19.74
CA ALA E 192 -45.09 -12.80 -19.52
C ALA E 192 -44.08 -13.34 -18.66
N SER E 193 -44.50 -14.02 -17.60
CA SER E 193 -43.63 -14.90 -16.84
C SER E 193 -43.14 -16.16 -17.63
N LEU E 194 -41.96 -16.68 -17.22
CA LEU E 194 -41.32 -17.89 -17.77
C LEU E 194 -42.30 -19.03 -17.84
N ARG E 195 -42.93 -19.29 -16.68
CA ARG E 195 -44.04 -20.24 -16.45
C ARG E 195 -45.26 -19.83 -17.22
N GLY E 196 -45.34 -18.56 -17.49
CA GLY E 196 -46.36 -18.14 -18.37
C GLY E 196 -45.98 -18.54 -19.78
N ILE E 197 -44.71 -18.37 -20.15
CA ILE E 197 -44.46 -18.51 -21.57
C ILE E 197 -44.58 -19.97 -21.85
N LYS E 198 -44.18 -20.75 -20.87
CA LYS E 198 -44.16 -22.17 -20.99
C LYS E 198 -45.60 -22.80 -21.14
N GLN E 199 -46.62 -22.41 -20.36
CA GLN E 199 -48.04 -22.86 -20.61
C GLN E 199 -48.76 -22.44 -21.87
N ALA E 200 -48.17 -21.46 -22.57
CA ALA E 200 -48.66 -20.89 -23.83
C ALA E 200 -48.08 -21.66 -24.95
N ALA E 201 -47.01 -22.37 -24.63
CA ALA E 201 -46.44 -23.27 -25.59
C ALA E 201 -47.47 -24.32 -25.83
N THR E 202 -48.08 -24.80 -24.73
CA THR E 202 -48.89 -26.01 -24.80
C THR E 202 -50.18 -25.79 -25.49
N LYS E 203 -50.54 -24.55 -25.65
CA LYS E 203 -51.74 -24.24 -26.38
C LYS E 203 -51.72 -24.30 -27.94
N PRO E 204 -52.78 -24.91 -28.47
CA PRO E 204 -53.12 -24.88 -29.89
C PRO E 204 -53.19 -23.57 -30.58
N ILE E 205 -52.40 -23.28 -31.60
CA ILE E 205 -52.83 -22.21 -32.50
C ILE E 205 -53.77 -22.88 -33.47
N GLU E 206 -54.97 -22.33 -33.69
CA GLU E 206 -55.92 -22.91 -34.67
C GLU E 206 -55.52 -22.30 -36.03
N GLU E 207 -55.61 -23.13 -37.08
CA GLU E 207 -55.31 -22.73 -38.46
C GLU E 207 -56.60 -22.54 -39.22
N VAL E 208 -56.60 -21.60 -40.12
CA VAL E 208 -57.84 -21.28 -40.74
C VAL E 208 -57.39 -21.02 -42.13
N SER E 209 -58.18 -21.64 -43.01
CA SER E 209 -57.94 -21.74 -44.44
C SER E 209 -58.86 -20.77 -45.18
N LEU E 210 -58.44 -20.28 -46.36
CA LEU E 210 -59.31 -19.43 -47.17
C LEU E 210 -60.61 -20.10 -47.55
N ALA E 211 -60.59 -21.36 -47.83
CA ALA E 211 -61.87 -21.95 -47.97
C ALA E 211 -62.72 -21.93 -46.67
N ASP E 212 -62.13 -21.98 -45.51
CA ASP E 212 -62.97 -21.98 -44.32
C ASP E 212 -63.70 -20.62 -44.10
N ILE E 213 -63.25 -19.56 -44.76
CA ILE E 213 -63.83 -18.23 -44.56
C ILE E 213 -64.30 -17.72 -45.90
N GLY E 214 -64.49 -18.71 -46.72
CA GLY E 214 -65.37 -18.60 -47.83
C GLY E 214 -64.71 -17.65 -48.70
N LEU E 215 -63.38 -17.66 -48.75
CA LEU E 215 -62.61 -17.00 -49.84
C LEU E 215 -61.78 -18.01 -50.68
N SER E 216 -61.19 -17.50 -51.78
CA SER E 216 -60.30 -18.25 -52.73
C SER E 216 -58.98 -17.55 -53.13
N ALA E 217 -58.09 -18.31 -53.77
CA ALA E 217 -57.03 -17.71 -54.56
C ALA E 217 -57.36 -16.31 -55.20
N ASN E 218 -58.48 -16.22 -55.95
CA ASN E 218 -58.85 -14.94 -56.65
C ASN E 218 -59.27 -13.72 -55.74
N ASP E 219 -59.34 -13.95 -54.45
CA ASP E 219 -59.97 -12.92 -53.69
C ASP E 219 -58.86 -12.07 -53.10
N VAL E 220 -57.65 -12.65 -52.92
CA VAL E 220 -56.56 -11.99 -52.15
C VAL E 220 -55.25 -11.69 -52.92
N GLY E 221 -54.12 -11.70 -52.18
CA GLY E 221 -52.82 -11.32 -52.71
C GLY E 221 -52.74 -10.10 -53.67
N ALA E 222 -51.52 -9.58 -53.77
CA ALA E 222 -51.25 -8.30 -54.43
C ALA E 222 -52.15 -8.08 -55.64
N ALA E 223 -52.50 -9.17 -56.31
CA ALA E 223 -53.25 -9.05 -57.55
C ALA E 223 -54.53 -8.14 -57.33
N GLN E 224 -55.10 -8.32 -56.14
CA GLN E 224 -56.34 -7.64 -55.80
C GLN E 224 -56.08 -6.31 -55.07
N SER E 225 -54.78 -5.95 -54.97
CA SER E 225 -54.31 -4.86 -54.13
C SER E 225 -54.70 -3.46 -54.58
N MET E 226 -54.72 -2.51 -53.66
CA MET E 226 -55.19 -1.16 -53.95
C MET E 226 -54.11 -0.16 -54.42
N SER E 227 -52.85 -0.58 -54.31
CA SER E 227 -51.76 0.11 -55.01
C SER E 227 -50.96 -1.00 -55.72
N ARG E 228 -49.96 -0.63 -56.51
CA ARG E 228 -49.00 -1.66 -56.94
C ARG E 228 -47.60 -1.15 -56.60
N VAL E 229 -46.76 -2.10 -56.21
CA VAL E 229 -45.37 -1.76 -55.94
C VAL E 229 -44.62 -1.49 -57.26
N ARG E 230 -44.03 -0.31 -57.31
CA ARG E 230 -43.07 0.02 -58.32
C ARG E 230 -41.68 -0.35 -57.80
N ARG E 231 -41.15 0.44 -56.88
CA ARG E 231 -39.75 0.21 -56.52
C ARG E 231 -39.69 0.52 -55.08
N MET E 232 -38.78 -0.09 -54.35
CA MET E 232 -38.41 0.55 -53.08
C MET E 232 -36.91 0.86 -53.20
N TYR E 233 -36.53 2.06 -52.68
CA TYR E 233 -35.11 2.37 -52.75
C TYR E 233 -34.69 3.05 -51.48
N ILE E 234 -33.46 2.73 -51.01
CA ILE E 234 -32.80 3.47 -49.92
C ILE E 234 -32.59 4.94 -50.33
N PRO E 235 -33.14 5.88 -49.57
CA PRO E 235 -33.25 7.27 -50.11
C PRO E 235 -31.83 7.97 -50.08
N GLU E 236 -31.57 9.10 -50.79
CA GLU E 236 -30.15 9.67 -51.09
C GLU E 236 -28.99 9.93 -50.00
N SER F 1 -59.15 16.98 -65.41
CA SER F 1 -59.71 16.38 -64.12
C SER F 1 -59.70 17.43 -62.98
N LYS F 2 -60.30 16.98 -61.85
CA LYS F 2 -60.51 17.74 -60.61
C LYS F 2 -59.76 17.08 -59.49
N ILE F 3 -59.33 17.91 -58.60
CA ILE F 3 -58.72 17.38 -57.42
C ILE F 3 -59.57 17.95 -56.30
N LEU F 4 -59.96 17.02 -55.42
CA LEU F 4 -60.77 17.33 -54.29
C LEU F 4 -59.85 17.39 -53.10
N VAL F 5 -60.10 18.35 -52.26
CA VAL F 5 -59.30 18.37 -51.11
C VAL F 5 -60.27 18.46 -50.03
N ILE F 6 -59.89 17.93 -48.91
CA ILE F 6 -60.76 17.93 -47.76
C ILE F 6 -60.04 18.68 -46.62
N ALA F 7 -60.64 19.80 -46.18
CA ALA F 7 -60.00 20.68 -45.11
C ALA F 7 -60.25 20.17 -43.74
N GLU F 8 -59.43 20.54 -42.79
CA GLU F 8 -59.83 20.10 -41.48
C GLU F 8 -59.75 21.20 -40.41
N HIS F 9 -60.79 21.24 -39.58
CA HIS F 9 -60.84 22.25 -38.52
C HIS F 9 -61.32 21.61 -37.14
N ARG F 10 -61.14 22.38 -36.07
CA ARG F 10 -61.49 21.89 -34.75
C ARG F 10 -61.60 23.13 -33.85
N ARG F 11 -62.50 23.11 -32.86
CA ARG F 11 -62.69 24.31 -32.01
C ARG F 11 -62.53 25.68 -32.82
N ASN F 12 -63.47 25.87 -33.73
CA ASN F 12 -63.52 27.11 -34.49
C ASN F 12 -62.33 27.42 -35.40
N ASP F 13 -61.36 26.55 -35.56
CA ASP F 13 -60.26 27.10 -36.32
C ASP F 13 -59.89 26.21 -37.50
N LEU F 14 -59.67 26.83 -38.67
CA LEU F 14 -59.02 26.03 -39.69
C LEU F 14 -57.58 25.67 -39.31
N ARG F 15 -57.23 24.44 -39.67
CA ARG F 15 -55.87 23.86 -39.52
C ARG F 15 -54.96 24.16 -40.81
N PRO F 16 -53.76 24.68 -40.53
CA PRO F 16 -52.74 25.07 -41.58
C PRO F 16 -52.46 24.01 -42.73
N VAL F 17 -52.77 22.76 -42.38
CA VAL F 17 -52.42 21.67 -43.25
C VAL F 17 -53.28 21.82 -44.53
N SER F 18 -54.30 22.66 -44.32
CA SER F 18 -55.42 22.71 -45.20
C SER F 18 -54.91 23.46 -46.39
N LEU F 19 -54.04 24.40 -46.11
CA LEU F 19 -53.63 25.24 -47.22
C LEU F 19 -52.57 24.47 -48.07
N GLU F 20 -51.88 23.59 -47.29
CA GLU F 20 -50.74 22.70 -47.69
C GLU F 20 -51.20 21.83 -48.83
N LEU F 21 -52.28 21.15 -48.48
CA LEU F 21 -52.94 20.27 -49.40
C LEU F 21 -53.39 20.98 -50.70
N ILE F 22 -53.93 22.19 -50.56
CA ILE F 22 -54.38 22.94 -51.71
C ILE F 22 -53.09 23.04 -52.54
N GLY F 23 -52.06 23.43 -51.77
CA GLY F 23 -50.74 23.60 -52.31
C GLY F 23 -50.56 22.43 -53.22
N ALA F 24 -50.59 21.25 -52.55
CA ALA F 24 -50.13 19.95 -53.08
C ALA F 24 -50.96 19.52 -54.35
N ALA F 25 -52.26 19.70 -54.25
CA ALA F 25 -53.12 19.40 -55.35
C ALA F 25 -52.68 20.24 -56.50
N ASN F 26 -52.51 21.53 -56.21
CA ASN F 26 -52.26 22.52 -57.28
C ASN F 26 -51.02 22.07 -58.08
N GLY F 27 -49.91 22.12 -57.31
CA GLY F 27 -48.65 21.45 -57.57
C GLY F 27 -48.79 20.19 -58.42
N LEU F 28 -49.79 19.37 -58.10
CA LEU F 28 -49.87 18.10 -58.82
C LEU F 28 -50.61 18.09 -60.26
N LYS F 29 -51.46 19.12 -60.44
CA LYS F 29 -52.49 19.11 -61.50
C LYS F 29 -51.94 19.11 -62.94
N LYS F 30 -52.55 18.30 -63.83
CA LYS F 30 -51.89 18.01 -65.14
C LYS F 30 -52.17 19.06 -66.24
N SER F 31 -53.21 19.84 -66.09
CA SER F 31 -53.24 21.12 -66.87
C SER F 31 -53.81 22.26 -65.98
N GLY F 32 -53.70 23.48 -66.52
CA GLY F 32 -54.25 24.69 -65.91
C GLY F 32 -55.75 24.86 -66.22
N GLU F 33 -56.24 23.95 -67.06
CA GLU F 33 -57.66 23.62 -67.18
C GLU F 33 -58.20 22.83 -65.93
N ASP F 34 -57.44 21.82 -65.48
CA ASP F 34 -57.87 21.04 -64.29
C ASP F 34 -58.20 21.95 -62.98
N LYS F 35 -59.29 21.57 -62.31
CA LYS F 35 -59.90 22.34 -61.19
C LYS F 35 -59.88 21.80 -59.68
N VAL F 36 -59.31 22.66 -58.87
CA VAL F 36 -59.21 22.35 -57.48
C VAL F 36 -60.50 22.65 -56.73
N VAL F 37 -61.29 21.61 -56.45
CA VAL F 37 -62.40 21.81 -55.48
C VAL F 37 -62.00 21.50 -54.02
N VAL F 38 -62.41 22.43 -53.15
CA VAL F 38 -62.23 22.22 -51.72
C VAL F 38 -63.60 22.19 -51.03
N ALA F 39 -63.61 21.49 -49.89
CA ALA F 39 -64.79 21.06 -49.14
C ALA F 39 -64.50 21.09 -47.65
N VAL F 40 -65.42 21.70 -46.97
CA VAL F 40 -65.32 21.86 -45.54
C VAL F 40 -66.63 21.30 -44.96
N ILE F 41 -66.50 20.58 -43.86
CA ILE F 41 -67.63 19.85 -43.29
C ILE F 41 -67.83 20.32 -41.82
N GLY F 42 -69.03 20.75 -41.51
CA GLY F 42 -69.39 20.93 -40.13
C GLY F 42 -70.82 21.42 -40.26
N SER F 43 -71.54 21.48 -39.13
CA SER F 43 -72.81 22.23 -38.90
C SER F 43 -72.66 23.77 -38.92
N GLN F 44 -71.41 24.27 -38.83
CA GLN F 44 -71.12 25.70 -39.09
C GLN F 44 -69.98 25.97 -40.14
N ALA F 45 -69.93 25.12 -41.19
CA ALA F 45 -68.75 24.92 -42.12
C ALA F 45 -68.36 26.11 -43.02
N ASP F 46 -69.40 26.94 -43.25
CA ASP F 46 -69.39 28.39 -43.70
C ASP F 46 -68.30 29.29 -43.07
N ALA F 47 -68.33 29.35 -41.70
CA ALA F 47 -67.38 30.10 -40.86
C ALA F 47 -65.96 29.91 -41.40
N PHE F 48 -65.86 28.99 -42.35
CA PHE F 48 -64.56 28.73 -42.95
C PHE F 48 -64.26 29.50 -44.26
N VAL F 49 -65.36 29.89 -44.94
CA VAL F 49 -65.30 30.33 -46.35
C VAL F 49 -64.20 31.38 -46.66
N PRO F 50 -64.21 32.47 -45.89
CA PRO F 50 -63.15 33.52 -46.04
C PRO F 50 -61.74 32.90 -46.07
N ALA F 51 -61.41 32.02 -45.09
CA ALA F 51 -60.05 31.47 -44.97
C ALA F 51 -59.77 30.56 -46.19
N LEU F 52 -60.83 29.87 -46.67
CA LEU F 52 -60.69 28.86 -47.76
C LEU F 52 -60.92 29.49 -49.13
N SER F 53 -60.91 30.83 -49.07
CA SER F 53 -61.09 31.69 -50.23
C SER F 53 -59.71 32.34 -50.53
N VAL F 54 -58.88 31.42 -51.00
CA VAL F 54 -57.45 31.59 -51.09
C VAL F 54 -56.95 31.01 -52.42
N ASN F 55 -55.67 31.24 -52.71
CA ASN F 55 -55.14 30.97 -54.03
C ASN F 55 -55.02 29.42 -54.35
N GLY F 56 -55.45 29.05 -55.58
CA GLY F 56 -55.65 27.65 -55.97
C GLY F 56 -57.06 27.00 -55.92
N VAL F 57 -57.87 27.38 -54.94
CA VAL F 57 -59.24 26.85 -54.77
C VAL F 57 -60.25 27.31 -55.85
N ASP F 58 -60.76 26.38 -56.66
CA ASP F 58 -61.57 26.77 -57.85
C ASP F 58 -63.06 26.81 -57.48
N GLU F 59 -63.31 26.19 -56.34
CA GLU F 59 -64.65 25.98 -55.86
C GLU F 59 -64.40 25.71 -54.40
N LEU F 60 -65.44 25.96 -53.62
CA LEU F 60 -65.45 25.68 -52.20
C LEU F 60 -66.83 25.19 -51.90
N VAL F 61 -66.86 23.90 -51.58
CA VAL F 61 -68.10 23.20 -51.17
C VAL F 61 -68.27 23.13 -49.65
N VAL F 62 -69.31 23.82 -49.14
CA VAL F 62 -69.65 23.76 -47.71
C VAL F 62 -70.74 22.65 -47.36
N VAL F 63 -70.37 21.77 -46.43
CA VAL F 63 -71.17 20.61 -46.10
C VAL F 63 -71.40 20.82 -44.61
N LYS F 64 -72.66 21.16 -44.30
CA LYS F 64 -73.27 20.98 -42.94
C LYS F 64 -73.78 19.49 -42.57
N GLY F 65 -73.03 18.82 -41.66
CA GLY F 65 -73.52 17.57 -41.06
C GLY F 65 -74.28 17.75 -39.71
N SER F 66 -74.32 16.67 -38.86
CA SER F 66 -74.80 16.64 -37.38
C SER F 66 -73.89 17.41 -36.37
N SER F 67 -72.62 17.00 -36.39
CA SER F 67 -71.64 17.52 -35.44
C SER F 67 -71.14 18.83 -35.91
N ILE F 68 -70.82 19.63 -34.90
CA ILE F 68 -69.88 20.71 -35.12
C ILE F 68 -68.50 20.06 -35.55
N ASP F 69 -67.89 19.34 -34.59
CA ASP F 69 -66.54 18.89 -34.84
C ASP F 69 -66.50 17.46 -35.39
N PHE F 70 -65.37 17.11 -36.08
CA PHE F 70 -65.15 15.82 -36.77
C PHE F 70 -65.91 14.52 -36.25
N ASP F 71 -66.75 14.03 -37.14
CA ASP F 71 -67.33 12.73 -36.95
C ASP F 71 -67.01 11.85 -38.17
N PRO F 72 -66.65 10.56 -37.90
CA PRO F 72 -66.24 9.61 -38.97
C PRO F 72 -67.41 9.10 -39.85
N ASP F 73 -68.57 8.68 -39.31
CA ASP F 73 -69.77 8.30 -40.13
C ASP F 73 -70.03 9.39 -41.14
N VAL F 74 -70.21 10.59 -40.57
CA VAL F 74 -70.51 11.87 -41.28
C VAL F 74 -69.44 12.21 -42.31
N PHE F 75 -68.23 12.37 -41.82
CA PHE F 75 -67.13 12.49 -42.71
C PHE F 75 -67.17 11.52 -43.88
N GLU F 76 -67.12 10.24 -43.52
CA GLU F 76 -67.04 9.21 -44.50
C GLU F 76 -68.09 9.53 -45.58
N ALA F 77 -69.33 9.61 -45.10
CA ALA F 77 -70.46 9.68 -46.00
C ALA F 77 -70.36 10.89 -46.93
N SER F 78 -69.94 12.02 -46.33
CA SER F 78 -69.93 13.35 -46.98
C SER F 78 -68.96 13.38 -48.13
N VAL F 79 -67.76 12.88 -47.85
CA VAL F 79 -66.72 12.73 -48.86
C VAL F 79 -67.19 11.84 -50.06
N SER F 80 -67.81 10.68 -49.72
CA SER F 80 -68.17 9.64 -50.73
C SER F 80 -69.05 10.43 -51.60
N ALA F 81 -69.94 11.09 -50.89
CA ALA F 81 -70.90 11.96 -51.49
C ALA F 81 -70.15 12.94 -52.37
N LEU F 82 -68.93 13.34 -51.98
CA LEU F 82 -68.24 14.45 -52.70
C LEU F 82 -67.41 13.96 -53.78
N ILE F 83 -67.05 12.72 -53.70
CA ILE F 83 -66.27 12.33 -54.85
C ILE F 83 -67.21 11.82 -55.99
N ALA F 84 -68.31 11.18 -55.57
CA ALA F 84 -69.33 10.65 -56.50
C ALA F 84 -69.86 11.79 -57.38
N ALA F 85 -70.28 12.85 -56.72
CA ALA F 85 -70.84 13.98 -57.43
C ALA F 85 -69.73 14.92 -58.10
N HIS F 86 -68.42 14.81 -57.84
CA HIS F 86 -67.47 15.60 -58.71
C HIS F 86 -66.63 14.81 -59.69
N ASN F 87 -66.73 13.45 -59.62
CA ASN F 87 -65.77 12.50 -60.24
C ASN F 87 -64.20 12.93 -60.24
N PRO F 88 -63.51 13.22 -59.06
CA PRO F 88 -62.04 13.53 -59.08
C PRO F 88 -61.14 12.37 -59.61
N SER F 89 -60.16 12.71 -60.43
CA SER F 89 -58.95 11.88 -60.56
C SER F 89 -58.08 11.59 -59.26
N VAL F 90 -58.17 12.45 -58.23
CA VAL F 90 -57.47 12.32 -56.92
C VAL F 90 -58.30 13.14 -55.87
N VAL F 91 -58.20 12.64 -54.63
CA VAL F 91 -58.65 13.38 -53.42
C VAL F 91 -57.58 13.45 -52.29
N LEU F 92 -57.51 14.65 -51.72
CA LEU F 92 -56.56 14.81 -50.68
C LEU F 92 -57.21 15.06 -49.36
N LEU F 93 -56.59 14.43 -48.39
CA LEU F 93 -56.88 14.63 -47.03
C LEU F 93 -55.51 14.85 -46.40
N PRO F 94 -55.60 15.49 -45.25
CA PRO F 94 -54.50 15.44 -44.26
C PRO F 94 -54.31 14.05 -43.57
N HIS F 95 -53.11 13.50 -43.65
CA HIS F 95 -52.83 12.42 -42.75
C HIS F 95 -53.01 12.94 -41.30
N SER F 96 -54.26 12.95 -40.90
CA SER F 96 -54.55 13.45 -39.59
C SER F 96 -55.35 12.42 -38.73
N VAL F 97 -55.55 12.72 -37.43
CA VAL F 97 -56.20 11.84 -36.41
C VAL F 97 -57.68 11.75 -36.80
N ASP F 98 -58.18 12.88 -37.25
CA ASP F 98 -59.51 12.84 -37.85
C ASP F 98 -59.54 11.96 -39.05
N SER F 99 -58.42 11.79 -39.71
CA SER F 99 -58.42 11.17 -41.02
C SER F 99 -58.29 9.66 -40.89
N LEU F 100 -57.29 9.18 -40.14
CA LEU F 100 -57.21 7.72 -39.82
C LEU F 100 -58.64 7.06 -39.67
N GLY F 101 -59.54 7.81 -39.03
CA GLY F 101 -60.87 7.37 -38.63
C GLY F 101 -61.82 7.03 -39.76
N TYR F 102 -61.38 7.24 -41.00
CA TYR F 102 -62.31 7.11 -42.15
C TYR F 102 -61.65 7.17 -43.55
N ALA F 103 -60.45 7.77 -43.64
CA ALA F 103 -59.76 7.71 -44.91
C ALA F 103 -60.09 6.27 -45.35
N SER F 104 -59.59 5.26 -44.58
CA SER F 104 -59.48 3.83 -45.01
C SER F 104 -60.78 3.08 -45.31
N SER F 105 -61.89 3.64 -44.80
CA SER F 105 -63.21 3.05 -45.06
C SER F 105 -63.69 3.44 -46.42
N LEU F 106 -63.36 4.66 -46.76
CA LEU F 106 -63.58 5.12 -48.13
C LEU F 106 -62.88 4.25 -49.22
N ALA F 107 -61.86 3.54 -48.82
CA ALA F 107 -60.96 2.93 -49.76
C ALA F 107 -61.47 1.51 -49.97
N SER F 108 -62.06 1.07 -48.85
CA SER F 108 -62.40 -0.31 -48.55
C SER F 108 -63.58 -0.71 -49.38
N LYS F 109 -64.57 0.18 -49.42
CA LYS F 109 -65.82 -0.04 -50.22
C LYS F 109 -65.70 0.04 -51.79
N THR F 110 -64.66 0.67 -52.32
CA THR F 110 -64.86 1.22 -53.66
C THR F 110 -64.24 0.56 -54.88
N GLY F 111 -63.12 -0.14 -54.77
CA GLY F 111 -61.87 0.36 -54.24
C GLY F 111 -61.25 1.40 -55.20
N TYR F 112 -61.05 2.53 -54.56
CA TYR F 112 -60.13 3.53 -55.09
C TYR F 112 -58.72 3.04 -54.73
N GLY F 113 -57.71 3.55 -55.44
CA GLY F 113 -56.32 3.42 -55.01
C GLY F 113 -56.21 4.18 -53.73
N PHE F 114 -55.37 3.68 -52.85
CA PHE F 114 -55.34 4.39 -51.61
C PHE F 114 -53.97 4.28 -51.19
N ALA F 115 -53.42 5.35 -50.58
CA ALA F 115 -52.15 5.24 -49.82
C ALA F 115 -51.97 6.35 -48.78
N THR F 116 -51.32 6.04 -47.68
CA THR F 116 -51.34 7.08 -46.68
C THR F 116 -49.97 7.53 -46.32
N ASP F 117 -49.93 8.59 -45.49
CA ASP F 117 -48.72 9.24 -45.10
C ASP F 117 -47.70 9.40 -46.26
N VAL F 118 -48.25 9.95 -47.34
CA VAL F 118 -47.52 10.36 -48.56
C VAL F 118 -46.89 11.81 -48.52
N TYR F 119 -45.62 11.74 -48.88
CA TYR F 119 -44.73 12.83 -48.67
C TYR F 119 -43.84 12.92 -50.00
N ILE F 120 -44.18 12.09 -51.00
CA ILE F 120 -43.96 12.51 -52.40
C ILE F 120 -45.14 12.14 -53.28
N VAL F 121 -45.36 12.98 -54.29
CA VAL F 121 -46.39 12.66 -55.29
C VAL F 121 -46.29 13.35 -56.69
N GLU F 122 -46.15 12.48 -57.69
CA GLU F 122 -45.98 12.83 -59.12
C GLU F 122 -46.95 12.26 -60.22
N TYR F 123 -47.20 13.09 -61.22
CA TYR F 123 -47.34 12.50 -62.55
C TYR F 123 -45.99 12.03 -63.25
N GLN F 124 -46.12 10.89 -63.96
CA GLN F 124 -45.16 10.31 -64.97
C GLN F 124 -46.00 9.64 -66.05
N GLY F 125 -46.26 10.54 -67.01
CA GLY F 125 -47.20 10.42 -68.14
C GLY F 125 -48.60 10.77 -67.64
N ASP F 126 -49.52 9.81 -67.66
CA ASP F 126 -50.77 9.92 -66.85
C ASP F 126 -50.73 9.04 -65.62
N GLU F 127 -49.54 8.51 -65.32
CA GLU F 127 -49.42 7.62 -64.17
C GLU F 127 -49.28 8.53 -62.92
N LEU F 128 -50.18 8.40 -61.96
CA LEU F 128 -49.93 9.04 -60.66
C LEU F 128 -48.92 8.25 -59.66
N VAL F 129 -47.86 8.96 -59.24
CA VAL F 129 -46.80 8.34 -58.44
C VAL F 129 -46.70 9.03 -57.00
N ALA F 130 -47.15 8.28 -55.99
CA ALA F 130 -47.00 8.60 -54.54
C ALA F 130 -45.80 7.87 -53.86
N THR F 131 -45.02 8.64 -53.08
CA THR F 131 -44.01 8.07 -52.21
C THR F 131 -44.39 8.04 -50.71
N ARG F 132 -44.09 6.88 -50.13
CA ARG F 132 -44.30 6.56 -48.70
C ARG F 132 -43.03 5.94 -48.06
N GLY F 133 -43.13 5.82 -46.73
CA GLY F 133 -42.06 5.26 -45.92
C GLY F 133 -42.33 3.78 -46.01
N GLY F 134 -41.33 2.97 -45.63
CA GLY F 134 -41.41 1.53 -45.34
C GLY F 134 -40.52 1.27 -44.13
N TYR F 135 -40.73 0.16 -43.46
CA TYR F 135 -39.84 -0.19 -42.36
C TYR F 135 -39.47 0.86 -41.29
N ASN F 136 -40.52 1.51 -40.77
CA ASN F 136 -40.42 2.59 -39.78
C ASN F 136 -39.61 3.67 -40.54
N GLN F 137 -40.05 4.10 -41.73
CA GLN F 137 -39.26 5.11 -42.49
C GLN F 137 -37.77 4.72 -43.03
N LYS F 138 -37.32 3.47 -42.94
CA LYS F 138 -35.90 3.23 -43.32
C LYS F 138 -35.62 2.91 -44.82
N VAL F 139 -36.68 3.00 -45.62
CA VAL F 139 -36.56 3.16 -47.06
C VAL F 139 -37.62 3.99 -47.60
N ASN F 140 -37.53 4.30 -48.87
CA ASN F 140 -38.69 4.89 -49.45
C ASN F 140 -39.43 3.75 -50.17
N VAL F 141 -40.76 3.91 -50.13
CA VAL F 141 -41.63 3.13 -50.97
C VAL F 141 -42.43 3.97 -52.02
N GLU F 142 -42.22 3.61 -53.29
CA GLU F 142 -42.88 4.17 -54.50
C GLU F 142 -43.94 3.30 -55.21
N VAL F 143 -45.15 3.82 -55.22
CA VAL F 143 -46.32 3.08 -55.64
C VAL F 143 -47.19 3.84 -56.58
N ASP F 144 -47.77 3.04 -57.47
CA ASP F 144 -48.79 3.55 -58.36
C ASP F 144 -50.09 2.86 -58.27
N PHE F 145 -50.92 3.36 -59.18
CA PHE F 145 -52.33 3.14 -59.14
C PHE F 145 -52.91 2.62 -60.47
N PRO F 146 -52.43 1.45 -60.98
CA PRO F 146 -53.02 0.79 -62.18
C PRO F 146 -54.60 0.73 -62.30
N GLY F 147 -55.07 1.30 -63.42
CA GLY F 147 -56.47 1.29 -63.81
C GLY F 147 -57.36 2.04 -62.85
N LYS F 148 -56.82 2.58 -61.74
CA LYS F 148 -57.51 3.41 -60.71
C LYS F 148 -58.05 4.86 -61.07
N SER F 149 -59.35 4.93 -61.34
CA SER F 149 -59.92 6.14 -61.87
C SER F 149 -59.98 7.26 -60.84
N THR F 150 -59.88 6.82 -59.60
CA THR F 150 -59.84 7.72 -58.48
C THR F 150 -58.67 7.18 -57.64
N VAL F 151 -57.90 8.11 -57.06
CA VAL F 151 -56.91 7.77 -56.04
C VAL F 151 -57.04 8.67 -54.81
N VAL F 152 -57.28 8.00 -53.69
CA VAL F 152 -57.22 8.65 -52.41
C VAL F 152 -55.85 8.54 -51.78
N LEU F 153 -55.36 9.75 -51.49
CA LEU F 153 -54.21 10.04 -50.65
C LEU F 153 -54.40 10.85 -49.35
N THR F 154 -53.75 10.34 -48.31
CA THR F 154 -53.42 11.09 -47.08
C THR F 154 -51.95 11.58 -47.21
N ILE F 155 -51.76 12.81 -46.77
CA ILE F 155 -50.58 13.55 -47.13
C ILE F 155 -49.93 13.93 -45.82
N ARG F 156 -48.62 13.70 -45.72
CA ARG F 156 -47.85 14.12 -44.53
C ARG F 156 -47.86 15.64 -44.39
N PRO F 157 -48.38 16.14 -43.25
CA PRO F 157 -48.43 17.62 -43.05
C PRO F 157 -46.99 18.24 -42.93
N SER F 158 -46.94 19.52 -43.17
CA SER F 158 -45.66 20.14 -42.99
C SER F 158 -44.71 19.46 -44.01
N VAL F 159 -45.29 18.91 -45.09
CA VAL F 159 -44.50 18.77 -46.35
C VAL F 159 -44.81 20.03 -47.29
N PHE F 160 -46.03 20.04 -47.84
CA PHE F 160 -46.28 20.84 -49.00
C PHE F 160 -46.54 22.26 -48.57
N LYS F 161 -45.68 23.18 -49.13
CA LYS F 161 -45.82 24.72 -49.12
C LYS F 161 -47.04 25.29 -49.89
N PRO F 162 -47.82 26.01 -49.03
CA PRO F 162 -49.11 26.58 -49.44
C PRO F 162 -48.90 27.51 -50.69
N LEU F 163 -50.02 27.90 -51.31
CA LEU F 163 -50.02 29.14 -52.11
C LEU F 163 -50.19 30.43 -51.29
N GLU F 164 -49.55 31.50 -51.83
CA GLU F 164 -49.79 32.88 -51.33
C GLU F 164 -51.08 33.52 -51.95
N GLY F 165 -51.62 34.48 -51.16
CA GLY F 165 -52.79 35.32 -51.48
C GLY F 165 -54.21 34.68 -51.41
N ALA F 166 -55.25 35.54 -51.37
CA ALA F 166 -56.58 35.01 -51.67
C ALA F 166 -56.83 34.60 -53.18
N GLY F 167 -58.14 34.39 -53.44
CA GLY F 167 -58.77 33.66 -54.56
C GLY F 167 -60.33 33.82 -54.55
N SER F 168 -60.96 33.48 -55.71
CA SER F 168 -62.47 33.62 -55.86
C SER F 168 -63.12 32.30 -56.36
N PRO F 169 -63.03 31.32 -55.44
CA PRO F 169 -63.86 30.11 -55.56
C PRO F 169 -65.35 30.47 -55.58
N VAL F 170 -65.91 29.75 -56.58
CA VAL F 170 -67.33 29.30 -56.67
C VAL F 170 -67.78 28.60 -55.40
N VAL F 171 -68.43 29.38 -54.55
CA VAL F 171 -68.86 28.78 -53.34
C VAL F 171 -70.22 28.23 -53.55
N SER F 172 -70.31 26.94 -53.15
CA SER F 172 -71.60 26.28 -52.99
C SER F 172 -71.75 25.58 -51.66
N ASN F 173 -73.04 25.31 -51.45
CA ASN F 173 -73.55 24.69 -50.25
C ASN F 173 -74.17 23.37 -50.72
N VAL F 174 -74.10 22.42 -49.78
CA VAL F 174 -74.78 21.11 -49.85
C VAL F 174 -75.07 20.51 -48.39
N ASP F 175 -76.29 19.95 -48.20
CA ASP F 175 -76.49 19.29 -46.89
C ASP F 175 -75.67 17.93 -46.85
N ALA F 176 -75.02 17.64 -45.70
CA ALA F 176 -74.53 16.28 -45.41
C ALA F 176 -75.79 15.32 -45.29
N PRO F 177 -75.59 14.05 -45.74
CA PRO F 177 -76.65 13.01 -45.69
C PRO F 177 -77.31 12.92 -44.29
N SER F 178 -78.64 13.13 -44.22
CA SER F 178 -79.38 13.06 -42.91
C SER F 178 -79.32 11.60 -42.31
N VAL F 179 -78.10 11.22 -41.80
CA VAL F 179 -77.75 9.89 -41.20
C VAL F 179 -77.08 9.80 -39.80
N GLN F 180 -77.77 9.20 -38.78
CA GLN F 180 -77.29 9.27 -37.34
C GLN F 180 -76.01 8.62 -37.08
N SER F 181 -75.02 9.48 -36.83
CA SER F 181 -73.71 9.06 -36.33
C SER F 181 -73.91 7.89 -35.31
N ARG F 182 -73.02 6.90 -35.36
CA ARG F 182 -73.13 5.89 -34.33
C ARG F 182 -72.16 6.31 -33.23
N SER F 183 -71.69 7.53 -33.42
CA SER F 183 -71.12 8.23 -32.29
C SER F 183 -71.72 9.67 -31.90
N GLN F 184 -71.09 10.23 -30.85
CA GLN F 184 -71.44 11.54 -30.28
C GLN F 184 -70.30 12.41 -29.58
N ASN F 185 -69.69 13.38 -30.26
CA ASN F 185 -68.62 14.11 -29.52
C ASN F 185 -69.16 14.61 -28.17
N LYS F 186 -68.35 14.51 -27.13
CA LYS F 186 -68.64 15.27 -25.92
C LYS F 186 -67.61 16.38 -25.89
N ASP F 187 -67.00 16.60 -24.71
CA ASP F 187 -66.02 17.68 -24.60
C ASP F 187 -64.55 17.30 -25.04
N TYR F 188 -63.83 18.21 -25.71
CA TYR F 188 -62.37 18.15 -25.53
C TYR F 188 -61.85 18.02 -24.05
N VAL F 189 -60.51 17.82 -23.88
CA VAL F 189 -59.92 17.72 -22.50
C VAL F 189 -58.52 18.35 -22.20
N1 FMN G . 3.06 3.70 -18.48
C2 FMN G . 4.42 3.36 -18.38
O2 FMN G . 5.21 4.09 -19.03
N3 FMN G . 4.85 2.25 -17.56
C4 FMN G . 3.97 1.42 -16.83
O4 FMN G . 4.24 0.21 -16.95
C4A FMN G . 2.59 1.81 -16.90
N5 FMN G . 1.60 1.10 -16.21
C5A FMN G . 0.26 1.50 -16.36
C6 FMN G . -0.72 0.78 -15.69
C7 FMN G . -2.04 1.09 -15.81
C7M FMN G . -2.89 -0.15 -15.83
C8 FMN G . -2.38 2.18 -16.62
C8M FMN G . -3.44 1.93 -17.63
C9 FMN G . -1.45 2.92 -17.28
C9A FMN G . -0.14 2.58 -17.17
N10 FMN G . 0.79 3.32 -17.87
C10 FMN G . 2.14 2.95 -17.73
C1' FMN G . 0.45 4.37 -18.86
C2' FMN G . -0.07 3.87 -20.19
O2' FMN G . 0.99 3.39 -20.96
C3' FMN G . -0.58 5.08 -20.95
O3' FMN G . 0.61 5.85 -21.07
C4' FMN G . -1.77 5.84 -20.24
O4' FMN G . -2.52 4.87 -19.60
C5' FMN G . -2.88 6.51 -21.05
O5' FMN G . -3.23 5.58 -22.08
P FMN G . -4.74 5.36 -22.47
O1P FMN G . -5.03 4.17 -21.56
O2P FMN G . -5.56 6.61 -22.17
O3P FMN G . -4.74 4.90 -23.96
PB ADP H . -25.52 -3.23 -8.22
O1B ADP H . -24.50 -2.15 -7.94
O2B ADP H . -25.19 -4.56 -7.52
O3B ADP H . -25.74 -3.31 -9.67
PA ADP H . -27.70 -1.59 -7.99
O1A ADP H . -27.98 -0.86 -6.75
O2A ADP H . -27.20 -0.75 -9.21
O3A ADP H . -26.95 -2.93 -7.65
O5' ADP H . -28.91 -2.47 -8.48
C5' ADP H . -29.93 -2.88 -7.64
C4' ADP H . -31.10 -2.77 -8.59
O4' ADP H . -32.08 -3.58 -8.04
C3' ADP H . -31.72 -1.37 -8.67
O3' ADP H . -31.75 -0.81 -9.96
C2' ADP H . -33.17 -1.63 -8.40
O2' ADP H . -33.68 -1.66 -9.68
C1' ADP H . -33.34 -3.09 -8.38
N9 ADP H . -34.30 -3.66 -7.43
C8 ADP H . -34.15 -3.66 -6.08
N7 ADP H . -35.17 -4.34 -5.51
C5 ADP H . -35.92 -4.80 -6.51
C6 ADP H . -37.05 -5.53 -6.41
N6 ADP H . -37.45 -5.79 -5.18
N1 ADP H . -37.70 -5.90 -7.57
C2 ADP H . -37.18 -5.47 -8.80
N3 ADP H . -36.02 -4.72 -8.91
C4 ADP H . -35.41 -4.39 -7.74
FE1 SF4 I . -11.03 1.69 -18.42
FE2 SF4 I . -9.68 1.09 -16.56
FE3 SF4 I . -11.35 -0.36 -17.11
FE4 SF4 I . -11.98 1.95 -16.03
S1 SF4 I . -11.00 0.25 -14.98
S2 SF4 I . -13.09 1.08 -17.73
S3 SF4 I . -10.37 3.24 -16.92
S4 SF4 I . -9.58 -0.09 -18.49
N1 FMN J . 0.47 -12.09 15.13
C2 FMN J . -0.53 -12.95 14.68
O2 FMN J . -1.32 -13.54 15.43
N3 FMN J . -0.64 -13.13 13.33
C4 FMN J . 0.21 -12.50 12.42
O4 FMN J . 0.40 -13.25 11.44
C4A FMN J . 1.21 -11.58 12.87
N5 FMN J . 2.07 -10.91 12.00
C5A FMN J . 3.05 -10.07 12.48
C6 FMN J . 3.96 -9.42 11.64
C7 FMN J . 4.98 -8.55 12.14
C7M FMN J . 6.38 -8.54 11.56
C8 FMN J . 4.98 -8.39 13.51
C8M FMN J . 6.33 -8.18 14.08
C9 FMN J . 4.10 -9.05 14.34
C9A FMN J . 3.13 -9.90 13.85
N10 FMN J . 2.32 -10.56 14.75
C10 FMN J . 1.33 -11.40 14.25
C1' FMN J . 2.32 -10.11 16.21
C2' FMN J . 3.15 -10.96 17.19
O2' FMN J . 2.71 -12.30 17.15
C3' FMN J . 3.10 -10.30 18.64
O3' FMN J . 1.82 -10.38 19.26
C4' FMN J . 3.49 -8.80 18.85
O4' FMN J . 4.64 -8.50 18.10
C5' FMN J . 3.78 -8.37 20.29
O5' FMN J . 4.78 -9.14 20.97
P FMN J . 6.44 -8.97 21.02
O1P FMN J . 7.07 -9.11 19.63
O2P FMN J . 6.79 -7.75 21.76
O3P FMN J . 7.18 -10.09 21.72
PB ADP K . 25.45 5.73 9.07
O1B ADP K . 24.05 5.88 9.63
O2B ADP K . 25.21 5.24 7.65
O3B ADP K . 26.43 4.91 9.83
PA ADP K . 25.96 7.89 10.44
O1A ADP K . 25.17 9.10 10.12
O2A ADP K . 25.23 7.18 11.62
O3A ADP K . 25.99 7.19 9.01
O5' ADP K . 27.54 8.00 10.84
C5' ADP K . 28.67 8.54 10.18
C4' ADP K . 29.82 8.53 11.18
O4' ADP K . 30.82 9.04 10.42
C3' ADP K . 29.65 9.60 12.26
O3' ADP K . 29.90 9.17 13.58
C2' ADP K . 30.63 10.72 12.00
O2' ADP K . 31.27 11.07 13.18
C1' ADP K . 31.59 9.98 11.14
N9 ADP K . 32.42 10.71 10.13
C8 ADP K . 32.10 11.48 9.04
N7 ADP K . 33.23 11.79 8.36
C5 ADP K . 34.27 11.18 8.98
C6 ADP K . 35.62 11.17 8.72
N6 ADP K . 36.12 12.20 8.07
N1 ADP K . 36.42 10.44 9.57
C2 ADP K . 35.93 9.75 10.66
N3 ADP K . 34.58 9.79 10.89
C4 ADP K . 33.76 10.51 10.08
FE1 SF4 L . 13.22 -3.27 15.22
FE2 SF4 L . 11.60 -5.15 14.66
FE3 SF4 L . 12.99 -5.44 16.73
FE4 SF4 L . 13.79 -5.60 14.43
S1 SF4 L . 12.47 -7.06 15.34
S2 SF4 L . 14.88 -4.49 16.11
S3 SF4 L . 12.83 -4.03 13.11
S4 SF4 L . 11.50 -3.82 16.44
P AMP M . 52.43 -1.18 39.29
O1P AMP M . 52.79 -2.64 39.02
O2P AMP M . 53.28 -0.64 40.39
O3P AMP M . 50.98 -1.16 39.64
O5' AMP M . 52.56 -0.65 37.78
C5' AMP M . 53.00 0.63 37.44
C4' AMP M . 53.95 0.62 36.27
O4' AMP M . 54.91 -0.21 36.77
C3' AMP M . 53.58 -0.09 34.97
O3' AMP M . 53.18 0.74 33.98
C2' AMP M . 54.91 -0.12 34.39
O2' AMP M . 55.20 1.25 34.22
C1' AMP M . 55.62 -0.55 35.62
N9 AMP M . 55.94 -1.96 35.66
C8 AMP M . 55.48 -2.94 36.54
N7 AMP M . 56.13 -4.09 36.24
C5 AMP M . 56.97 -3.81 35.19
C6 AMP M . 57.85 -4.59 34.46
N6 AMP M . 57.90 -5.86 34.87
N1 AMP M . 58.61 -4.05 33.39
C2 AMP M . 58.50 -2.69 33.06
N3 AMP M . 57.62 -1.88 33.75
C4 AMP M . 56.88 -2.46 34.79
P AMP N . -51.29 -1.04 -40.72
O1P AMP N . -50.86 -2.09 -41.84
O2P AMP N . -52.67 -0.42 -40.84
O3P AMP N . -50.12 -0.02 -40.51
O5' AMP N . -51.46 -1.67 -39.21
C5' AMP N . -52.57 -1.37 -38.42
C4' AMP N . -53.07 -2.58 -37.60
O4' AMP N . -53.86 -3.33 -38.47
C3' AMP N . -52.16 -3.60 -36.85
O3' AMP N . -51.92 -3.41 -35.48
C2' AMP N . -53.05 -4.78 -36.72
O2' AMP N . -54.08 -4.56 -35.79
C1' AMP N . -53.77 -4.63 -37.98
N9 AMP N . -53.07 -5.39 -38.98
C8 AMP N . -52.34 -4.97 -40.09
N7 AMP N . -52.02 -6.09 -40.80
C5 AMP N . -52.55 -7.21 -40.13
C6 AMP N . -52.60 -8.65 -40.32
N6 AMP N . -51.98 -9.14 -41.39
N1 AMP N . -53.27 -9.54 -39.42
C2 AMP N . -53.93 -9.06 -38.30
N3 AMP N . -53.88 -7.68 -38.09
C4 AMP N . -53.22 -6.77 -38.96
#